data_4UDE
# 
_entry.id   4UDE 
# 
_audit_conform.dict_name       mmcif_pdbx.dic 
_audit_conform.dict_version    5.391 
_audit_conform.dict_location   http://mmcif.pdb.org/dictionaries/ascii/mmcif_pdbx.dic 
# 
loop_
_database_2.database_id 
_database_2.database_code 
_database_2.pdbx_database_accession 
_database_2.pdbx_DOI 
PDB   4UDE         pdb_00004ude 10.2210/pdb4ude/pdb 
PDBE  EBI-62533    ?            ?                   
WWPDB D_1290062533 ?            ?                   
# 
loop_
_pdbx_audit_revision_history.ordinal 
_pdbx_audit_revision_history.data_content_type 
_pdbx_audit_revision_history.major_revision 
_pdbx_audit_revision_history.minor_revision 
_pdbx_audit_revision_history.revision_date 
1 'Structure model' 1 0 2016-03-02 
2 'Structure model' 1 1 2016-03-30 
3 'Structure model' 1 2 2016-05-04 
4 'Structure model' 1 3 2024-05-08 
# 
_pdbx_audit_revision_details.ordinal             1 
_pdbx_audit_revision_details.revision_ordinal    1 
_pdbx_audit_revision_details.data_content_type   'Structure model' 
_pdbx_audit_revision_details.provider            repository 
_pdbx_audit_revision_details.type                'Initial release' 
_pdbx_audit_revision_details.description         ? 
_pdbx_audit_revision_details.details             ? 
# 
loop_
_pdbx_audit_revision_group.ordinal 
_pdbx_audit_revision_group.revision_ordinal 
_pdbx_audit_revision_group.data_content_type 
_pdbx_audit_revision_group.group 
1 2 'Structure model' 'Database references'  
2 2 'Structure model' 'Structure summary'    
3 3 'Structure model' 'Database references'  
4 4 'Structure model' 'Data collection'      
5 4 'Structure model' 'Database references'  
6 4 'Structure model' 'Derived calculations' 
7 4 'Structure model' Other                  
# 
loop_
_pdbx_audit_revision_category.ordinal 
_pdbx_audit_revision_category.revision_ordinal 
_pdbx_audit_revision_category.data_content_type 
_pdbx_audit_revision_category.category 
1 4 'Structure model' chem_comp_atom       
2 4 'Structure model' chem_comp_bond       
3 4 'Structure model' database_2           
4 4 'Structure model' pdbx_database_status 
5 4 'Structure model' struct_site          
# 
loop_
_pdbx_audit_revision_item.ordinal 
_pdbx_audit_revision_item.revision_ordinal 
_pdbx_audit_revision_item.data_content_type 
_pdbx_audit_revision_item.item 
1 4 'Structure model' '_database_2.pdbx_DOI'                 
2 4 'Structure model' '_database_2.pdbx_database_accession'  
3 4 'Structure model' '_pdbx_database_status.status_code_sf' 
4 4 'Structure model' '_struct_site.pdbx_auth_asym_id'       
5 4 'Structure model' '_struct_site.pdbx_auth_comp_id'       
6 4 'Structure model' '_struct_site.pdbx_auth_seq_id'        
# 
_pdbx_database_status.status_code                     REL 
_pdbx_database_status.entry_id                        4UDE 
_pdbx_database_status.deposit_site                    PDBE 
_pdbx_database_status.process_site                    PDBE 
_pdbx_database_status.SG_entry                        . 
_pdbx_database_status.recvd_initial_deposition_date   2014-12-10 
_pdbx_database_status.pdb_format_compatible           Y 
_pdbx_database_status.status_code_sf                  REL 
_pdbx_database_status.status_code_mr                  ? 
_pdbx_database_status.status_code_cs                  ? 
_pdbx_database_status.methods_development_category    ? 
_pdbx_database_status.status_code_nmr_data            ? 
# 
loop_
_audit_author.name 
_audit_author.pdbx_ordinal 
'Nanao, M.H.' 1 
'Sayou, C.'   2 
'Dumas, R.'   3 
'Parcy, F.'   4 
# 
_citation.id                        primary 
_citation.title                     
'A Sam Oligomerization Domain Shapes the Genomic Binding Landscape of the Leafy Transcription Factor' 
_citation.journal_abbrev            Nat.Commun. 
_citation.journal_volume            7 
_citation.page_first                11222 
_citation.page_last                 ? 
_citation.year                      2016 
_citation.journal_id_ASTM           ? 
_citation.country                   UK 
_citation.journal_id_ISSN           2041-1723 
_citation.journal_id_CSD            ? 
_citation.book_publisher            ? 
_citation.pdbx_database_id_PubMed   27097556 
_citation.pdbx_database_id_DOI      10.1038/NCOMMS11222 
# 
loop_
_citation_author.citation_id 
_citation_author.name 
_citation_author.ordinal 
_citation_author.identifier_ORCID 
primary 'Sayou, C.'          1  ? 
primary 'Nanao, M.H.'        2  ? 
primary 'Jamin, M.'          3  ? 
primary 'Pose, D.'           4  ? 
primary 'Thevenon, E.'       5  ? 
primary 'Gregoire, L.'       6  ? 
primary 'Tichtinsky, G.'     7  ? 
primary 'Denay, G.'          8  ? 
primary 'Ott, F.'            9  ? 
primary 'Peirats Llobet, M.' 10 ? 
primary 'Schmid, M.'         11 ? 
primary 'Dumas, R.'          12 ? 
primary 'Parcy, F.'          13 ? 
# 
loop_
_entity.id 
_entity.type 
_entity.src_method 
_entity.pdbx_description 
_entity.formula_weight 
_entity.pdbx_number_of_molecules 
_entity.pdbx_ec 
_entity.pdbx_mutation 
_entity.pdbx_fragment 
_entity.details 
1 polymer     man 'GINLFY PROTEIN'       12762.703 2   ? ? 'RESIDUES 54-159' ? 
2 non-polymer syn 'TETRAETHYLENE GLYCOL' 194.226   1   ? ? ?                 ? 
3 non-polymer syn GLYCEROL               92.094    2   ? ? ?                 ? 
4 water       nat water                  18.015    102 ? ? ?                 ? 
# 
_entity_name_com.entity_id   1 
_entity_name_com.name        LEAFY 
# 
_entity_poly.entity_id                      1 
_entity_poly.type                           'polypeptide(L)' 
_entity_poly.nstd_linkage                   no 
_entity_poly.nstd_monomer                   no 
_entity_poly.pdbx_seq_one_letter_code       
;GAMARKELSSLEELFRHYGVRYMTLTKMVEMGFTVNTLVNMTEQELDDVIRTLVDIYRVDLLVGEKYGIKSAVRAEKRRL
DELERKKLDLFVDVDGKRKADENALDTLSQ
;
_entity_poly.pdbx_seq_one_letter_code_can   
;GAMARKELSSLEELFRHYGVRYMTLTKMVEMGFTVNTLVNMTEQELDDVIRTLVDIYRVDLLVGEKYGIKSAVRAEKRRL
DELERKKLDLFVDVDGKRKADENALDTLSQ
;
_entity_poly.pdbx_strand_id                 A,B 
_entity_poly.pdbx_target_identifier         ? 
# 
loop_
_pdbx_entity_nonpoly.entity_id 
_pdbx_entity_nonpoly.name 
_pdbx_entity_nonpoly.comp_id 
2 'TETRAETHYLENE GLYCOL' PG4 
3 GLYCEROL               GOL 
4 water                  HOH 
# 
loop_
_entity_poly_seq.entity_id 
_entity_poly_seq.num 
_entity_poly_seq.mon_id 
_entity_poly_seq.hetero 
1 1   GLY n 
1 2   ALA n 
1 3   MET n 
1 4   ALA n 
1 5   ARG n 
1 6   LYS n 
1 7   GLU n 
1 8   LEU n 
1 9   SER n 
1 10  SER n 
1 11  LEU n 
1 12  GLU n 
1 13  GLU n 
1 14  LEU n 
1 15  PHE n 
1 16  ARG n 
1 17  HIS n 
1 18  TYR n 
1 19  GLY n 
1 20  VAL n 
1 21  ARG n 
1 22  TYR n 
1 23  MET n 
1 24  THR n 
1 25  LEU n 
1 26  THR n 
1 27  LYS n 
1 28  MET n 
1 29  VAL n 
1 30  GLU n 
1 31  MET n 
1 32  GLY n 
1 33  PHE n 
1 34  THR n 
1 35  VAL n 
1 36  ASN n 
1 37  THR n 
1 38  LEU n 
1 39  VAL n 
1 40  ASN n 
1 41  MET n 
1 42  THR n 
1 43  GLU n 
1 44  GLN n 
1 45  GLU n 
1 46  LEU n 
1 47  ASP n 
1 48  ASP n 
1 49  VAL n 
1 50  ILE n 
1 51  ARG n 
1 52  THR n 
1 53  LEU n 
1 54  VAL n 
1 55  ASP n 
1 56  ILE n 
1 57  TYR n 
1 58  ARG n 
1 59  VAL n 
1 60  ASP n 
1 61  LEU n 
1 62  LEU n 
1 63  VAL n 
1 64  GLY n 
1 65  GLU n 
1 66  LYS n 
1 67  TYR n 
1 68  GLY n 
1 69  ILE n 
1 70  LYS n 
1 71  SER n 
1 72  ALA n 
1 73  VAL n 
1 74  ARG n 
1 75  ALA n 
1 76  GLU n 
1 77  LYS n 
1 78  ARG n 
1 79  ARG n 
1 80  LEU n 
1 81  ASP n 
1 82  GLU n 
1 83  LEU n 
1 84  GLU n 
1 85  ARG n 
1 86  LYS n 
1 87  LYS n 
1 88  LEU n 
1 89  ASP n 
1 90  LEU n 
1 91  PHE n 
1 92  VAL n 
1 93  ASP n 
1 94  VAL n 
1 95  ASP n 
1 96  GLY n 
1 97  LYS n 
1 98  ARG n 
1 99  LYS n 
1 100 ALA n 
1 101 ASP n 
1 102 GLU n 
1 103 ASN n 
1 104 ALA n 
1 105 LEU n 
1 106 ASP n 
1 107 THR n 
1 108 LEU n 
1 109 SER n 
1 110 GLN n 
# 
_entity_src_gen.entity_id                          1 
_entity_src_gen.pdbx_src_id                        1 
_entity_src_gen.pdbx_alt_source_flag               sample 
_entity_src_gen.pdbx_seq_type                      ? 
_entity_src_gen.pdbx_beg_seq_num                   ? 
_entity_src_gen.pdbx_end_seq_num                   ? 
_entity_src_gen.gene_src_common_name               'MAIDENHAIR TREE' 
_entity_src_gen.gene_src_genus                     ? 
_entity_src_gen.pdbx_gene_src_gene                 ? 
_entity_src_gen.gene_src_species                   ? 
_entity_src_gen.gene_src_strain                    ? 
_entity_src_gen.gene_src_tissue                    ? 
_entity_src_gen.gene_src_tissue_fraction           ? 
_entity_src_gen.gene_src_details                   ? 
_entity_src_gen.pdbx_gene_src_fragment             ? 
_entity_src_gen.pdbx_gene_src_scientific_name      'GINKGO BILOBA' 
_entity_src_gen.pdbx_gene_src_ncbi_taxonomy_id     3311 
_entity_src_gen.pdbx_gene_src_variant              ? 
_entity_src_gen.pdbx_gene_src_cell_line            ? 
_entity_src_gen.pdbx_gene_src_atcc                 ? 
_entity_src_gen.pdbx_gene_src_organ                ? 
_entity_src_gen.pdbx_gene_src_organelle            ? 
_entity_src_gen.pdbx_gene_src_cell                 ? 
_entity_src_gen.pdbx_gene_src_cellular_location    ? 
_entity_src_gen.host_org_common_name               ? 
_entity_src_gen.pdbx_host_org_scientific_name      'ESCHERICHIA COLI' 
_entity_src_gen.pdbx_host_org_ncbi_taxonomy_id     469008 
_entity_src_gen.host_org_genus                     ? 
_entity_src_gen.pdbx_host_org_gene                 ? 
_entity_src_gen.pdbx_host_org_organ                ? 
_entity_src_gen.host_org_species                   ? 
_entity_src_gen.pdbx_host_org_tissue               ? 
_entity_src_gen.pdbx_host_org_tissue_fraction      ? 
_entity_src_gen.pdbx_host_org_strain               'BL21(DE3)' 
_entity_src_gen.pdbx_host_org_variant              ? 
_entity_src_gen.pdbx_host_org_cell_line            ? 
_entity_src_gen.pdbx_host_org_atcc                 ? 
_entity_src_gen.pdbx_host_org_culture_collection   ? 
_entity_src_gen.pdbx_host_org_cell                 ? 
_entity_src_gen.pdbx_host_org_organelle            ? 
_entity_src_gen.pdbx_host_org_cellular_location    ? 
_entity_src_gen.pdbx_host_org_vector_type          ? 
_entity_src_gen.pdbx_host_org_vector               ? 
_entity_src_gen.host_org_details                   ? 
_entity_src_gen.expression_system_id               ? 
_entity_src_gen.plasmid_name                       ? 
_entity_src_gen.plasmid_details                    ? 
_entity_src_gen.pdbx_description                   ? 
# 
loop_
_chem_comp.id 
_chem_comp.type 
_chem_comp.mon_nstd_flag 
_chem_comp.name 
_chem_comp.pdbx_synonyms 
_chem_comp.formula 
_chem_comp.formula_weight 
ALA 'L-peptide linking' y ALANINE                ?                               'C3 H7 N O2'     89.093  
ARG 'L-peptide linking' y ARGININE               ?                               'C6 H15 N4 O2 1' 175.209 
ASN 'L-peptide linking' y ASPARAGINE             ?                               'C4 H8 N2 O3'    132.118 
ASP 'L-peptide linking' y 'ASPARTIC ACID'        ?                               'C4 H7 N O4'     133.103 
GLN 'L-peptide linking' y GLUTAMINE              ?                               'C5 H10 N2 O3'   146.144 
GLU 'L-peptide linking' y 'GLUTAMIC ACID'        ?                               'C5 H9 N O4'     147.129 
GLY 'peptide linking'   y GLYCINE                ?                               'C2 H5 N O2'     75.067  
GOL non-polymer         . GLYCEROL               'GLYCERIN; PROPANE-1,2,3-TRIOL' 'C3 H8 O3'       92.094  
HIS 'L-peptide linking' y HISTIDINE              ?                               'C6 H10 N3 O2 1' 156.162 
HOH non-polymer         . WATER                  ?                               'H2 O'           18.015  
ILE 'L-peptide linking' y ISOLEUCINE             ?                               'C6 H13 N O2'    131.173 
LEU 'L-peptide linking' y LEUCINE                ?                               'C6 H13 N O2'    131.173 
LYS 'L-peptide linking' y LYSINE                 ?                               'C6 H15 N2 O2 1' 147.195 
MET 'L-peptide linking' y METHIONINE             ?                               'C5 H11 N O2 S'  149.211 
PG4 non-polymer         . 'TETRAETHYLENE GLYCOL' ?                               'C8 H18 O5'      194.226 
PHE 'L-peptide linking' y PHENYLALANINE          ?                               'C9 H11 N O2'    165.189 
SER 'L-peptide linking' y SERINE                 ?                               'C3 H7 N O3'     105.093 
THR 'L-peptide linking' y THREONINE              ?                               'C4 H9 N O3'     119.119 
TYR 'L-peptide linking' y TYROSINE               ?                               'C9 H11 N O3'    181.189 
VAL 'L-peptide linking' y VALINE                 ?                               'C5 H11 N O2'    117.146 
# 
loop_
_pdbx_poly_seq_scheme.asym_id 
_pdbx_poly_seq_scheme.entity_id 
_pdbx_poly_seq_scheme.seq_id 
_pdbx_poly_seq_scheme.mon_id 
_pdbx_poly_seq_scheme.ndb_seq_num 
_pdbx_poly_seq_scheme.pdb_seq_num 
_pdbx_poly_seq_scheme.auth_seq_num 
_pdbx_poly_seq_scheme.pdb_mon_id 
_pdbx_poly_seq_scheme.auth_mon_id 
_pdbx_poly_seq_scheme.pdb_strand_id 
_pdbx_poly_seq_scheme.pdb_ins_code 
_pdbx_poly_seq_scheme.hetero 
A 1 1   GLY 1   51  51  GLY GLY A . n 
A 1 2   ALA 2   52  52  ALA ALA A . n 
A 1 3   MET 3   53  53  MET MET A . n 
A 1 4   ALA 4   54  54  ALA ALA A . n 
A 1 5   ARG 5   55  55  ARG ARG A . n 
A 1 6   LYS 6   56  56  LYS LYS A . n 
A 1 7   GLU 7   57  57  GLU GLU A . n 
A 1 8   LEU 8   58  58  LEU LEU A . n 
A 1 9   SER 9   59  59  SER SER A . n 
A 1 10  SER 10  60  60  SER SER A . n 
A 1 11  LEU 11  61  61  LEU LEU A . n 
A 1 12  GLU 12  62  62  GLU GLU A . n 
A 1 13  GLU 13  63  63  GLU GLU A . n 
A 1 14  LEU 14  64  64  LEU LEU A . n 
A 1 15  PHE 15  65  65  PHE PHE A . n 
A 1 16  ARG 16  66  66  ARG ARG A . n 
A 1 17  HIS 17  67  67  HIS HIS A . n 
A 1 18  TYR 18  68  68  TYR TYR A . n 
A 1 19  GLY 19  69  69  GLY GLY A . n 
A 1 20  VAL 20  70  70  VAL VAL A . n 
A 1 21  ARG 21  71  71  ARG ARG A . n 
A 1 22  TYR 22  72  72  TYR TYR A . n 
A 1 23  MET 23  73  73  MET MET A . n 
A 1 24  THR 24  74  74  THR THR A . n 
A 1 25  LEU 25  75  75  LEU LEU A . n 
A 1 26  THR 26  76  76  THR THR A . n 
A 1 27  LYS 27  77  77  LYS LYS A . n 
A 1 28  MET 28  78  78  MET MET A . n 
A 1 29  VAL 29  79  79  VAL VAL A . n 
A 1 30  GLU 30  80  80  GLU GLU A . n 
A 1 31  MET 31  81  81  MET MET A . n 
A 1 32  GLY 32  82  82  GLY GLY A . n 
A 1 33  PHE 33  83  83  PHE PHE A . n 
A 1 34  THR 34  84  84  THR THR A . n 
A 1 35  VAL 35  85  85  VAL VAL A . n 
A 1 36  ASN 36  86  86  ASN ASN A . n 
A 1 37  THR 37  87  87  THR THR A . n 
A 1 38  LEU 38  88  88  LEU LEU A . n 
A 1 39  VAL 39  89  89  VAL VAL A . n 
A 1 40  ASN 40  90  90  ASN ASN A . n 
A 1 41  MET 41  91  91  MET MET A . n 
A 1 42  THR 42  92  92  THR THR A . n 
A 1 43  GLU 43  93  93  GLU GLU A . n 
A 1 44  GLN 44  94  94  GLN GLN A . n 
A 1 45  GLU 45  95  95  GLU GLU A . n 
A 1 46  LEU 46  96  96  LEU LEU A . n 
A 1 47  ASP 47  97  97  ASP ASP A . n 
A 1 48  ASP 48  98  98  ASP ASP A . n 
A 1 49  VAL 49  99  99  VAL VAL A . n 
A 1 50  ILE 50  100 100 ILE ILE A . n 
A 1 51  ARG 51  101 101 ARG ARG A . n 
A 1 52  THR 52  102 102 THR THR A . n 
A 1 53  LEU 53  103 103 LEU LEU A . n 
A 1 54  VAL 54  104 104 VAL VAL A . n 
A 1 55  ASP 55  105 105 ASP ASP A . n 
A 1 56  ILE 56  106 106 ILE ILE A . n 
A 1 57  TYR 57  107 107 TYR TYR A . n 
A 1 58  ARG 58  108 108 ARG ARG A . n 
A 1 59  VAL 59  109 109 VAL VAL A . n 
A 1 60  ASP 60  110 110 ASP ASP A . n 
A 1 61  LEU 61  111 111 LEU LEU A . n 
A 1 62  LEU 62  112 112 LEU LEU A . n 
A 1 63  VAL 63  113 113 VAL VAL A . n 
A 1 64  GLY 64  114 114 GLY GLY A . n 
A 1 65  GLU 65  115 115 GLU GLU A . n 
A 1 66  LYS 66  116 116 LYS LYS A . n 
A 1 67  TYR 67  117 117 TYR TYR A . n 
A 1 68  GLY 68  118 118 GLY GLY A . n 
A 1 69  ILE 69  119 119 ILE ILE A . n 
A 1 70  LYS 70  120 120 LYS LYS A . n 
A 1 71  SER 71  121 121 SER SER A . n 
A 1 72  ALA 72  122 122 ALA ALA A . n 
A 1 73  VAL 73  123 123 VAL VAL A . n 
A 1 74  ARG 74  124 124 ARG ARG A . n 
A 1 75  ALA 75  125 125 ALA ALA A . n 
A 1 76  GLU 76  126 126 GLU GLU A . n 
A 1 77  LYS 77  127 127 LYS LYS A . n 
A 1 78  ARG 78  128 128 ARG ARG A . n 
A 1 79  ARG 79  129 129 ARG ARG A . n 
A 1 80  LEU 80  130 130 LEU LEU A . n 
A 1 81  ASP 81  131 131 ASP ASP A . n 
A 1 82  GLU 82  132 132 GLU GLU A . n 
A 1 83  LEU 83  133 133 LEU LEU A . n 
A 1 84  GLU 84  134 134 GLU GLU A . n 
A 1 85  ARG 85  135 135 ARG ARG A . n 
A 1 86  LYS 86  136 ?   ?   ?   A . n 
A 1 87  LYS 87  137 ?   ?   ?   A . n 
A 1 88  LEU 88  138 ?   ?   ?   A . n 
A 1 89  ASP 89  139 ?   ?   ?   A . n 
A 1 90  LEU 90  140 ?   ?   ?   A . n 
A 1 91  PHE 91  141 ?   ?   ?   A . n 
A 1 92  VAL 92  142 ?   ?   ?   A . n 
A 1 93  ASP 93  143 ?   ?   ?   A . n 
A 1 94  VAL 94  144 ?   ?   ?   A . n 
A 1 95  ASP 95  145 ?   ?   ?   A . n 
A 1 96  GLY 96  146 ?   ?   ?   A . n 
A 1 97  LYS 97  147 ?   ?   ?   A . n 
A 1 98  ARG 98  148 ?   ?   ?   A . n 
A 1 99  LYS 99  149 ?   ?   ?   A . n 
A 1 100 ALA 100 150 ?   ?   ?   A . n 
A 1 101 ASP 101 151 ?   ?   ?   A . n 
A 1 102 GLU 102 152 ?   ?   ?   A . n 
A 1 103 ASN 103 153 ?   ?   ?   A . n 
A 1 104 ALA 104 154 ?   ?   ?   A . n 
A 1 105 LEU 105 155 ?   ?   ?   A . n 
A 1 106 ASP 106 156 ?   ?   ?   A . n 
A 1 107 THR 107 157 ?   ?   ?   A . n 
A 1 108 LEU 108 158 ?   ?   ?   A . n 
A 1 109 SER 109 159 ?   ?   ?   A . n 
A 1 110 GLN 110 160 ?   ?   ?   A . n 
B 1 1   GLY 1   51  ?   ?   ?   B . n 
B 1 2   ALA 2   52  ?   ?   ?   B . n 
B 1 3   MET 3   53  ?   ?   ?   B . n 
B 1 4   ALA 4   54  ?   ?   ?   B . n 
B 1 5   ARG 5   55  ?   ?   ?   B . n 
B 1 6   LYS 6   56  ?   ?   ?   B . n 
B 1 7   GLU 7   57  57  GLU GLU B . n 
B 1 8   LEU 8   58  58  LEU LEU B . n 
B 1 9   SER 9   59  59  SER SER B . n 
B 1 10  SER 10  60  60  SER SER B . n 
B 1 11  LEU 11  61  61  LEU LEU B . n 
B 1 12  GLU 12  62  62  GLU GLU B . n 
B 1 13  GLU 13  63  63  GLU GLU B . n 
B 1 14  LEU 14  64  64  LEU LEU B . n 
B 1 15  PHE 15  65  65  PHE PHE B . n 
B 1 16  ARG 16  66  66  ARG ARG B . n 
B 1 17  HIS 17  67  67  HIS HIS B . n 
B 1 18  TYR 18  68  68  TYR TYR B . n 
B 1 19  GLY 19  69  69  GLY GLY B . n 
B 1 20  VAL 20  70  70  VAL VAL B . n 
B 1 21  ARG 21  71  71  ARG ARG B . n 
B 1 22  TYR 22  72  72  TYR TYR B . n 
B 1 23  MET 23  73  73  MET MET B . n 
B 1 24  THR 24  74  74  THR THR B . n 
B 1 25  LEU 25  75  75  LEU LEU B . n 
B 1 26  THR 26  76  76  THR THR B . n 
B 1 27  LYS 27  77  77  LYS LYS B . n 
B 1 28  MET 28  78  78  MET MET B . n 
B 1 29  VAL 29  79  79  VAL VAL B . n 
B 1 30  GLU 30  80  80  GLU GLU B . n 
B 1 31  MET 31  81  81  MET MET B . n 
B 1 32  GLY 32  82  82  GLY GLY B . n 
B 1 33  PHE 33  83  83  PHE PHE B . n 
B 1 34  THR 34  84  84  THR THR B . n 
B 1 35  VAL 35  85  85  VAL VAL B . n 
B 1 36  ASN 36  86  86  ASN ASN B . n 
B 1 37  THR 37  87  87  THR THR B . n 
B 1 38  LEU 38  88  88  LEU LEU B . n 
B 1 39  VAL 39  89  89  VAL VAL B . n 
B 1 40  ASN 40  90  90  ASN ASN B . n 
B 1 41  MET 41  91  91  MET MET B . n 
B 1 42  THR 42  92  92  THR THR B . n 
B 1 43  GLU 43  93  93  GLU GLU B . n 
B 1 44  GLN 44  94  94  GLN GLN B . n 
B 1 45  GLU 45  95  95  GLU GLU B . n 
B 1 46  LEU 46  96  96  LEU LEU B . n 
B 1 47  ASP 47  97  97  ASP ASP B . n 
B 1 48  ASP 48  98  98  ASP ASP B . n 
B 1 49  VAL 49  99  99  VAL VAL B . n 
B 1 50  ILE 50  100 100 ILE ILE B . n 
B 1 51  ARG 51  101 101 ARG ARG B . n 
B 1 52  THR 52  102 102 THR THR B . n 
B 1 53  LEU 53  103 103 LEU LEU B . n 
B 1 54  VAL 54  104 104 VAL VAL B . n 
B 1 55  ASP 55  105 105 ASP ASP B . n 
B 1 56  ILE 56  106 106 ILE ILE B . n 
B 1 57  TYR 57  107 107 TYR TYR B . n 
B 1 58  ARG 58  108 108 ARG ARG B . n 
B 1 59  VAL 59  109 109 VAL VAL B . n 
B 1 60  ASP 60  110 110 ASP ASP B . n 
B 1 61  LEU 61  111 111 LEU LEU B . n 
B 1 62  LEU 62  112 112 LEU LEU B . n 
B 1 63  VAL 63  113 113 VAL VAL B . n 
B 1 64  GLY 64  114 114 GLY GLY B . n 
B 1 65  GLU 65  115 115 GLU GLU B . n 
B 1 66  LYS 66  116 116 LYS LYS B . n 
B 1 67  TYR 67  117 117 TYR TYR B . n 
B 1 68  GLY 68  118 118 GLY GLY B . n 
B 1 69  ILE 69  119 119 ILE ILE B . n 
B 1 70  LYS 70  120 120 LYS LYS B . n 
B 1 71  SER 71  121 121 SER SER B . n 
B 1 72  ALA 72  122 122 ALA ALA B . n 
B 1 73  VAL 73  123 123 VAL VAL B . n 
B 1 74  ARG 74  124 124 ARG ARG B . n 
B 1 75  ALA 75  125 125 ALA ALA B . n 
B 1 76  GLU 76  126 126 GLU GLU B . n 
B 1 77  LYS 77  127 127 LYS LYS B . n 
B 1 78  ARG 78  128 128 ARG ARG B . n 
B 1 79  ARG 79  129 129 ARG ARG B . n 
B 1 80  LEU 80  130 130 LEU LEU B . n 
B 1 81  ASP 81  131 131 ASP ASP B . n 
B 1 82  GLU 82  132 132 GLU GLU B . n 
B 1 83  LEU 83  133 133 LEU LEU B . n 
B 1 84  GLU 84  134 134 GLU GLU B . n 
B 1 85  ARG 85  135 ?   ?   ?   B . n 
B 1 86  LYS 86  136 ?   ?   ?   B . n 
B 1 87  LYS 87  137 ?   ?   ?   B . n 
B 1 88  LEU 88  138 ?   ?   ?   B . n 
B 1 89  ASP 89  139 ?   ?   ?   B . n 
B 1 90  LEU 90  140 ?   ?   ?   B . n 
B 1 91  PHE 91  141 ?   ?   ?   B . n 
B 1 92  VAL 92  142 ?   ?   ?   B . n 
B 1 93  ASP 93  143 ?   ?   ?   B . n 
B 1 94  VAL 94  144 ?   ?   ?   B . n 
B 1 95  ASP 95  145 ?   ?   ?   B . n 
B 1 96  GLY 96  146 ?   ?   ?   B . n 
B 1 97  LYS 97  147 ?   ?   ?   B . n 
B 1 98  ARG 98  148 ?   ?   ?   B . n 
B 1 99  LYS 99  149 ?   ?   ?   B . n 
B 1 100 ALA 100 150 ?   ?   ?   B . n 
B 1 101 ASP 101 151 ?   ?   ?   B . n 
B 1 102 GLU 102 152 ?   ?   ?   B . n 
B 1 103 ASN 103 153 ?   ?   ?   B . n 
B 1 104 ALA 104 154 ?   ?   ?   B . n 
B 1 105 LEU 105 155 ?   ?   ?   B . n 
B 1 106 ASP 106 156 ?   ?   ?   B . n 
B 1 107 THR 107 157 ?   ?   ?   B . n 
B 1 108 LEU 108 158 ?   ?   ?   B . n 
B 1 109 SER 109 159 ?   ?   ?   B . n 
B 1 110 GLN 110 160 ?   ?   ?   B . n 
# 
loop_
_pdbx_nonpoly_scheme.asym_id 
_pdbx_nonpoly_scheme.entity_id 
_pdbx_nonpoly_scheme.mon_id 
_pdbx_nonpoly_scheme.ndb_seq_num 
_pdbx_nonpoly_scheme.pdb_seq_num 
_pdbx_nonpoly_scheme.auth_seq_num 
_pdbx_nonpoly_scheme.pdb_mon_id 
_pdbx_nonpoly_scheme.auth_mon_id 
_pdbx_nonpoly_scheme.pdb_strand_id 
_pdbx_nonpoly_scheme.pdb_ins_code 
C 2 PG4 1  1135 1135 PG4 PG4 B . 
D 3 GOL 1  1136 1136 GOL GOL B . 
E 3 GOL 1  1137 1137 GOL GOL B . 
F 4 HOH 1  2001 2001 HOH HOH A . 
F 4 HOH 2  2002 2002 HOH HOH A . 
F 4 HOH 3  2003 2003 HOH HOH A . 
F 4 HOH 4  2004 2004 HOH HOH A . 
F 4 HOH 5  2005 2005 HOH HOH A . 
F 4 HOH 6  2006 2006 HOH HOH A . 
F 4 HOH 7  2007 2007 HOH HOH A . 
F 4 HOH 8  2008 2008 HOH HOH A . 
F 4 HOH 9  2009 2009 HOH HOH A . 
F 4 HOH 10 2010 2010 HOH HOH A . 
F 4 HOH 11 2011 2011 HOH HOH A . 
F 4 HOH 12 2012 2012 HOH HOH A . 
F 4 HOH 13 2013 2013 HOH HOH A . 
F 4 HOH 14 2014 2014 HOH HOH A . 
F 4 HOH 15 2015 2015 HOH HOH A . 
F 4 HOH 16 2016 2016 HOH HOH A . 
F 4 HOH 17 2017 2017 HOH HOH A . 
F 4 HOH 18 2018 2018 HOH HOH A . 
F 4 HOH 19 2019 2019 HOH HOH A . 
F 4 HOH 20 2020 2020 HOH HOH A . 
F 4 HOH 21 2021 2021 HOH HOH A . 
F 4 HOH 22 2022 2022 HOH HOH A . 
F 4 HOH 23 2023 2023 HOH HOH A . 
F 4 HOH 24 2024 2024 HOH HOH A . 
F 4 HOH 25 2025 2025 HOH HOH A . 
F 4 HOH 26 2026 2026 HOH HOH A . 
F 4 HOH 27 2027 2027 HOH HOH A . 
F 4 HOH 28 2028 2028 HOH HOH A . 
F 4 HOH 29 2029 2029 HOH HOH A . 
F 4 HOH 30 2030 2030 HOH HOH A . 
F 4 HOH 31 2031 2031 HOH HOH A . 
F 4 HOH 32 2032 2032 HOH HOH A . 
F 4 HOH 33 2033 2033 HOH HOH A . 
F 4 HOH 34 2034 2034 HOH HOH A . 
F 4 HOH 35 2035 2035 HOH HOH A . 
F 4 HOH 36 2036 2036 HOH HOH A . 
F 4 HOH 37 2037 2037 HOH HOH A . 
F 4 HOH 38 2038 2038 HOH HOH A . 
F 4 HOH 39 2039 2039 HOH HOH A . 
F 4 HOH 40 2040 2040 HOH HOH A . 
F 4 HOH 41 2041 2041 HOH HOH A . 
F 4 HOH 42 2042 2042 HOH HOH A . 
F 4 HOH 43 2043 2043 HOH HOH A . 
F 4 HOH 44 2044 2044 HOH HOH A . 
F 4 HOH 45 2045 2045 HOH HOH A . 
F 4 HOH 46 2046 2046 HOH HOH A . 
F 4 HOH 47 2047 2047 HOH HOH A . 
F 4 HOH 48 2048 2048 HOH HOH A . 
F 4 HOH 49 2049 2049 HOH HOH A . 
F 4 HOH 50 2050 2050 HOH HOH A . 
F 4 HOH 51 2051 2051 HOH HOH A . 
F 4 HOH 52 2052 2052 HOH HOH A . 
F 4 HOH 53 2053 2053 HOH HOH A . 
F 4 HOH 54 2054 2054 HOH HOH A . 
F 4 HOH 55 2055 2055 HOH HOH A . 
F 4 HOH 56 2056 2056 HOH HOH A . 
F 4 HOH 57 2057 2057 HOH HOH A . 
F 4 HOH 58 2058 2058 HOH HOH A . 
F 4 HOH 59 2059 2059 HOH HOH A . 
F 4 HOH 60 2060 2060 HOH HOH A . 
F 4 HOH 61 2061 2061 HOH HOH A . 
F 4 HOH 62 2062 2062 HOH HOH A . 
F 4 HOH 63 2063 2063 HOH HOH A . 
F 4 HOH 64 2064 2064 HOH HOH A . 
F 4 HOH 65 2065 2065 HOH HOH A . 
F 4 HOH 66 2066 2066 HOH HOH A . 
F 4 HOH 67 2067 2067 HOH HOH A . 
G 4 HOH 1  2001 2001 HOH HOH B . 
G 4 HOH 2  2002 2002 HOH HOH B . 
G 4 HOH 3  2003 2003 HOH HOH B . 
G 4 HOH 4  2004 2004 HOH HOH B . 
G 4 HOH 5  2005 2005 HOH HOH B . 
G 4 HOH 6  2006 2006 HOH HOH B . 
G 4 HOH 7  2007 2007 HOH HOH B . 
G 4 HOH 8  2008 2008 HOH HOH B . 
G 4 HOH 9  2009 2009 HOH HOH B . 
G 4 HOH 10 2010 2010 HOH HOH B . 
G 4 HOH 11 2011 2011 HOH HOH B . 
G 4 HOH 12 2012 2012 HOH HOH B . 
G 4 HOH 13 2013 2013 HOH HOH B . 
G 4 HOH 14 2014 2014 HOH HOH B . 
G 4 HOH 15 2015 2015 HOH HOH B . 
G 4 HOH 16 2016 2016 HOH HOH B . 
G 4 HOH 17 2017 2017 HOH HOH B . 
G 4 HOH 18 2018 2018 HOH HOH B . 
G 4 HOH 19 2019 2019 HOH HOH B . 
G 4 HOH 20 2020 2020 HOH HOH B . 
G 4 HOH 21 2021 2021 HOH HOH B . 
G 4 HOH 22 2022 2022 HOH HOH B . 
G 4 HOH 23 2023 2023 HOH HOH B . 
G 4 HOH 24 2024 2024 HOH HOH B . 
G 4 HOH 25 2025 2025 HOH HOH B . 
G 4 HOH 26 2026 2026 HOH HOH B . 
G 4 HOH 27 2027 2027 HOH HOH B . 
G 4 HOH 28 2028 2028 HOH HOH B . 
G 4 HOH 29 2029 2029 HOH HOH B . 
G 4 HOH 30 2030 2030 HOH HOH B . 
G 4 HOH 31 2031 2031 HOH HOH B . 
G 4 HOH 32 2032 2032 HOH HOH B . 
G 4 HOH 33 2033 2033 HOH HOH B . 
G 4 HOH 34 2034 2034 HOH HOH B . 
G 4 HOH 35 2035 2035 HOH HOH B . 
# 
loop_
_software.name 
_software.classification 
_software.version 
_software.citation_id 
_software.pdbx_ordinal 
BUSTER refinement       2.8.0 ? 1 
XDS    'data reduction' .     ? 2 
XSCALE 'data scaling'   .     ? 3 
SHELX  phasing          .     ? 4 
# 
_cell.entry_id           4UDE 
_cell.length_a           81.095 
_cell.length_b           81.095 
_cell.length_c           78.493 
_cell.angle_alpha        90.00 
_cell.angle_beta         90.00 
_cell.angle_gamma        120.00 
_cell.Z_PDB              12 
_cell.pdbx_unique_axis   ? 
# 
_symmetry.entry_id                         4UDE 
_symmetry.space_group_name_H-M             'P 65' 
_symmetry.pdbx_full_space_group_name_H-M   ? 
_symmetry.cell_setting                     ? 
_symmetry.Int_Tables_number                170 
# 
_exptl.entry_id          4UDE 
_exptl.method            'X-RAY DIFFRACTION' 
_exptl.crystals_number   1 
# 
_exptl_crystal.id                    1 
_exptl_crystal.density_meas          ? 
_exptl_crystal.density_Matthews      2.92 
_exptl_crystal.density_percent_sol   57.86 
_exptl_crystal.description           NONE 
# 
_exptl_crystal_grow.crystal_id      1 
_exptl_crystal_grow.method          ? 
_exptl_crystal_grow.temp            ? 
_exptl_crystal_grow.temp_details    ? 
_exptl_crystal_grow.pH              ? 
_exptl_crystal_grow.pdbx_pH_range   ? 
_exptl_crystal_grow.pdbx_details    '25 MM TRIS-HCL PH 8.8, 40 MM AMMONIUM SULFATE' 
# 
_diffrn.id                     1 
_diffrn.ambient_temp           100 
_diffrn.ambient_temp_details   ? 
_diffrn.crystal_id             1 
# 
_diffrn_detector.diffrn_id              1 
_diffrn_detector.detector               CCD 
_diffrn_detector.type                   MARRESEARCH 
_diffrn_detector.pdbx_collection_date   2011-05-11 
_diffrn_detector.details                'KB MIRRORS' 
# 
_diffrn_radiation.diffrn_id                        1 
_diffrn_radiation.wavelength_id                    1 
_diffrn_radiation.pdbx_monochromatic_or_laue_m_l   M 
_diffrn_radiation.monochromator                    'SI(111)' 
_diffrn_radiation.pdbx_diffrn_protocol             'SINGLE WAVELENGTH' 
_diffrn_radiation.pdbx_scattering_type             x-ray 
# 
_diffrn_radiation_wavelength.id           1 
_diffrn_radiation_wavelength.wavelength   0.8726 
_diffrn_radiation_wavelength.wt           1.0 
# 
_diffrn_source.diffrn_id                   1 
_diffrn_source.source                      SYNCHROTRON 
_diffrn_source.type                        'ESRF BEAMLINE ID23-2' 
_diffrn_source.pdbx_synchrotron_site       ESRF 
_diffrn_source.pdbx_synchrotron_beamline   ID23-2 
_diffrn_source.pdbx_wavelength             0.8726 
_diffrn_source.pdbx_wavelength_list        ? 
# 
_reflns.pdbx_diffrn_id               1 
_reflns.pdbx_ordinal                 1 
_reflns.entry_id                     4UDE 
_reflns.observed_criterion_sigma_I   -1.0 
_reflns.observed_criterion_sigma_F   ? 
_reflns.d_resolution_low             50.00 
_reflns.d_resolution_high            2.24 
_reflns.number_obs                   14004 
_reflns.number_all                   ? 
_reflns.percent_possible_obs         99.3 
_reflns.pdbx_Rmerge_I_obs            0.07 
_reflns.pdbx_Rsym_value              ? 
_reflns.pdbx_netI_over_sigmaI        15.67 
_reflns.B_iso_Wilson_estimate        44.20 
_reflns.pdbx_redundancy              4.1 
# 
_reflns_shell.pdbx_diffrn_id         1 
_reflns_shell.pdbx_ordinal           1 
_reflns_shell.d_res_high             2.24 
_reflns_shell.d_res_low              2.38 
_reflns_shell.percent_possible_all   99.0 
_reflns_shell.Rmerge_I_obs           0.51 
_reflns_shell.pdbx_Rsym_value        ? 
_reflns_shell.meanI_over_sigI_obs    2.89 
_reflns_shell.pdbx_redundancy        4.0 
# 
_refine.pdbx_refine_id                           'X-RAY DIFFRACTION' 
_refine.entry_id                                 4UDE 
_refine.pdbx_diffrn_id                           1 
_refine.pdbx_TLS_residual_ADP_flag               ? 
_refine.ls_number_reflns_obs                     13917 
_refine.ls_number_reflns_all                     ? 
_refine.pdbx_ls_sigma_I                          ? 
_refine.pdbx_ls_sigma_F                          0.0 
_refine.pdbx_data_cutoff_high_absF               ? 
_refine.pdbx_data_cutoff_low_absF                ? 
_refine.pdbx_data_cutoff_high_rms_absF           ? 
_refine.ls_d_res_low                             52.34 
_refine.ls_d_res_high                            2.25 
_refine.ls_percent_reflns_obs                    ? 
_refine.ls_R_factor_obs                          0.1896 
_refine.ls_R_factor_all                          ? 
_refine.ls_R_factor_R_work                       0.1877 
_refine.ls_R_factor_R_free                       0.2292 
_refine.ls_R_factor_R_free_error                 ? 
_refine.ls_R_factor_R_free_error_details         ? 
_refine.ls_percent_reflns_R_free                 5.09 
_refine.ls_number_reflns_R_free                  709 
_refine.ls_number_parameters                     ? 
_refine.ls_number_restraints                     ? 
_refine.occupancy_min                            ? 
_refine.occupancy_max                            ? 
_refine.correlation_coeff_Fo_to_Fc               0.9456 
_refine.correlation_coeff_Fo_to_Fc_free          0.9257 
_refine.B_iso_mean                               46.76 
_refine.aniso_B[1][1]                            -3.0645 
_refine.aniso_B[2][2]                            -3.0645 
_refine.aniso_B[3][3]                            6.1290 
_refine.aniso_B[1][2]                            0.0000 
_refine.aniso_B[1][3]                            0.0000 
_refine.aniso_B[2][3]                            0.0000 
_refine.solvent_model_details                    ? 
_refine.solvent_model_param_ksol                 ? 
_refine.solvent_model_param_bsol                 ? 
_refine.pdbx_solvent_vdw_probe_radii             ? 
_refine.pdbx_solvent_ion_probe_radii             ? 
_refine.pdbx_solvent_shrinkage_radii             ? 
_refine.pdbx_ls_cross_valid_method               THROUGHOUT 
_refine.details                                  ? 
_refine.pdbx_starting_model                      NONE 
_refine.pdbx_method_to_determine_struct          SAD 
_refine.pdbx_isotropic_thermal_model             ? 
_refine.pdbx_stereochemistry_target_values       ? 
_refine.pdbx_stereochem_target_val_spec_case     ? 
_refine.pdbx_R_Free_selection_details            RANDOM 
_refine.pdbx_overall_ESU_R                       ? 
_refine.pdbx_overall_ESU_R_Free                  ? 
_refine.overall_SU_ML                            ? 
_refine.pdbx_overall_phase_error                 ? 
_refine.overall_SU_B                             ? 
_refine.overall_SU_R_Cruickshank_DPI             ? 
_refine.pdbx_overall_SU_R_free_Cruickshank_DPI   ? 
_refine.pdbx_overall_SU_R_Blow_DPI               ? 
_refine.pdbx_overall_SU_R_free_Blow_DPI          ? 
# 
_refine_analyze.pdbx_refine_id                  'X-RAY DIFFRACTION' 
_refine_analyze.entry_id                        4UDE 
_refine_analyze.Luzzati_coordinate_error_obs    0.262 
_refine_analyze.Luzzati_sigma_a_obs             ? 
_refine_analyze.Luzzati_d_res_low_obs           ? 
_refine_analyze.Luzzati_coordinate_error_free   ? 
_refine_analyze.Luzzati_sigma_a_free            ? 
_refine_analyze.Luzzati_d_res_low_free          ? 
_refine_analyze.number_disordered_residues      ? 
_refine_analyze.occupancy_sum_hydrogen          ? 
_refine_analyze.occupancy_sum_non_hydrogen      ? 
# 
_refine_hist.pdbx_refine_id                   'X-RAY DIFFRACTION' 
_refine_hist.cycle_id                         LAST 
_refine_hist.pdbx_number_atoms_protein        1335 
_refine_hist.pdbx_number_atoms_nucleic_acid   0 
_refine_hist.pdbx_number_atoms_ligand         25 
_refine_hist.number_atoms_solvent             102 
_refine_hist.number_atoms_total               1462 
_refine_hist.d_res_high                       2.25 
_refine_hist.d_res_low                        52.34 
# 
loop_
_refine_ls_restr.type 
_refine_ls_restr.dev_ideal 
_refine_ls_restr.dev_ideal_target 
_refine_ls_restr.weight 
_refine_ls_restr.number 
_refine_ls_restr.pdbx_refine_id 
_refine_ls_restr.pdbx_restraint_function 
t_bond_d                  0.010 ? 2.00  1369 'X-RAY DIFFRACTION' HARMONIC     
t_angle_deg               1.03  ? 2.00  1827 'X-RAY DIFFRACTION' HARMONIC     
t_dihedral_angle_d        ?     ? 2.00  532  'X-RAY DIFFRACTION' SINUSOIDAL   
t_incorr_chiral_ct        ?     ? ?     ?    'X-RAY DIFFRACTION' ?            
t_pseud_angle             ?     ? ?     ?    'X-RAY DIFFRACTION' ?            
t_trig_c_planes           ?     ? 2.00  36   'X-RAY DIFFRACTION' HARMONIC     
t_gen_planes              ?     ? 5.00  191  'X-RAY DIFFRACTION' HARMONIC     
t_it                      ?     ? 20.00 1369 'X-RAY DIFFRACTION' HARMONIC     
t_nbd                     ?     ? ?     ?    'X-RAY DIFFRACTION' ?            
t_omega_torsion           2.59  ? ?     ?    'X-RAY DIFFRACTION' ?            
t_other_torsion           17.89 ? ?     ?    'X-RAY DIFFRACTION' ?            
t_improper_torsion        ?     ? ?     ?    'X-RAY DIFFRACTION' ?            
t_chiral_improper_torsion ?     ? 5.00  172  'X-RAY DIFFRACTION' SEMIHARMONIC 
t_sum_occupancies         ?     ? ?     ?    'X-RAY DIFFRACTION' ?            
t_utility_distance        ?     ? ?     ?    'X-RAY DIFFRACTION' ?            
t_utility_angle           ?     ? ?     ?    'X-RAY DIFFRACTION' ?            
t_utility_torsion         ?     ? ?     ?    'X-RAY DIFFRACTION' ?            
t_ideal_dist_contact      ?     ? 4.00  1609 'X-RAY DIFFRACTION' SEMIHARMONIC 
# 
_refine_ls_shell.pdbx_refine_id                   'X-RAY DIFFRACTION' 
_refine_ls_shell.pdbx_total_number_of_bins_used   7 
_refine_ls_shell.d_res_high                       2.25 
_refine_ls_shell.d_res_low                        2.43 
_refine_ls_shell.number_reflns_R_work             2718 
_refine_ls_shell.R_factor_R_work                  0.2268 
_refine_ls_shell.percent_reflns_obs               ? 
_refine_ls_shell.R_factor_R_free                  0.2823 
_refine_ls_shell.R_factor_R_free_error            ? 
_refine_ls_shell.percent_reflns_R_free            5.33 
_refine_ls_shell.number_reflns_R_free             153 
_refine_ls_shell.number_reflns_all                2871 
_refine_ls_shell.R_factor_all                     0.2298 
# 
_struct_ncs_oper.id             1 
_struct_ncs_oper.code           given 
_struct_ncs_oper.details        ? 
_struct_ncs_oper.matrix[1][1]   0.95924213 
_struct_ncs_oper.matrix[1][2]   0.25788562 
_struct_ncs_oper.matrix[1][3]   0.11063436 
_struct_ncs_oper.matrix[2][1]   -0.28035993 
_struct_ncs_oper.matrix[2][2]   0.86631814 
_struct_ncs_oper.matrix[2][3]   0.41272653 
_struct_ncs_oper.matrix[3][1]   0.00970450 
_struct_ncs_oper.matrix[3][2]   -0.42730903 
_struct_ncs_oper.matrix[3][3]   0.90373974 
_struct_ncs_oper.vector[1]      16.28932 
_struct_ncs_oper.vector[2]      6.09999 
_struct_ncs_oper.vector[3]      -11.35022 
# 
_struct.entry_id                  4UDE 
_struct.title                     'An oligomerization domain confers pioneer properties to the LEAFY master floral regulator' 
_struct.pdbx_model_details        ? 
_struct.pdbx_CASP_flag            ? 
_struct.pdbx_model_type_details   ? 
# 
_struct_keywords.entry_id        4UDE 
_struct_keywords.pdbx_keywords   TRANSCRIPTION 
_struct_keywords.text            'SAM, TRANSCRIPTION, OLIGOMERISATION' 
# 
loop_
_struct_asym.id 
_struct_asym.pdbx_blank_PDB_chainid_flag 
_struct_asym.pdbx_modified 
_struct_asym.entity_id 
_struct_asym.details 
A N N 1 ? 
B N N 1 ? 
C N N 2 ? 
D N N 3 ? 
E N N 3 ? 
F N N 4 ? 
G N N 4 ? 
# 
_struct_ref.id                         1 
_struct_ref.db_name                    UNP 
_struct_ref.db_code                    Q9LLY6_GINBI 
_struct_ref.entity_id                  1 
_struct_ref.pdbx_seq_one_letter_code   ? 
_struct_ref.pdbx_align_begin           ? 
_struct_ref.pdbx_db_accession          Q9LLY6 
_struct_ref.pdbx_db_isoform            ? 
# 
loop_
_struct_ref_seq.align_id 
_struct_ref_seq.ref_id 
_struct_ref_seq.pdbx_PDB_id_code 
_struct_ref_seq.pdbx_strand_id 
_struct_ref_seq.seq_align_beg 
_struct_ref_seq.pdbx_seq_align_beg_ins_code 
_struct_ref_seq.seq_align_end 
_struct_ref_seq.pdbx_seq_align_end_ins_code 
_struct_ref_seq.pdbx_db_accession 
_struct_ref_seq.db_align_beg 
_struct_ref_seq.pdbx_db_align_beg_ins_code 
_struct_ref_seq.db_align_end 
_struct_ref_seq.pdbx_db_align_end_ins_code 
_struct_ref_seq.pdbx_auth_seq_align_beg 
_struct_ref_seq.pdbx_auth_seq_align_end 
1 1 4UDE A 5 ? 110 ? Q9LLY6 54 ? 159 ? 55 160 
2 1 4UDE B 5 ? 110 ? Q9LLY6 54 ? 159 ? 55 160 
# 
loop_
_struct_ref_seq_dif.align_id 
_struct_ref_seq_dif.pdbx_pdb_id_code 
_struct_ref_seq_dif.mon_id 
_struct_ref_seq_dif.pdbx_pdb_strand_id 
_struct_ref_seq_dif.seq_num 
_struct_ref_seq_dif.pdbx_pdb_ins_code 
_struct_ref_seq_dif.pdbx_seq_db_name 
_struct_ref_seq_dif.pdbx_seq_db_accession_code 
_struct_ref_seq_dif.db_mon_id 
_struct_ref_seq_dif.pdbx_seq_db_seq_num 
_struct_ref_seq_dif.details 
_struct_ref_seq_dif.pdbx_auth_seq_num 
_struct_ref_seq_dif.pdbx_ordinal 
1 4UDE GLY A 1 ? UNP Q9LLY6 ? ? 'expression tag' 51 1 
1 4UDE ALA A 2 ? UNP Q9LLY6 ? ? 'expression tag' 52 2 
1 4UDE MET A 3 ? UNP Q9LLY6 ? ? 'expression tag' 53 3 
1 4UDE ALA A 4 ? UNP Q9LLY6 ? ? 'expression tag' 54 4 
2 4UDE GLY B 1 ? UNP Q9LLY6 ? ? 'expression tag' 51 5 
2 4UDE ALA B 2 ? UNP Q9LLY6 ? ? 'expression tag' 52 6 
2 4UDE MET B 3 ? UNP Q9LLY6 ? ? 'expression tag' 53 7 
2 4UDE ALA B 4 ? UNP Q9LLY6 ? ? 'expression tag' 54 8 
# 
loop_
_pdbx_struct_assembly.id 
_pdbx_struct_assembly.details 
_pdbx_struct_assembly.method_details 
_pdbx_struct_assembly.oligomeric_details 
_pdbx_struct_assembly.oligomeric_count 
1 author_and_software_defined_assembly PISA monomeric 1 
2 author_and_software_defined_assembly PISA monomeric 1 
# 
loop_
_pdbx_struct_assembly_gen.assembly_id 
_pdbx_struct_assembly_gen.oper_expression 
_pdbx_struct_assembly_gen.asym_id_list 
1 1 A,F       
2 1 B,C,D,E,G 
# 
_pdbx_struct_oper_list.id                   1 
_pdbx_struct_oper_list.type                 'identity operation' 
_pdbx_struct_oper_list.name                 1_555 
_pdbx_struct_oper_list.symmetry_operation   x,y,z 
_pdbx_struct_oper_list.matrix[1][1]         1.0000000000 
_pdbx_struct_oper_list.matrix[1][2]         0.0000000000 
_pdbx_struct_oper_list.matrix[1][3]         0.0000000000 
_pdbx_struct_oper_list.vector[1]            0.0000000000 
_pdbx_struct_oper_list.matrix[2][1]         0.0000000000 
_pdbx_struct_oper_list.matrix[2][2]         1.0000000000 
_pdbx_struct_oper_list.matrix[2][3]         0.0000000000 
_pdbx_struct_oper_list.vector[2]            0.0000000000 
_pdbx_struct_oper_list.matrix[3][1]         0.0000000000 
_pdbx_struct_oper_list.matrix[3][2]         0.0000000000 
_pdbx_struct_oper_list.matrix[3][3]         1.0000000000 
_pdbx_struct_oper_list.vector[3]            0.0000000000 
# 
_struct_biol.id   1 
# 
loop_
_struct_conf.conf_type_id 
_struct_conf.id 
_struct_conf.pdbx_PDB_helix_id 
_struct_conf.beg_label_comp_id 
_struct_conf.beg_label_asym_id 
_struct_conf.beg_label_seq_id 
_struct_conf.pdbx_beg_PDB_ins_code 
_struct_conf.end_label_comp_id 
_struct_conf.end_label_asym_id 
_struct_conf.end_label_seq_id 
_struct_conf.pdbx_end_PDB_ins_code 
_struct_conf.beg_auth_comp_id 
_struct_conf.beg_auth_asym_id 
_struct_conf.beg_auth_seq_id 
_struct_conf.end_auth_comp_id 
_struct_conf.end_auth_asym_id 
_struct_conf.end_auth_seq_id 
_struct_conf.pdbx_PDB_helix_class 
_struct_conf.details 
_struct_conf.pdbx_PDB_helix_length 
HELX_P HELX_P1  1  GLY A 1  ? ARG A 16 ? GLY A 51  ARG A 66  1 ? 16 
HELX_P HELX_P2  2  ARG A 21 ? MET A 31 ? ARG A 71  MET A 81  1 ? 11 
HELX_P HELX_P3  3  THR A 34 ? ASN A 40 ? THR A 84  ASN A 90  1 ? 7  
HELX_P HELX_P4  4  THR A 42 ? ILE A 56 ? THR A 92  ILE A 106 1 ? 15 
HELX_P HELX_P5  5  LEU A 62 ? GLU A 84 ? LEU A 112 GLU A 134 1 ? 23 
HELX_P HELX_P6  6  GLU B 7  ? ARG B 16 ? GLU B 57  ARG B 66  1 ? 10 
HELX_P HELX_P7  7  ARG B 21 ? MET B 31 ? ARG B 71  MET B 81  1 ? 11 
HELX_P HELX_P8  8  THR B 34 ? ASN B 40 ? THR B 84  ASN B 90  1 ? 7  
HELX_P HELX_P9  9  THR B 42 ? ILE B 56 ? THR B 92  ILE B 106 1 ? 15 
HELX_P HELX_P10 10 LEU B 62 ? GLU B 82 ? LEU B 112 GLU B 132 1 ? 21 
# 
_struct_conf_type.id          HELX_P 
_struct_conf_type.criteria    ? 
_struct_conf_type.reference   ? 
# 
loop_
_struct_site.id 
_struct_site.pdbx_evidence_code 
_struct_site.pdbx_auth_asym_id 
_struct_site.pdbx_auth_comp_id 
_struct_site.pdbx_auth_seq_id 
_struct_site.pdbx_auth_ins_code 
_struct_site.pdbx_num_residues 
_struct_site.details 
AC1 Software B PG4 1135 ? 7 'BINDING SITE FOR RESIDUE PG4 B 1135' 
AC2 Software B GOL 1136 ? 5 'BINDING SITE FOR RESIDUE GOL B 1136' 
AC3 Software B GOL 1137 ? 3 'BINDING SITE FOR RESIDUE GOL B 1137' 
# 
loop_
_struct_site_gen.id 
_struct_site_gen.site_id 
_struct_site_gen.pdbx_num_res 
_struct_site_gen.label_comp_id 
_struct_site_gen.label_asym_id 
_struct_site_gen.label_seq_id 
_struct_site_gen.pdbx_auth_ins_code 
_struct_site_gen.auth_comp_id 
_struct_site_gen.auth_asym_id 
_struct_site_gen.auth_seq_id 
_struct_site_gen.label_atom_id 
_struct_site_gen.label_alt_id 
_struct_site_gen.symmetry 
_struct_site_gen.details 
1  AC1 7 MET A 41 ? MET A 91   . ? 1_555 ? 
2  AC1 7 GLU A 45 ? GLU A 95   . ? 1_555 ? 
3  AC1 7 TYR B 67 ? TYR B 117  . ? 1_555 ? 
4  AC1 7 LYS B 70 ? LYS B 120  . ? 1_555 ? 
5  AC1 7 SER B 71 ? SER B 121  . ? 1_555 ? 
6  AC1 7 ARG B 74 ? ARG B 124  . ? 1_555 ? 
7  AC1 7 GOL D .  ? GOL B 1136 . ? 1_555 ? 
8  AC2 5 GLU A 45 ? GLU A 95   . ? 1_555 ? 
9  AC2 5 ASP A 48 ? ASP A 98   . ? 1_555 ? 
10 AC2 5 TYR B 67 ? TYR B 117  . ? 1_555 ? 
11 AC2 5 PG4 C .  ? PG4 B 1135 . ? 1_555 ? 
12 AC2 5 HOH G .  ? HOH B 2022 . ? 1_555 ? 
13 AC3 3 SER B 10 ? SER B 60   . ? 1_555 ? 
14 AC3 3 GLU B 13 ? GLU B 63   . ? 1_555 ? 
15 AC3 3 GLU B 76 ? GLU B 126  . ? 1_555 ? 
# 
loop_
_pdbx_validate_torsion.id 
_pdbx_validate_torsion.PDB_model_num 
_pdbx_validate_torsion.auth_comp_id 
_pdbx_validate_torsion.auth_asym_id 
_pdbx_validate_torsion.auth_seq_id 
_pdbx_validate_torsion.PDB_ins_code 
_pdbx_validate_torsion.label_alt_id 
_pdbx_validate_torsion.phi 
_pdbx_validate_torsion.psi 
1 1 HIS A 67 ? ? 81.74 7.58  
2 1 HIS B 67 ? ? 81.12 11.28 
# 
_pdbx_entry_details.entry_id                 4UDE 
_pdbx_entry_details.compound_details         ? 
_pdbx_entry_details.source_details           ? 
_pdbx_entry_details.nonpolymer_details       ? 
_pdbx_entry_details.sequence_details         'GENBANK  AF108228.1' 
_pdbx_entry_details.has_ligand_of_interest   ? 
# 
loop_
_pdbx_unobs_or_zero_occ_residues.id 
_pdbx_unobs_or_zero_occ_residues.PDB_model_num 
_pdbx_unobs_or_zero_occ_residues.polymer_flag 
_pdbx_unobs_or_zero_occ_residues.occupancy_flag 
_pdbx_unobs_or_zero_occ_residues.auth_asym_id 
_pdbx_unobs_or_zero_occ_residues.auth_comp_id 
_pdbx_unobs_or_zero_occ_residues.auth_seq_id 
_pdbx_unobs_or_zero_occ_residues.PDB_ins_code 
_pdbx_unobs_or_zero_occ_residues.label_asym_id 
_pdbx_unobs_or_zero_occ_residues.label_comp_id 
_pdbx_unobs_or_zero_occ_residues.label_seq_id 
1  1 Y 1 A LYS 136 ? A LYS 86  
2  1 Y 1 A LYS 137 ? A LYS 87  
3  1 Y 1 A LEU 138 ? A LEU 88  
4  1 Y 1 A ASP 139 ? A ASP 89  
5  1 Y 1 A LEU 140 ? A LEU 90  
6  1 Y 1 A PHE 141 ? A PHE 91  
7  1 Y 1 A VAL 142 ? A VAL 92  
8  1 Y 1 A ASP 143 ? A ASP 93  
9  1 Y 1 A VAL 144 ? A VAL 94  
10 1 Y 1 A ASP 145 ? A ASP 95  
11 1 Y 1 A GLY 146 ? A GLY 96  
12 1 Y 1 A LYS 147 ? A LYS 97  
13 1 Y 1 A ARG 148 ? A ARG 98  
14 1 Y 1 A LYS 149 ? A LYS 99  
15 1 Y 1 A ALA 150 ? A ALA 100 
16 1 Y 1 A ASP 151 ? A ASP 101 
17 1 Y 1 A GLU 152 ? A GLU 102 
18 1 Y 1 A ASN 153 ? A ASN 103 
19 1 Y 1 A ALA 154 ? A ALA 104 
20 1 Y 1 A LEU 155 ? A LEU 105 
21 1 Y 1 A ASP 156 ? A ASP 106 
22 1 Y 1 A THR 157 ? A THR 107 
23 1 Y 1 A LEU 158 ? A LEU 108 
24 1 Y 1 A SER 159 ? A SER 109 
25 1 Y 1 A GLN 160 ? A GLN 110 
26 1 Y 1 B GLY 51  ? B GLY 1   
27 1 Y 1 B ALA 52  ? B ALA 2   
28 1 Y 1 B MET 53  ? B MET 3   
29 1 Y 1 B ALA 54  ? B ALA 4   
30 1 Y 1 B ARG 55  ? B ARG 5   
31 1 Y 1 B LYS 56  ? B LYS 6   
32 1 Y 1 B ARG 135 ? B ARG 85  
33 1 Y 1 B LYS 136 ? B LYS 86  
34 1 Y 1 B LYS 137 ? B LYS 87  
35 1 Y 1 B LEU 138 ? B LEU 88  
36 1 Y 1 B ASP 139 ? B ASP 89  
37 1 Y 1 B LEU 140 ? B LEU 90  
38 1 Y 1 B PHE 141 ? B PHE 91  
39 1 Y 1 B VAL 142 ? B VAL 92  
40 1 Y 1 B ASP 143 ? B ASP 93  
41 1 Y 1 B VAL 144 ? B VAL 94  
42 1 Y 1 B ASP 145 ? B ASP 95  
43 1 Y 1 B GLY 146 ? B GLY 96  
44 1 Y 1 B LYS 147 ? B LYS 97  
45 1 Y 1 B ARG 148 ? B ARG 98  
46 1 Y 1 B LYS 149 ? B LYS 99  
47 1 Y 1 B ALA 150 ? B ALA 100 
48 1 Y 1 B ASP 151 ? B ASP 101 
49 1 Y 1 B GLU 152 ? B GLU 102 
50 1 Y 1 B ASN 153 ? B ASN 103 
51 1 Y 1 B ALA 154 ? B ALA 104 
52 1 Y 1 B LEU 155 ? B LEU 105 
53 1 Y 1 B ASP 156 ? B ASP 106 
54 1 Y 1 B THR 157 ? B THR 107 
55 1 Y 1 B LEU 158 ? B LEU 108 
56 1 Y 1 B SER 159 ? B SER 109 
57 1 Y 1 B GLN 160 ? B GLN 110 
# 
loop_
_chem_comp_atom.comp_id 
_chem_comp_atom.atom_id 
_chem_comp_atom.type_symbol 
_chem_comp_atom.pdbx_aromatic_flag 
_chem_comp_atom.pdbx_stereo_config 
_chem_comp_atom.pdbx_ordinal 
ALA N    N N N 1   
ALA CA   C N S 2   
ALA C    C N N 3   
ALA O    O N N 4   
ALA CB   C N N 5   
ALA OXT  O N N 6   
ALA H    H N N 7   
ALA H2   H N N 8   
ALA HA   H N N 9   
ALA HB1  H N N 10  
ALA HB2  H N N 11  
ALA HB3  H N N 12  
ALA HXT  H N N 13  
ARG N    N N N 14  
ARG CA   C N S 15  
ARG C    C N N 16  
ARG O    O N N 17  
ARG CB   C N N 18  
ARG CG   C N N 19  
ARG CD   C N N 20  
ARG NE   N N N 21  
ARG CZ   C N N 22  
ARG NH1  N N N 23  
ARG NH2  N N N 24  
ARG OXT  O N N 25  
ARG H    H N N 26  
ARG H2   H N N 27  
ARG HA   H N N 28  
ARG HB2  H N N 29  
ARG HB3  H N N 30  
ARG HG2  H N N 31  
ARG HG3  H N N 32  
ARG HD2  H N N 33  
ARG HD3  H N N 34  
ARG HE   H N N 35  
ARG HH11 H N N 36  
ARG HH12 H N N 37  
ARG HH21 H N N 38  
ARG HH22 H N N 39  
ARG HXT  H N N 40  
ASN N    N N N 41  
ASN CA   C N S 42  
ASN C    C N N 43  
ASN O    O N N 44  
ASN CB   C N N 45  
ASN CG   C N N 46  
ASN OD1  O N N 47  
ASN ND2  N N N 48  
ASN OXT  O N N 49  
ASN H    H N N 50  
ASN H2   H N N 51  
ASN HA   H N N 52  
ASN HB2  H N N 53  
ASN HB3  H N N 54  
ASN HD21 H N N 55  
ASN HD22 H N N 56  
ASN HXT  H N N 57  
ASP N    N N N 58  
ASP CA   C N S 59  
ASP C    C N N 60  
ASP O    O N N 61  
ASP CB   C N N 62  
ASP CG   C N N 63  
ASP OD1  O N N 64  
ASP OD2  O N N 65  
ASP OXT  O N N 66  
ASP H    H N N 67  
ASP H2   H N N 68  
ASP HA   H N N 69  
ASP HB2  H N N 70  
ASP HB3  H N N 71  
ASP HD2  H N N 72  
ASP HXT  H N N 73  
GLN N    N N N 74  
GLN CA   C N S 75  
GLN C    C N N 76  
GLN O    O N N 77  
GLN CB   C N N 78  
GLN CG   C N N 79  
GLN CD   C N N 80  
GLN OE1  O N N 81  
GLN NE2  N N N 82  
GLN OXT  O N N 83  
GLN H    H N N 84  
GLN H2   H N N 85  
GLN HA   H N N 86  
GLN HB2  H N N 87  
GLN HB3  H N N 88  
GLN HG2  H N N 89  
GLN HG3  H N N 90  
GLN HE21 H N N 91  
GLN HE22 H N N 92  
GLN HXT  H N N 93  
GLU N    N N N 94  
GLU CA   C N S 95  
GLU C    C N N 96  
GLU O    O N N 97  
GLU CB   C N N 98  
GLU CG   C N N 99  
GLU CD   C N N 100 
GLU OE1  O N N 101 
GLU OE2  O N N 102 
GLU OXT  O N N 103 
GLU H    H N N 104 
GLU H2   H N N 105 
GLU HA   H N N 106 
GLU HB2  H N N 107 
GLU HB3  H N N 108 
GLU HG2  H N N 109 
GLU HG3  H N N 110 
GLU HE2  H N N 111 
GLU HXT  H N N 112 
GLY N    N N N 113 
GLY CA   C N N 114 
GLY C    C N N 115 
GLY O    O N N 116 
GLY OXT  O N N 117 
GLY H    H N N 118 
GLY H2   H N N 119 
GLY HA2  H N N 120 
GLY HA3  H N N 121 
GLY HXT  H N N 122 
GOL C1   C N N 123 
GOL O1   O N N 124 
GOL C2   C N N 125 
GOL O2   O N N 126 
GOL C3   C N N 127 
GOL O3   O N N 128 
GOL H11  H N N 129 
GOL H12  H N N 130 
GOL HO1  H N N 131 
GOL H2   H N N 132 
GOL HO2  H N N 133 
GOL H31  H N N 134 
GOL H32  H N N 135 
GOL HO3  H N N 136 
HIS N    N N N 137 
HIS CA   C N S 138 
HIS C    C N N 139 
HIS O    O N N 140 
HIS CB   C N N 141 
HIS CG   C Y N 142 
HIS ND1  N Y N 143 
HIS CD2  C Y N 144 
HIS CE1  C Y N 145 
HIS NE2  N Y N 146 
HIS OXT  O N N 147 
HIS H    H N N 148 
HIS H2   H N N 149 
HIS HA   H N N 150 
HIS HB2  H N N 151 
HIS HB3  H N N 152 
HIS HD1  H N N 153 
HIS HD2  H N N 154 
HIS HE1  H N N 155 
HIS HE2  H N N 156 
HIS HXT  H N N 157 
HOH O    O N N 158 
HOH H1   H N N 159 
HOH H2   H N N 160 
ILE N    N N N 161 
ILE CA   C N S 162 
ILE C    C N N 163 
ILE O    O N N 164 
ILE CB   C N S 165 
ILE CG1  C N N 166 
ILE CG2  C N N 167 
ILE CD1  C N N 168 
ILE OXT  O N N 169 
ILE H    H N N 170 
ILE H2   H N N 171 
ILE HA   H N N 172 
ILE HB   H N N 173 
ILE HG12 H N N 174 
ILE HG13 H N N 175 
ILE HG21 H N N 176 
ILE HG22 H N N 177 
ILE HG23 H N N 178 
ILE HD11 H N N 179 
ILE HD12 H N N 180 
ILE HD13 H N N 181 
ILE HXT  H N N 182 
LEU N    N N N 183 
LEU CA   C N S 184 
LEU C    C N N 185 
LEU O    O N N 186 
LEU CB   C N N 187 
LEU CG   C N N 188 
LEU CD1  C N N 189 
LEU CD2  C N N 190 
LEU OXT  O N N 191 
LEU H    H N N 192 
LEU H2   H N N 193 
LEU HA   H N N 194 
LEU HB2  H N N 195 
LEU HB3  H N N 196 
LEU HG   H N N 197 
LEU HD11 H N N 198 
LEU HD12 H N N 199 
LEU HD13 H N N 200 
LEU HD21 H N N 201 
LEU HD22 H N N 202 
LEU HD23 H N N 203 
LEU HXT  H N N 204 
LYS N    N N N 205 
LYS CA   C N S 206 
LYS C    C N N 207 
LYS O    O N N 208 
LYS CB   C N N 209 
LYS CG   C N N 210 
LYS CD   C N N 211 
LYS CE   C N N 212 
LYS NZ   N N N 213 
LYS OXT  O N N 214 
LYS H    H N N 215 
LYS H2   H N N 216 
LYS HA   H N N 217 
LYS HB2  H N N 218 
LYS HB3  H N N 219 
LYS HG2  H N N 220 
LYS HG3  H N N 221 
LYS HD2  H N N 222 
LYS HD3  H N N 223 
LYS HE2  H N N 224 
LYS HE3  H N N 225 
LYS HZ1  H N N 226 
LYS HZ2  H N N 227 
LYS HZ3  H N N 228 
LYS HXT  H N N 229 
MET N    N N N 230 
MET CA   C N S 231 
MET C    C N N 232 
MET O    O N N 233 
MET CB   C N N 234 
MET CG   C N N 235 
MET SD   S N N 236 
MET CE   C N N 237 
MET OXT  O N N 238 
MET H    H N N 239 
MET H2   H N N 240 
MET HA   H N N 241 
MET HB2  H N N 242 
MET HB3  H N N 243 
MET HG2  H N N 244 
MET HG3  H N N 245 
MET HE1  H N N 246 
MET HE2  H N N 247 
MET HE3  H N N 248 
MET HXT  H N N 249 
PG4 O1   O N N 250 
PG4 C1   C N N 251 
PG4 C2   C N N 252 
PG4 O2   O N N 253 
PG4 C3   C N N 254 
PG4 C4   C N N 255 
PG4 O3   O N N 256 
PG4 C5   C N N 257 
PG4 C6   C N N 258 
PG4 O4   O N N 259 
PG4 C7   C N N 260 
PG4 C8   C N N 261 
PG4 O5   O N N 262 
PG4 HO1  H N N 263 
PG4 H11  H N N 264 
PG4 H12  H N N 265 
PG4 H21  H N N 266 
PG4 H22  H N N 267 
PG4 H31  H N N 268 
PG4 H32  H N N 269 
PG4 H41  H N N 270 
PG4 H42  H N N 271 
PG4 H51  H N N 272 
PG4 H52  H N N 273 
PG4 H61  H N N 274 
PG4 H62  H N N 275 
PG4 H71  H N N 276 
PG4 H72  H N N 277 
PG4 H81  H N N 278 
PG4 H82  H N N 279 
PG4 HO5  H N N 280 
PHE N    N N N 281 
PHE CA   C N S 282 
PHE C    C N N 283 
PHE O    O N N 284 
PHE CB   C N N 285 
PHE CG   C Y N 286 
PHE CD1  C Y N 287 
PHE CD2  C Y N 288 
PHE CE1  C Y N 289 
PHE CE2  C Y N 290 
PHE CZ   C Y N 291 
PHE OXT  O N N 292 
PHE H    H N N 293 
PHE H2   H N N 294 
PHE HA   H N N 295 
PHE HB2  H N N 296 
PHE HB3  H N N 297 
PHE HD1  H N N 298 
PHE HD2  H N N 299 
PHE HE1  H N N 300 
PHE HE2  H N N 301 
PHE HZ   H N N 302 
PHE HXT  H N N 303 
SER N    N N N 304 
SER CA   C N S 305 
SER C    C N N 306 
SER O    O N N 307 
SER CB   C N N 308 
SER OG   O N N 309 
SER OXT  O N N 310 
SER H    H N N 311 
SER H2   H N N 312 
SER HA   H N N 313 
SER HB2  H N N 314 
SER HB3  H N N 315 
SER HG   H N N 316 
SER HXT  H N N 317 
THR N    N N N 318 
THR CA   C N S 319 
THR C    C N N 320 
THR O    O N N 321 
THR CB   C N R 322 
THR OG1  O N N 323 
THR CG2  C N N 324 
THR OXT  O N N 325 
THR H    H N N 326 
THR H2   H N N 327 
THR HA   H N N 328 
THR HB   H N N 329 
THR HG1  H N N 330 
THR HG21 H N N 331 
THR HG22 H N N 332 
THR HG23 H N N 333 
THR HXT  H N N 334 
TYR N    N N N 335 
TYR CA   C N S 336 
TYR C    C N N 337 
TYR O    O N N 338 
TYR CB   C N N 339 
TYR CG   C Y N 340 
TYR CD1  C Y N 341 
TYR CD2  C Y N 342 
TYR CE1  C Y N 343 
TYR CE2  C Y N 344 
TYR CZ   C Y N 345 
TYR OH   O N N 346 
TYR OXT  O N N 347 
TYR H    H N N 348 
TYR H2   H N N 349 
TYR HA   H N N 350 
TYR HB2  H N N 351 
TYR HB3  H N N 352 
TYR HD1  H N N 353 
TYR HD2  H N N 354 
TYR HE1  H N N 355 
TYR HE2  H N N 356 
TYR HH   H N N 357 
TYR HXT  H N N 358 
VAL N    N N N 359 
VAL CA   C N S 360 
VAL C    C N N 361 
VAL O    O N N 362 
VAL CB   C N N 363 
VAL CG1  C N N 364 
VAL CG2  C N N 365 
VAL OXT  O N N 366 
VAL H    H N N 367 
VAL H2   H N N 368 
VAL HA   H N N 369 
VAL HB   H N N 370 
VAL HG11 H N N 371 
VAL HG12 H N N 372 
VAL HG13 H N N 373 
VAL HG21 H N N 374 
VAL HG22 H N N 375 
VAL HG23 H N N 376 
VAL HXT  H N N 377 
# 
loop_
_chem_comp_bond.comp_id 
_chem_comp_bond.atom_id_1 
_chem_comp_bond.atom_id_2 
_chem_comp_bond.value_order 
_chem_comp_bond.pdbx_aromatic_flag 
_chem_comp_bond.pdbx_stereo_config 
_chem_comp_bond.pdbx_ordinal 
ALA N   CA   sing N N 1   
ALA N   H    sing N N 2   
ALA N   H2   sing N N 3   
ALA CA  C    sing N N 4   
ALA CA  CB   sing N N 5   
ALA CA  HA   sing N N 6   
ALA C   O    doub N N 7   
ALA C   OXT  sing N N 8   
ALA CB  HB1  sing N N 9   
ALA CB  HB2  sing N N 10  
ALA CB  HB3  sing N N 11  
ALA OXT HXT  sing N N 12  
ARG N   CA   sing N N 13  
ARG N   H    sing N N 14  
ARG N   H2   sing N N 15  
ARG CA  C    sing N N 16  
ARG CA  CB   sing N N 17  
ARG CA  HA   sing N N 18  
ARG C   O    doub N N 19  
ARG C   OXT  sing N N 20  
ARG CB  CG   sing N N 21  
ARG CB  HB2  sing N N 22  
ARG CB  HB3  sing N N 23  
ARG CG  CD   sing N N 24  
ARG CG  HG2  sing N N 25  
ARG CG  HG3  sing N N 26  
ARG CD  NE   sing N N 27  
ARG CD  HD2  sing N N 28  
ARG CD  HD3  sing N N 29  
ARG NE  CZ   sing N N 30  
ARG NE  HE   sing N N 31  
ARG CZ  NH1  sing N N 32  
ARG CZ  NH2  doub N N 33  
ARG NH1 HH11 sing N N 34  
ARG NH1 HH12 sing N N 35  
ARG NH2 HH21 sing N N 36  
ARG NH2 HH22 sing N N 37  
ARG OXT HXT  sing N N 38  
ASN N   CA   sing N N 39  
ASN N   H    sing N N 40  
ASN N   H2   sing N N 41  
ASN CA  C    sing N N 42  
ASN CA  CB   sing N N 43  
ASN CA  HA   sing N N 44  
ASN C   O    doub N N 45  
ASN C   OXT  sing N N 46  
ASN CB  CG   sing N N 47  
ASN CB  HB2  sing N N 48  
ASN CB  HB3  sing N N 49  
ASN CG  OD1  doub N N 50  
ASN CG  ND2  sing N N 51  
ASN ND2 HD21 sing N N 52  
ASN ND2 HD22 sing N N 53  
ASN OXT HXT  sing N N 54  
ASP N   CA   sing N N 55  
ASP N   H    sing N N 56  
ASP N   H2   sing N N 57  
ASP CA  C    sing N N 58  
ASP CA  CB   sing N N 59  
ASP CA  HA   sing N N 60  
ASP C   O    doub N N 61  
ASP C   OXT  sing N N 62  
ASP CB  CG   sing N N 63  
ASP CB  HB2  sing N N 64  
ASP CB  HB3  sing N N 65  
ASP CG  OD1  doub N N 66  
ASP CG  OD2  sing N N 67  
ASP OD2 HD2  sing N N 68  
ASP OXT HXT  sing N N 69  
GLN N   CA   sing N N 70  
GLN N   H    sing N N 71  
GLN N   H2   sing N N 72  
GLN CA  C    sing N N 73  
GLN CA  CB   sing N N 74  
GLN CA  HA   sing N N 75  
GLN C   O    doub N N 76  
GLN C   OXT  sing N N 77  
GLN CB  CG   sing N N 78  
GLN CB  HB2  sing N N 79  
GLN CB  HB3  sing N N 80  
GLN CG  CD   sing N N 81  
GLN CG  HG2  sing N N 82  
GLN CG  HG3  sing N N 83  
GLN CD  OE1  doub N N 84  
GLN CD  NE2  sing N N 85  
GLN NE2 HE21 sing N N 86  
GLN NE2 HE22 sing N N 87  
GLN OXT HXT  sing N N 88  
GLU N   CA   sing N N 89  
GLU N   H    sing N N 90  
GLU N   H2   sing N N 91  
GLU CA  C    sing N N 92  
GLU CA  CB   sing N N 93  
GLU CA  HA   sing N N 94  
GLU C   O    doub N N 95  
GLU C   OXT  sing N N 96  
GLU CB  CG   sing N N 97  
GLU CB  HB2  sing N N 98  
GLU CB  HB3  sing N N 99  
GLU CG  CD   sing N N 100 
GLU CG  HG2  sing N N 101 
GLU CG  HG3  sing N N 102 
GLU CD  OE1  doub N N 103 
GLU CD  OE2  sing N N 104 
GLU OE2 HE2  sing N N 105 
GLU OXT HXT  sing N N 106 
GLY N   CA   sing N N 107 
GLY N   H    sing N N 108 
GLY N   H2   sing N N 109 
GLY CA  C    sing N N 110 
GLY CA  HA2  sing N N 111 
GLY CA  HA3  sing N N 112 
GLY C   O    doub N N 113 
GLY C   OXT  sing N N 114 
GLY OXT HXT  sing N N 115 
GOL C1  O1   sing N N 116 
GOL C1  C2   sing N N 117 
GOL C1  H11  sing N N 118 
GOL C1  H12  sing N N 119 
GOL O1  HO1  sing N N 120 
GOL C2  O2   sing N N 121 
GOL C2  C3   sing N N 122 
GOL C2  H2   sing N N 123 
GOL O2  HO2  sing N N 124 
GOL C3  O3   sing N N 125 
GOL C3  H31  sing N N 126 
GOL C3  H32  sing N N 127 
GOL O3  HO3  sing N N 128 
HIS N   CA   sing N N 129 
HIS N   H    sing N N 130 
HIS N   H2   sing N N 131 
HIS CA  C    sing N N 132 
HIS CA  CB   sing N N 133 
HIS CA  HA   sing N N 134 
HIS C   O    doub N N 135 
HIS C   OXT  sing N N 136 
HIS CB  CG   sing N N 137 
HIS CB  HB2  sing N N 138 
HIS CB  HB3  sing N N 139 
HIS CG  ND1  sing Y N 140 
HIS CG  CD2  doub Y N 141 
HIS ND1 CE1  doub Y N 142 
HIS ND1 HD1  sing N N 143 
HIS CD2 NE2  sing Y N 144 
HIS CD2 HD2  sing N N 145 
HIS CE1 NE2  sing Y N 146 
HIS CE1 HE1  sing N N 147 
HIS NE2 HE2  sing N N 148 
HIS OXT HXT  sing N N 149 
HOH O   H1   sing N N 150 
HOH O   H2   sing N N 151 
ILE N   CA   sing N N 152 
ILE N   H    sing N N 153 
ILE N   H2   sing N N 154 
ILE CA  C    sing N N 155 
ILE CA  CB   sing N N 156 
ILE CA  HA   sing N N 157 
ILE C   O    doub N N 158 
ILE C   OXT  sing N N 159 
ILE CB  CG1  sing N N 160 
ILE CB  CG2  sing N N 161 
ILE CB  HB   sing N N 162 
ILE CG1 CD1  sing N N 163 
ILE CG1 HG12 sing N N 164 
ILE CG1 HG13 sing N N 165 
ILE CG2 HG21 sing N N 166 
ILE CG2 HG22 sing N N 167 
ILE CG2 HG23 sing N N 168 
ILE CD1 HD11 sing N N 169 
ILE CD1 HD12 sing N N 170 
ILE CD1 HD13 sing N N 171 
ILE OXT HXT  sing N N 172 
LEU N   CA   sing N N 173 
LEU N   H    sing N N 174 
LEU N   H2   sing N N 175 
LEU CA  C    sing N N 176 
LEU CA  CB   sing N N 177 
LEU CA  HA   sing N N 178 
LEU C   O    doub N N 179 
LEU C   OXT  sing N N 180 
LEU CB  CG   sing N N 181 
LEU CB  HB2  sing N N 182 
LEU CB  HB3  sing N N 183 
LEU CG  CD1  sing N N 184 
LEU CG  CD2  sing N N 185 
LEU CG  HG   sing N N 186 
LEU CD1 HD11 sing N N 187 
LEU CD1 HD12 sing N N 188 
LEU CD1 HD13 sing N N 189 
LEU CD2 HD21 sing N N 190 
LEU CD2 HD22 sing N N 191 
LEU CD2 HD23 sing N N 192 
LEU OXT HXT  sing N N 193 
LYS N   CA   sing N N 194 
LYS N   H    sing N N 195 
LYS N   H2   sing N N 196 
LYS CA  C    sing N N 197 
LYS CA  CB   sing N N 198 
LYS CA  HA   sing N N 199 
LYS C   O    doub N N 200 
LYS C   OXT  sing N N 201 
LYS CB  CG   sing N N 202 
LYS CB  HB2  sing N N 203 
LYS CB  HB3  sing N N 204 
LYS CG  CD   sing N N 205 
LYS CG  HG2  sing N N 206 
LYS CG  HG3  sing N N 207 
LYS CD  CE   sing N N 208 
LYS CD  HD2  sing N N 209 
LYS CD  HD3  sing N N 210 
LYS CE  NZ   sing N N 211 
LYS CE  HE2  sing N N 212 
LYS CE  HE3  sing N N 213 
LYS NZ  HZ1  sing N N 214 
LYS NZ  HZ2  sing N N 215 
LYS NZ  HZ3  sing N N 216 
LYS OXT HXT  sing N N 217 
MET N   CA   sing N N 218 
MET N   H    sing N N 219 
MET N   H2   sing N N 220 
MET CA  C    sing N N 221 
MET CA  CB   sing N N 222 
MET CA  HA   sing N N 223 
MET C   O    doub N N 224 
MET C   OXT  sing N N 225 
MET CB  CG   sing N N 226 
MET CB  HB2  sing N N 227 
MET CB  HB3  sing N N 228 
MET CG  SD   sing N N 229 
MET CG  HG2  sing N N 230 
MET CG  HG3  sing N N 231 
MET SD  CE   sing N N 232 
MET CE  HE1  sing N N 233 
MET CE  HE2  sing N N 234 
MET CE  HE3  sing N N 235 
MET OXT HXT  sing N N 236 
PG4 O1  C1   sing N N 237 
PG4 O1  HO1  sing N N 238 
PG4 C1  C2   sing N N 239 
PG4 C1  H11  sing N N 240 
PG4 C1  H12  sing N N 241 
PG4 C2  O2   sing N N 242 
PG4 C2  H21  sing N N 243 
PG4 C2  H22  sing N N 244 
PG4 O2  C3   sing N N 245 
PG4 C3  C4   sing N N 246 
PG4 C3  H31  sing N N 247 
PG4 C3  H32  sing N N 248 
PG4 C4  O3   sing N N 249 
PG4 C4  H41  sing N N 250 
PG4 C4  H42  sing N N 251 
PG4 O3  C5   sing N N 252 
PG4 C5  C6   sing N N 253 
PG4 C5  H51  sing N N 254 
PG4 C5  H52  sing N N 255 
PG4 C6  O4   sing N N 256 
PG4 C6  H61  sing N N 257 
PG4 C6  H62  sing N N 258 
PG4 O4  C7   sing N N 259 
PG4 C7  C8   sing N N 260 
PG4 C7  H71  sing N N 261 
PG4 C7  H72  sing N N 262 
PG4 C8  O5   sing N N 263 
PG4 C8  H81  sing N N 264 
PG4 C8  H82  sing N N 265 
PG4 O5  HO5  sing N N 266 
PHE N   CA   sing N N 267 
PHE N   H    sing N N 268 
PHE N   H2   sing N N 269 
PHE CA  C    sing N N 270 
PHE CA  CB   sing N N 271 
PHE CA  HA   sing N N 272 
PHE C   O    doub N N 273 
PHE C   OXT  sing N N 274 
PHE CB  CG   sing N N 275 
PHE CB  HB2  sing N N 276 
PHE CB  HB3  sing N N 277 
PHE CG  CD1  doub Y N 278 
PHE CG  CD2  sing Y N 279 
PHE CD1 CE1  sing Y N 280 
PHE CD1 HD1  sing N N 281 
PHE CD2 CE2  doub Y N 282 
PHE CD2 HD2  sing N N 283 
PHE CE1 CZ   doub Y N 284 
PHE CE1 HE1  sing N N 285 
PHE CE2 CZ   sing Y N 286 
PHE CE2 HE2  sing N N 287 
PHE CZ  HZ   sing N N 288 
PHE OXT HXT  sing N N 289 
SER N   CA   sing N N 290 
SER N   H    sing N N 291 
SER N   H2   sing N N 292 
SER CA  C    sing N N 293 
SER CA  CB   sing N N 294 
SER CA  HA   sing N N 295 
SER C   O    doub N N 296 
SER C   OXT  sing N N 297 
SER CB  OG   sing N N 298 
SER CB  HB2  sing N N 299 
SER CB  HB3  sing N N 300 
SER OG  HG   sing N N 301 
SER OXT HXT  sing N N 302 
THR N   CA   sing N N 303 
THR N   H    sing N N 304 
THR N   H2   sing N N 305 
THR CA  C    sing N N 306 
THR CA  CB   sing N N 307 
THR CA  HA   sing N N 308 
THR C   O    doub N N 309 
THR C   OXT  sing N N 310 
THR CB  OG1  sing N N 311 
THR CB  CG2  sing N N 312 
THR CB  HB   sing N N 313 
THR OG1 HG1  sing N N 314 
THR CG2 HG21 sing N N 315 
THR CG2 HG22 sing N N 316 
THR CG2 HG23 sing N N 317 
THR OXT HXT  sing N N 318 
TYR N   CA   sing N N 319 
TYR N   H    sing N N 320 
TYR N   H2   sing N N 321 
TYR CA  C    sing N N 322 
TYR CA  CB   sing N N 323 
TYR CA  HA   sing N N 324 
TYR C   O    doub N N 325 
TYR C   OXT  sing N N 326 
TYR CB  CG   sing N N 327 
TYR CB  HB2  sing N N 328 
TYR CB  HB3  sing N N 329 
TYR CG  CD1  doub Y N 330 
TYR CG  CD2  sing Y N 331 
TYR CD1 CE1  sing Y N 332 
TYR CD1 HD1  sing N N 333 
TYR CD2 CE2  doub Y N 334 
TYR CD2 HD2  sing N N 335 
TYR CE1 CZ   doub Y N 336 
TYR CE1 HE1  sing N N 337 
TYR CE2 CZ   sing Y N 338 
TYR CE2 HE2  sing N N 339 
TYR CZ  OH   sing N N 340 
TYR OH  HH   sing N N 341 
TYR OXT HXT  sing N N 342 
VAL N   CA   sing N N 343 
VAL N   H    sing N N 344 
VAL N   H2   sing N N 345 
VAL CA  C    sing N N 346 
VAL CA  CB   sing N N 347 
VAL CA  HA   sing N N 348 
VAL C   O    doub N N 349 
VAL C   OXT  sing N N 350 
VAL CB  CG1  sing N N 351 
VAL CB  CG2  sing N N 352 
VAL CB  HB   sing N N 353 
VAL CG1 HG11 sing N N 354 
VAL CG1 HG12 sing N N 355 
VAL CG1 HG13 sing N N 356 
VAL CG2 HG21 sing N N 357 
VAL CG2 HG22 sing N N 358 
VAL CG2 HG23 sing N N 359 
VAL OXT HXT  sing N N 360 
# 
_atom_sites.entry_id                    4UDE 
_atom_sites.fract_transf_matrix[1][1]   -0.00766141 
_atom_sites.fract_transf_matrix[1][2]   0.00105552 
_atom_sites.fract_transf_matrix[1][3]   0.01195501 
_atom_sites.fract_transf_matrix[2][1]   -0.00202873 
_atom_sites.fract_transf_matrix[2][2]   0.01272661 
_atom_sites.fract_transf_matrix[2][3]   0.00605531 
_atom_sites.fract_transf_matrix[3][1]   -0.01057587 
_atom_sites.fract_transf_matrix[3][2]   0.00160636 
_atom_sites.fract_transf_matrix[3][3]   -0.00691941 
_atom_sites.fract_transf_vector[1]      0.347147 
_atom_sites.fract_transf_vector[2]      0.533845 
_atom_sites.fract_transf_vector[3]      0.020767 
# 
loop_
_atom_type.symbol 
C 
N 
O 
S 
# 
loop_
_atom_site.group_PDB 
_atom_site.id 
_atom_site.type_symbol 
_atom_site.label_atom_id 
_atom_site.label_alt_id 
_atom_site.label_comp_id 
_atom_site.label_asym_id 
_atom_site.label_entity_id 
_atom_site.label_seq_id 
_atom_site.pdbx_PDB_ins_code 
_atom_site.Cartn_x 
_atom_site.Cartn_y 
_atom_site.Cartn_z 
_atom_site.occupancy 
_atom_site.B_iso_or_equiv 
_atom_site.pdbx_formal_charge 
_atom_site.auth_seq_id 
_atom_site.auth_comp_id 
_atom_site.auth_asym_id 
_atom_site.auth_atom_id 
_atom_site.pdbx_PDB_model_num 
ATOM   1    N N   . GLY A 1 1  ? -1.701  14.576  11.476  1.00 69.62  ? 51   GLY A N   1 
ATOM   2    C CA  . GLY A 1 1  ? -0.727  15.666  11.451  1.00 69.20  ? 51   GLY A CA  1 
ATOM   3    C C   . GLY A 1 1  ? 0.683   15.155  11.656  1.00 71.80  ? 51   GLY A C   1 
ATOM   4    O O   . GLY A 1 1  ? 1.558   15.377  10.813  1.00 71.39  ? 51   GLY A O   1 
ATOM   5    N N   . ALA A 1 2  ? 0.902   14.444  12.776  1.00 66.83  ? 52   ALA A N   1 
ATOM   6    C CA  . ALA A 1 2  ? 2.174   13.798  13.085  1.00 65.97  ? 52   ALA A CA  1 
ATOM   7    C C   . ALA A 1 2  ? 2.289   12.489  12.253  1.00 67.11  ? 52   ALA A C   1 
ATOM   8    O O   . ALA A 1 2  ? 3.389   12.122  11.846  1.00 65.83  ? 52   ALA A O   1 
ATOM   9    C CB  . ALA A 1 2  ? 2.263   13.494  14.574  1.00 66.63  ? 52   ALA A CB  1 
ATOM   10   N N   . MET A 1 3  ? 1.141   11.820  11.983  1.00 62.14  ? 53   MET A N   1 
ATOM   11   C CA  . MET A 1 3  ? 1.044   10.591  11.187  1.00 61.81  ? 53   MET A CA  1 
ATOM   12   C C   . MET A 1 3  ? 1.448   10.839  9.714   1.00 59.39  ? 53   MET A C   1 
ATOM   13   O O   . MET A 1 3  ? 2.120   9.993   9.121   1.00 57.70  ? 53   MET A O   1 
ATOM   14   C CB  . MET A 1 3  ? -0.376  10.004  11.279  1.00 65.48  ? 53   MET A CB  1 
ATOM   15   C CG  . MET A 1 3  ? -0.446  8.523   10.933  1.00 71.44  ? 53   MET A CG  1 
ATOM   16   S SD  . MET A 1 3  ? -1.828  7.649   11.745  1.00 77.93  ? 53   MET A SD  1 
ATOM   17   C CE  . MET A 1 3  ? -1.077  6.032   11.995  1.00 74.55  ? 53   MET A CE  1 
ATOM   18   N N   . ALA A 1 4  ? 1.043   12.005  9.146   1.00 51.53  ? 54   ALA A N   1 
ATOM   19   C CA  . ALA A 1 4  ? 1.365   12.412  7.780   1.00 49.12  ? 54   ALA A CA  1 
ATOM   20   C C   . ALA A 1 4  ? 2.864   12.729  7.681   1.00 48.69  ? 54   ALA A C   1 
ATOM   21   O O   . ALA A 1 4  ? 3.502   12.333  6.706   1.00 46.89  ? 54   ALA A O   1 
ATOM   22   C CB  . ALA A 1 4  ? 0.526   13.615  7.371   1.00 49.46  ? 54   ALA A CB  1 
ATOM   23   N N   . ARG A 1 5  ? 3.429   13.385  8.724   1.00 43.77  ? 55   ARG A N   1 
ATOM   24   C CA  . ARG A 1 5  ? 4.860   13.709  8.836   1.00 42.48  ? 55   ARG A CA  1 
ATOM   25   C C   . ARG A 1 5  ? 5.714   12.448  8.922   1.00 42.00  ? 55   ARG A C   1 
ATOM   26   O O   . ARG A 1 5  ? 6.769   12.395  8.299   1.00 41.56  ? 55   ARG A O   1 
ATOM   27   C CB  . ARG A 1 5  ? 5.127   14.624  10.038  1.00 45.11  ? 55   ARG A CB  1 
ATOM   28   C CG  . ARG A 1 5  ? 4.977   16.107  9.688   1.00 58.01  ? 55   ARG A CG  1 
ATOM   29   C CD  . ARG A 1 5  ? 5.452   17.010  10.810  1.00 72.65  ? 55   ARG A CD  1 
ATOM   30   N NE  . ARG A 1 5  ? 4.337   17.485  11.629  1.00 87.56  ? 55   ARG A NE  1 
ATOM   31   C CZ  . ARG A 1 5  ? 4.061   17.056  12.856  1.00 103.41 ? 55   ARG A CZ  1 
ATOM   32   N NH1 . ARG A 1 5  ? 4.831   16.143  13.437  1.00 91.90  ? 55   ARG A NH1 1 
ATOM   33   N NH2 . ARG A 1 5  ? 3.022   17.544  13.516  1.00 91.01  ? 55   ARG A NH2 1 
ATOM   34   N N   . LYS A 1 6  ? 5.237   11.427  9.658   1.00 36.91  ? 56   LYS A N   1 
ATOM   35   C CA  . LYS A 1 6  ? 5.886   10.126  9.804   1.00 37.05  ? 56   LYS A CA  1 
ATOM   36   C C   . LYS A 1 6  ? 5.921   9.411   8.432   1.00 37.92  ? 56   LYS A C   1 
ATOM   37   O O   . LYS A 1 6  ? 6.968   8.886   8.045   1.00 36.41  ? 56   LYS A O   1 
ATOM   38   C CB  . LYS A 1 6  ? 5.136   9.265   10.837  1.00 40.37  ? 56   LYS A CB  1 
ATOM   39   C CG  . LYS A 1 6  ? 5.882   9.055   12.141  1.00 61.92  ? 56   LYS A CG  1 
ATOM   40   C CD  . LYS A 1 6  ? 5.439   9.996   13.257  1.00 80.63  ? 56   LYS A CD  1 
ATOM   41   C CE  . LYS A 1 6  ? 4.433   9.371   14.199  1.00 94.37  ? 56   LYS A CE  1 
ATOM   42   N NZ  . LYS A 1 6  ? 4.016   10.318  15.269  1.00 102.16 ? 56   LYS A NZ  1 
ATOM   43   N N   . GLU A 1 7  ? 4.801   9.457   7.678   1.00 32.77  ? 57   GLU A N   1 
ATOM   44   C CA  . GLU A 1 7  ? 4.721   8.826   6.352   1.00 32.38  ? 57   GLU A CA  1 
ATOM   45   C C   . GLU A 1 7  ? 5.623   9.503   5.338   1.00 33.75  ? 57   GLU A C   1 
ATOM   46   O O   . GLU A 1 7  ? 6.293   8.814   4.573   1.00 31.20  ? 57   GLU A O   1 
ATOM   47   C CB  . GLU A 1 7  ? 3.276   8.739   5.834   1.00 34.10  ? 57   GLU A CB  1 
ATOM   48   C CG  . GLU A 1 7  ? 2.340   7.844   6.637   1.00 46.95  ? 57   GLU A CG  1 
ATOM   49   C CD  . GLU A 1 7  ? 2.926   6.639   7.359   1.00 81.32  ? 57   GLU A CD  1 
ATOM   50   O OE1 . GLU A 1 7  ? 3.510   5.757   6.686   1.00 59.14  ? 57   GLU A OE1 1 
ATOM   51   O OE2 . GLU A 1 7  ? 2.783   6.571   8.603   1.00 88.80  ? 57   GLU A OE2 1 
ATOM   52   N N   . LEU A 1 8  ? 5.690   10.839  5.371   1.00 31.66  ? 58   LEU A N   1 
ATOM   53   C CA  . LEU A 1 8  ? 6.545   11.573  4.450   1.00 33.35  ? 58   LEU A CA  1 
ATOM   54   C C   . LEU A 1 8  ? 8.018   11.236  4.699   1.00 36.13  ? 58   LEU A C   1 
ATOM   55   O O   . LEU A 1 8  ? 8.740   10.970  3.730   1.00 36.83  ? 58   LEU A O   1 
ATOM   56   C CB  . LEU A 1 8  ? 6.260   13.093  4.474   1.00 34.03  ? 58   LEU A CB  1 
ATOM   57   C CG  . LEU A 1 8  ? 7.183   13.984  3.636   1.00 39.88  ? 58   LEU A CG  1 
ATOM   58   C CD1 . LEU A 1 8  ? 7.002   13.738  2.144   1.00 40.24  ? 58   LEU A CD1 1 
ATOM   59   C CD2 . LEU A 1 8  ? 6.945   15.443  3.944   1.00 43.99  ? 58   LEU A CD2 1 
ATOM   60   N N   . SER A 1 9  ? 8.432   11.167  5.985   1.00 30.42  ? 59   SER A N   1 
ATOM   61   C CA  . SER A 1 9  ? 9.793   10.803  6.368   1.00 30.08  ? 59   SER A CA  1 
ATOM   62   C C   . SER A 1 9  ? 10.098  9.397   5.868   1.00 31.30  ? 59   SER A C   1 
ATOM   63   O O   . SER A 1 9  ? 11.155  9.185   5.297   1.00 30.88  ? 59   SER A O   1 
ATOM   64   C CB  . SER A 1 9  ? 9.978   10.866  7.882   1.00 33.49  ? 59   SER A CB  1 
ATOM   65   O OG  . SER A 1 9  ? 10.142  12.201  8.321   1.00 52.33  ? 59   SER A OG  1 
ATOM   66   N N   . SER A 1 10 ? 9.163   8.450   6.067   1.00 26.94  ? 60   SER A N   1 
ATOM   67   C CA  . SER A 1 10 ? 9.287   7.062   5.600   1.00 26.41  ? 60   SER A CA  1 
ATOM   68   C C   . SER A 1 10 ? 9.542   7.012   4.104   1.00 27.40  ? 60   SER A C   1 
ATOM   69   O O   . SER A 1 10 ? 10.467  6.332   3.695   1.00 27.21  ? 60   SER A O   1 
ATOM   70   C CB  . SER A 1 10 ? 8.030   6.262   5.922   1.00 28.20  ? 60   SER A CB  1 
ATOM   71   O OG  . SER A 1 10 ? 7.977   6.024   7.311   1.00 37.92  ? 60   SER A OG  1 
ATOM   72   N N   . LEU A 1 11 ? 8.750   7.744   3.305   1.00 23.57  ? 61   LEU A N   1 
ATOM   73   C CA  . LEU A 1 11 ? 8.918   7.760   1.853   1.00 24.66  ? 61   LEU A CA  1 
ATOM   74   C C   . LEU A 1 11 ? 10.215  8.453   1.420   1.00 33.13  ? 61   LEU A C   1 
ATOM   75   O O   . LEU A 1 11 ? 10.869  7.975   0.486   1.00 33.88  ? 61   LEU A O   1 
ATOM   76   C CB  . LEU A 1 11 ? 7.678   8.324   1.119   1.00 24.21  ? 61   LEU A CB  1 
ATOM   77   C CG  . LEU A 1 11 ? 6.323   7.564   1.285   1.00 27.62  ? 61   LEU A CG  1 
ATOM   78   C CD1 . LEU A 1 11 ? 5.293   8.100   0.298   1.00 28.09  ? 61   LEU A CD1 1 
ATOM   79   C CD2 . LEU A 1 11 ? 6.458   6.076   1.043   1.00 24.01  ? 61   LEU A CD2 1 
ATOM   80   N N   . GLU A 1 12 ? 10.603  9.560   2.115   1.00 30.56  ? 62   GLU A N   1 
ATOM   81   C CA  . GLU A 1 12 ? 11.855  10.290  1.853   1.00 30.27  ? 62   GLU A CA  1 
ATOM   82   C C   . GLU A 1 12 ? 13.012  9.325   1.990   1.00 33.85  ? 62   GLU A C   1 
ATOM   83   O O   . GLU A 1 12 ? 13.887  9.318   1.132   1.00 33.53  ? 62   GLU A O   1 
ATOM   84   C CB  . GLU A 1 12 ? 12.056  11.442  2.851   1.00 31.14  ? 62   GLU A CB  1 
ATOM   85   C CG  . GLU A 1 12 ? 11.394  12.745  2.453   1.00 43.55  ? 62   GLU A CG  1 
ATOM   86   C CD  . GLU A 1 12 ? 11.435  13.861  3.486   1.00 69.42  ? 62   GLU A CD  1 
ATOM   87   O OE1 . GLU A 1 12 ? 12.064  13.686  4.556   1.00 64.11  ? 62   GLU A OE1 1 
ATOM   88   O OE2 . GLU A 1 12 ? 10.812  14.915  3.228   1.00 75.25  ? 62   GLU A OE2 1 
ATOM   89   N N   . GLU A 1 13 ? 13.007  8.502   3.067   1.00 29.42  ? 63   GLU A N   1 
ATOM   90   C CA  . GLU A 1 13 ? 14.030  7.492   3.317   1.00 29.14  ? 63   GLU A CA  1 
ATOM   91   C C   . GLU A 1 13 ? 14.076  6.428   2.235   1.00 32.21  ? 63   GLU A C   1 
ATOM   92   O O   . GLU A 1 13 ? 15.167  6.035   1.836   1.00 33.25  ? 63   GLU A O   1 
ATOM   93   C CB  . GLU A 1 13 ? 13.848  6.846   4.700   1.00 30.52  ? 63   GLU A CB  1 
ATOM   94   C CG  . GLU A 1 13 ? 14.271  7.757   5.839   1.00 43.08  ? 63   GLU A CG  1 
ATOM   95   C CD  . GLU A 1 13 ? 15.693  8.278   5.737   1.00 63.87  ? 63   GLU A CD  1 
ATOM   96   O OE1 . GLU A 1 13 ? 16.636  7.451   5.699   1.00 60.28  ? 63   GLU A OE1 1 
ATOM   97   O OE2 . GLU A 1 13 ? 15.855  9.518   5.663   1.00 54.36  ? 63   GLU A OE2 1 
ATOM   98   N N   . LEU A 1 14 ? 12.909  5.940   1.779   1.00 26.39  ? 64   LEU A N   1 
ATOM   99   C CA  . LEU A 1 14 ? 12.857  4.932   0.720   1.00 26.76  ? 64   LEU A CA  1 
ATOM   100  C C   . LEU A 1 14 ? 13.403  5.458   -0.630  1.00 30.28  ? 64   LEU A C   1 
ATOM   101  O O   . LEU A 1 14 ? 14.166  4.773   -1.318  1.00 28.36  ? 64   LEU A O   1 
ATOM   102  C CB  . LEU A 1 14 ? 11.411  4.413   0.524   1.00 26.41  ? 64   LEU A CB  1 
ATOM   103  C CG  . LEU A 1 14 ? 11.161  3.411   -0.646  1.00 29.71  ? 64   LEU A CG  1 
ATOM   104  C CD1 . LEU A 1 14 ? 11.867  2.083   -0.418  1.00 28.69  ? 64   LEU A CD1 1 
ATOM   105  C CD2 . LEU A 1 14 ? 9.695   3.185   -0.859  1.00 28.37  ? 64   LEU A CD2 1 
ATOM   106  N N   . PHE A 1 15 ? 12.973  6.659   -1.000  1.00 27.50  ? 65   PHE A N   1 
ATOM   107  C CA  . PHE A 1 15 ? 13.264  7.263   -2.292  1.00 26.69  ? 65   PHE A CA  1 
ATOM   108  C C   . PHE A 1 15 ? 14.535  8.116   -2.384  1.00 32.09  ? 65   PHE A C   1 
ATOM   109  O O   . PHE A 1 15 ? 14.859  8.589   -3.479  1.00 32.05  ? 65   PHE A O   1 
ATOM   110  C CB  . PHE A 1 15 ? 12.016  7.992   -2.795  1.00 27.19  ? 65   PHE A CB  1 
ATOM   111  C CG  . PHE A 1 15 ? 10.871  7.052   -3.115  1.00 27.74  ? 65   PHE A CG  1 
ATOM   112  C CD1 . PHE A 1 15 ? 11.009  6.065   -4.084  1.00 29.60  ? 65   PHE A CD1 1 
ATOM   113  C CD2 . PHE A 1 15 ? 9.638   7.198   -2.495  1.00 28.03  ? 65   PHE A CD2 1 
ATOM   114  C CE1 . PHE A 1 15 ? 9.955   5.192   -4.375  1.00 30.72  ? 65   PHE A CE1 1 
ATOM   115  C CE2 . PHE A 1 15 ? 8.574   6.342   -2.800  1.00 30.89  ? 65   PHE A CE2 1 
ATOM   116  C CZ  . PHE A 1 15 ? 8.735   5.351   -3.743  1.00 29.71  ? 65   PHE A CZ  1 
ATOM   117  N N   . ARG A 1 16 ? 15.265  8.283   -1.253  1.00 28.91  ? 66   ARG A N   1 
ATOM   118  C CA  . ARG A 1 16 ? 16.507  9.063   -1.190  1.00 30.56  ? 66   ARG A CA  1 
ATOM   119  C C   . ARG A 1 16 ? 17.559  8.427   -2.113  1.00 36.85  ? 66   ARG A C   1 
ATOM   120  O O   . ARG A 1 16 ? 17.793  7.223   -2.030  1.00 37.64  ? 66   ARG A O   1 
ATOM   121  C CB  . ARG A 1 16 ? 17.030  9.155   0.266   1.00 30.49  ? 66   ARG A CB  1 
ATOM   122  C CG  . ARG A 1 16 ? 17.951  10.362  0.507   1.00 40.94  ? 66   ARG A CG  1 
ATOM   123  C CD  . ARG A 1 16 ? 18.517  10.413  1.931   1.00 47.37  ? 66   ARG A CD  1 
ATOM   124  N NE  . ARG A 1 16 ? 17.464  10.529  2.950   1.00 53.75  ? 66   ARG A NE  1 
ATOM   125  C CZ  . ARG A 1 16 ? 16.843  11.661  3.277   1.00 69.11  ? 66   ARG A CZ  1 
ATOM   126  N NH1 . ARG A 1 16 ? 17.166  12.802  2.683   1.00 62.35  ? 66   ARG A NH1 1 
ATOM   127  N NH2 . ARG A 1 16 ? 15.886  11.658  4.195   1.00 57.38  ? 66   ARG A NH2 1 
ATOM   128  N N   . HIS A 1 17 ? 18.176  9.222   -2.985  1.00 34.72  ? 67   HIS A N   1 
ATOM   129  C CA  . HIS A 1 17 ? 19.193  8.770   -3.975  1.00 35.97  ? 67   HIS A CA  1 
ATOM   130  C C   . HIS A 1 17 ? 18.530  8.166   -5.223  1.00 37.27  ? 67   HIS A C   1 
ATOM   131  O O   . HIS A 1 17 ? 19.230  7.651   -6.090  1.00 36.72  ? 67   HIS A O   1 
ATOM   132  C CB  . HIS A 1 17 ? 20.264  7.789   -3.408  1.00 37.72  ? 67   HIS A CB  1 
ATOM   133  C CG  . HIS A 1 17 ? 20.839  8.148   -2.067  1.00 42.26  ? 67   HIS A CG  1 
ATOM   134  N ND1 . HIS A 1 17 ? 21.503  9.356   -1.854  1.00 44.74  ? 67   HIS A ND1 1 
ATOM   135  C CD2 . HIS A 1 17 ? 20.855  7.428   -0.918  1.00 44.33  ? 67   HIS A CD2 1 
ATOM   136  C CE1 . HIS A 1 17 ? 21.876  9.335   -0.583  1.00 44.37  ? 67   HIS A CE1 1 
ATOM   137  N NE2 . HIS A 1 17 ? 21.508  8.195   0.022   1.00 44.56  ? 67   HIS A NE2 1 
ATOM   138  N N   . TYR A 1 18 ? 17.188  8.269   -5.328  1.00 30.32  ? 68   TYR A N   1 
ATOM   139  C CA  . TYR A 1 18 ? 16.437  7.770   -6.469  1.00 28.33  ? 68   TYR A CA  1 
ATOM   140  C C   . TYR A 1 18 ? 15.764  8.849   -7.299  1.00 32.28  ? 68   TYR A C   1 
ATOM   141  O O   . TYR A 1 18 ? 15.047  8.532   -8.231  1.00 33.01  ? 68   TYR A O   1 
ATOM   142  C CB  . TYR A 1 18 ? 15.503  6.627   -6.057  1.00 28.17  ? 68   TYR A CB  1 
ATOM   143  C CG  . TYR A 1 18 ? 16.277  5.393   -5.636  1.00 27.18  ? 68   TYR A CG  1 
ATOM   144  C CD1 . TYR A 1 18 ? 16.673  4.440   -6.571  1.00 28.29  ? 68   TYR A CD1 1 
ATOM   145  C CD2 . TYR A 1 18 ? 16.621  5.182   -4.300  1.00 27.51  ? 68   TYR A CD2 1 
ATOM   146  C CE1 . TYR A 1 18 ? 17.394  3.308   -6.192  1.00 29.03  ? 68   TYR A CE1 1 
ATOM   147  C CE2 . TYR A 1 18 ? 17.343  4.052   -3.907  1.00 27.58  ? 68   TYR A CE2 1 
ATOM   148  C CZ  . TYR A 1 18 ? 17.730  3.119   -4.860  1.00 34.38  ? 68   TYR A CZ  1 
ATOM   149  O OH  . TYR A 1 18 ? 18.437  2.002   -4.496  1.00 35.38  ? 68   TYR A OH  1 
ATOM   150  N N   . GLY A 1 19 ? 16.054  10.115  -6.999  1.00 29.27  ? 69   GLY A N   1 
ATOM   151  C CA  . GLY A 1 19 ? 15.550  11.262  -7.747  1.00 28.75  ? 69   GLY A CA  1 
ATOM   152  C C   . GLY A 1 19 ? 14.069  11.564  -7.648  1.00 33.21  ? 69   GLY A C   1 
ATOM   153  O O   . GLY A 1 19 ? 13.539  12.276  -8.497  1.00 33.26  ? 69   GLY A O   1 
ATOM   154  N N   . VAL A 1 20 ? 13.387  11.082  -6.601  1.00 30.17  ? 70   VAL A N   1 
ATOM   155  C CA  . VAL A 1 20 ? 11.958  11.379  -6.444  1.00 29.76  ? 70   VAL A CA  1 
ATOM   156  C C   . VAL A 1 20 ? 11.832  12.742  -5.761  1.00 33.99  ? 70   VAL A C   1 
ATOM   157  O O   . VAL A 1 20 ? 12.406  12.955  -4.696  1.00 33.85  ? 70   VAL A O   1 
ATOM   158  C CB  . VAL A 1 20 ? 11.201  10.236  -5.732  1.00 32.62  ? 70   VAL A CB  1 
ATOM   159  C CG1 . VAL A 1 20 ? 9.704   10.525  -5.676  1.00 32.26  ? 70   VAL A CG1 1 
ATOM   160  C CG2 . VAL A 1 20 ? 11.457  8.907   -6.447  1.00 31.99  ? 70   VAL A CG2 1 
ATOM   161  N N   . ARG A 1 21 ? 11.186  13.693  -6.438  1.00 29.77  ? 71   ARG A N   1 
ATOM   162  C CA  . ARG A 1 21 ? 11.056  15.061  -5.932  1.00 30.21  ? 71   ARG A CA  1 
ATOM   163  C C   . ARG A 1 21 ? 10.024  15.205  -4.819  1.00 36.01  ? 71   ARG A C   1 
ATOM   164  O O   . ARG A 1 21 ? 9.132   14.366  -4.679  1.00 34.16  ? 71   ARG A O   1 
ATOM   165  C CB  . ARG A 1 21 ? 10.863  16.066  -7.083  1.00 28.44  ? 71   ARG A CB  1 
ATOM   166  C CG  . ARG A 1 21 ? 12.029  16.001  -8.085  1.00 31.46  ? 71   ARG A CG  1 
ATOM   167  C CD  . ARG A 1 21 ? 11.858  16.925  -9.275  1.00 35.63  ? 71   ARG A CD  1 
ATOM   168  N NE  . ARG A 1 21 ? 10.683  16.610  -10.088 1.00 40.68  ? 71   ARG A NE  1 
ATOM   169  C CZ  . ARG A 1 21 ? 10.109  17.463  -10.929 1.00 50.35  ? 71   ARG A CZ  1 
ATOM   170  N NH1 . ARG A 1 21 ? 10.597  18.686  -11.081 1.00 40.92  ? 71   ARG A NH1 1 
ATOM   171  N NH2 . ARG A 1 21 ? 9.063   17.088  -11.653 1.00 32.47  ? 71   ARG A NH2 1 
ATOM   172  N N   . TYR A 1 22 ? 10.200  16.251  -3.994  1.00 35.43  ? 72   TYR A N   1 
ATOM   173  C CA  . TYR A 1 22 ? 9.407   16.579  -2.824  1.00 36.23  ? 72   TYR A CA  1 
ATOM   174  C C   . TYR A 1 22 ? 7.899   16.538  -3.050  1.00 40.60  ? 72   TYR A C   1 
ATOM   175  O O   . TYR A 1 22 ? 7.191   15.917  -2.264  1.00 39.95  ? 72   TYR A O   1 
ATOM   176  C CB  . TYR A 1 22 ? 9.849   17.933  -2.227  1.00 38.31  ? 72   TYR A CB  1 
ATOM   177  C CG  . TYR A 1 22 ? 9.156   18.243  -0.918  1.00 41.87  ? 72   TYR A CG  1 
ATOM   178  C CD1 . TYR A 1 22 ? 9.426   17.501  0.228   1.00 44.68  ? 72   TYR A CD1 1 
ATOM   179  C CD2 . TYR A 1 22 ? 8.189   19.241  -0.836  1.00 42.87  ? 72   TYR A CD2 1 
ATOM   180  C CE1 . TYR A 1 22 ? 8.772   17.763  1.432   1.00 46.35  ? 72   TYR A CE1 1 
ATOM   181  C CE2 . TYR A 1 22 ? 7.536   19.518  0.366   1.00 43.87  ? 72   TYR A CE2 1 
ATOM   182  C CZ  . TYR A 1 22 ? 7.832   18.775  1.499   1.00 53.69  ? 72   TYR A CZ  1 
ATOM   183  O OH  . TYR A 1 22 ? 7.201   19.028  2.700   1.00 60.20  ? 72   TYR A OH  1 
ATOM   184  N N   . MET A 1 23 ? 7.420   17.192  -4.115  1.00 39.00  ? 73   MET A N   1 
ATOM   185  C CA  . MET A 1 23 ? 6.010   17.248  -4.490  1.00 39.97  ? 73   MET A CA  1 
ATOM   186  C C   . MET A 1 23 ? 5.445   15.900  -4.961  1.00 38.29  ? 73   MET A C   1 
ATOM   187  O O   . MET A 1 23 ? 4.238   15.695  -4.876  1.00 35.64  ? 73   MET A O   1 
ATOM   188  C CB  . MET A 1 23 ? 5.785   18.328  -5.549  1.00 44.34  ? 73   MET A CB  1 
ATOM   189  C CG  . MET A 1 23 ? 5.655   19.713  -4.959  1.00 51.64  ? 73   MET A CG  1 
ATOM   190  S SD  . MET A 1 23 ? 5.130   20.887  -6.235  1.00 59.87  ? 73   MET A SD  1 
ATOM   191  C CE  . MET A 1 23 ? 3.309   20.900  -5.920  1.00 56.56  ? 73   MET A CE  1 
ATOM   192  N N   . THR A 1 24 ? 6.305   15.000  -5.498  1.00 32.54  ? 74   THR A N   1 
ATOM   193  C CA  . THR A 1 24 ? 5.876   13.649  -5.873  1.00 30.82  ? 74   THR A CA  1 
ATOM   194  C C   . THR A 1 24 ? 5.647   12.883  -4.550  1.00 32.04  ? 74   THR A C   1 
ATOM   195  O O   . THR A 1 24 ? 4.601   12.269  -4.394  1.00 30.81  ? 74   THR A O   1 
ATOM   196  C CB  . THR A 1 24 ? 6.913   12.976  -6.778  1.00 32.32  ? 74   THR A CB  1 
ATOM   197  O OG1 . THR A 1 24 ? 7.115   13.776  -7.962  1.00 30.31  ? 74   THR A OG1 1 
ATOM   198  C CG2 . THR A 1 24 ? 6.518   11.555  -7.147  1.00 24.18  ? 74   THR A CG2 1 
ATOM   199  N N   . LEU A 1 25 ? 6.579   13.003  -3.582  1.00 29.27  ? 75   LEU A N   1 
ATOM   200  C CA  . LEU A 1 25 ? 6.491   12.359  -2.258  1.00 30.10  ? 75   LEU A CA  1 
ATOM   201  C C   . LEU A 1 25 ? 5.256   12.808  -1.506  1.00 33.53  ? 75   LEU A C   1 
ATOM   202  O O   . LEU A 1 25 ? 4.528   11.975  -0.957  1.00 32.94  ? 75   LEU A O   1 
ATOM   203  C CB  . LEU A 1 25 ? 7.763   12.604  -1.406  1.00 30.35  ? 75   LEU A CB  1 
ATOM   204  C CG  . LEU A 1 25 ? 9.058   12.030  -1.980  1.00 37.01  ? 75   LEU A CG  1 
ATOM   205  C CD1 . LEU A 1 25 ? 10.276  12.487  -1.190  1.00 36.57  ? 75   LEU A CD1 1 
ATOM   206  C CD2 . LEU A 1 25 ? 8.997   10.511  -2.060  1.00 41.10  ? 75   LEU A CD2 1 
ATOM   207  N N   . THR A 1 26 ? 5.020   14.131  -1.506  1.00 29.40  ? 76   THR A N   1 
ATOM   208  C CA  . THR A 1 26 ? 3.879   14.809  -0.891  1.00 29.04  ? 76   THR A CA  1 
ATOM   209  C C   . THR A 1 26 ? 2.575   14.230  -1.455  1.00 30.19  ? 76   THR A C   1 
ATOM   210  O O   . THR A 1 26 ? 1.674   13.920  -0.684  1.00 30.62  ? 76   THR A O   1 
ATOM   211  C CB  . THR A 1 26 ? 4.034   16.338  -1.094  1.00 39.92  ? 76   THR A CB  1 
ATOM   212  O OG1 . THR A 1 26 ? 4.887   16.839  -0.067  1.00 46.13  ? 76   THR A OG1 1 
ATOM   213  C CG2 . THR A 1 26 ? 2.734   17.074  -1.040  1.00 43.09  ? 76   THR A CG2 1 
ATOM   214  N N   . LYS A 1 27 ? 2.485   14.084  -2.781  1.00 25.01  ? 77   LYS A N   1 
ATOM   215  C CA  . LYS A 1 27 ? 1.292   13.537  -3.385  1.00 26.45  ? 77   LYS A CA  1 
ATOM   216  C C   . LYS A 1 27 ? 1.078   12.058  -3.016  1.00 30.95  ? 77   LYS A C   1 
ATOM   217  O O   . LYS A 1 27 ? -0.048  11.675  -2.724  1.00 31.19  ? 77   LYS A O   1 
ATOM   218  C CB  . LYS A 1 27 ? 1.283   13.760  -4.911  1.00 29.02  ? 77   LYS A CB  1 
ATOM   219  C CG  . LYS A 1 27 ? -0.064  13.425  -5.573  1.00 33.32  ? 77   LYS A CG  1 
ATOM   220  C CD  . LYS A 1 27 ? -1.292  14.144  -5.007  1.00 39.19  ? 77   LYS A CD  1 
ATOM   221  C CE  . LYS A 1 27 ? -1.325  15.618  -5.326  1.00 45.37  ? 77   LYS A CE  1 
ATOM   222  N NZ  . LYS A 1 27 ? -2.507  16.278  -4.709  1.00 54.32  ? 77   LYS A NZ  1 
ATOM   223  N N   . MET A 1 28 ? 2.143   11.254  -2.992  1.00 27.15  ? 78   MET A N   1 
ATOM   224  C CA  . MET A 1 28 ? 2.067   9.829   -2.611  1.00 27.61  ? 78   MET A CA  1 
ATOM   225  C C   . MET A 1 28 ? 1.563   9.640   -1.162  1.00 30.64  ? 78   MET A C   1 
ATOM   226  O O   . MET A 1 28 ? 0.724   8.782   -0.927  1.00 28.97  ? 78   MET A O   1 
ATOM   227  C CB  . MET A 1 28 ? 3.410   9.130   -2.846  1.00 29.34  ? 78   MET A CB  1 
ATOM   228  C CG  . MET A 1 28 ? 3.778   9.029   -4.314  1.00 32.36  ? 78   MET A CG  1 
ATOM   229  S SD  . MET A 1 28 ? 5.396   8.255   -4.574  1.00 36.99  ? 78   MET A SD  1 
ATOM   230  C CE  . MET A 1 28 ? 4.976   6.551   -4.194  1.00 34.90  ? 78   MET A CE  1 
ATOM   231  N N   . VAL A 1 29 ? 2.006   10.497  -0.222  1.00 28.80  ? 79   VAL A N   1 
ATOM   232  C CA  . VAL A 1 29 ? 1.557   10.484  1.185   1.00 29.72  ? 79   VAL A CA  1 
ATOM   233  C C   . VAL A 1 29 ? 0.048   10.785  1.240   1.00 35.28  ? 79   VAL A C   1 
ATOM   234  O O   . VAL A 1 29 ? -0.701  10.076  1.908   1.00 34.70  ? 79   VAL A O   1 
ATOM   235  C CB  . VAL A 1 29 ? 2.359   11.503  2.043   1.00 34.24  ? 79   VAL A CB  1 
ATOM   236  C CG1 . VAL A 1 29 ? 1.754   11.670  3.444   1.00 34.04  ? 79   VAL A CG1 1 
ATOM   237  C CG2 . VAL A 1 29 ? 3.819   11.090  2.140   1.00 34.24  ? 79   VAL A CG2 1 
ATOM   238  N N   . GLU A 1 30 ? -0.381  11.824  0.496   1.00 32.70  ? 80   GLU A N   1 
ATOM   239  C CA  . GLU A 1 30 ? -1.757  12.287  0.397   1.00 33.52  ? 80   GLU A CA  1 
ATOM   240  C C   . GLU A 1 30 ? -2.658  11.173  -0.184  1.00 39.65  ? 80   GLU A C   1 
ATOM   241  O O   . GLU A 1 30 ? -3.811  11.018  0.245   1.00 38.75  ? 80   GLU A O   1 
ATOM   242  C CB  . GLU A 1 30 ? -1.766  13.560  -0.444  1.00 34.81  ? 80   GLU A CB  1 
ATOM   243  C CG  . GLU A 1 30 ? -3.104  14.237  -0.648  1.00 49.79  ? 80   GLU A CG  1 
ATOM   244  C CD  . GLU A 1 30 ? -3.017  15.397  -1.626  1.00 80.61  ? 80   GLU A CD  1 
ATOM   245  O OE1 . GLU A 1 30 ? -1.989  16.119  -1.625  1.00 65.70  ? 80   GLU A OE1 1 
ATOM   246  O OE2 . GLU A 1 30 ? -3.978  15.569  -2.411  1.00 81.77  ? 80   GLU A OE2 1 
ATOM   247  N N   . MET A 1 31 ? -2.100  10.360  -1.109  1.00 36.52  ? 81   MET A N   1 
ATOM   248  C CA  . MET A 1 31 ? -2.797  9.222   -1.710  1.00 35.99  ? 81   MET A CA  1 
ATOM   249  C C   . MET A 1 31 ? -2.860  8.018   -0.771  1.00 36.74  ? 81   MET A C   1 
ATOM   250  O O   . MET A 1 31 ? -3.560  7.058   -1.069  1.00 36.69  ? 81   MET A O   1 
ATOM   251  C CB  . MET A 1 31 ? -2.155  8.829   -3.040  1.00 38.82  ? 81   MET A CB  1 
ATOM   252  C CG  . MET A 1 31 ? -2.503  9.758   -4.161  1.00 43.43  ? 81   MET A CG  1 
ATOM   253  S SD  . MET A 1 31 ? -1.721  9.224   -5.693  1.00 49.23  ? 81   MET A SD  1 
ATOM   254  C CE  . MET A 1 31 ? -0.305  9.939   -5.519  1.00 45.74  ? 81   MET A CE  1 
ATOM   255  N N   . GLY A 1 32 ? -2.109  8.064   0.323   1.00 31.69  ? 82   GLY A N   1 
ATOM   256  C CA  . GLY A 1 32 ? -2.106  7.017   1.338   1.00 31.11  ? 82   GLY A CA  1 
ATOM   257  C C   . GLY A 1 32 ? -1.082  5.910   1.197   1.00 35.12  ? 82   GLY A C   1 
ATOM   258  O O   . GLY A 1 32 ? -1.230  4.867   1.841   1.00 35.42  ? 82   GLY A O   1 
ATOM   259  N N   . PHE A 1 33 ? -0.025  6.116   0.387   1.00 29.59  ? 83   PHE A N   1 
ATOM   260  C CA  . PHE A 1 33 ? 1.029   5.104   0.220   1.00 28.32  ? 83   PHE A CA  1 
ATOM   261  C C   . PHE A 1 33 ? 1.995   5.059   1.373   1.00 34.36  ? 83   PHE A C   1 
ATOM   262  O O   . PHE A 1 33 ? 2.369   6.096   1.936   1.00 36.18  ? 83   PHE A O   1 
ATOM   263  C CB  . PHE A 1 33 ? 1.796   5.270   -1.108  1.00 28.98  ? 83   PHE A CB  1 
ATOM   264  C CG  . PHE A 1 33 ? 0.990   4.803   -2.288  1.00 29.71  ? 83   PHE A CG  1 
ATOM   265  C CD1 . PHE A 1 33 ? 0.906   3.443   -2.603  1.00 30.71  ? 83   PHE A CD1 1 
ATOM   266  C CD2 . PHE A 1 33 ? 0.243   5.706   -3.039  1.00 29.91  ? 83   PHE A CD2 1 
ATOM   267  C CE1 . PHE A 1 33 ? 0.142   3.004   -3.684  1.00 30.38  ? 83   PHE A CE1 1 
ATOM   268  C CE2 . PHE A 1 33 ? -0.533  5.265   -4.118  1.00 32.41  ? 83   PHE A CE2 1 
ATOM   269  C CZ  . PHE A 1 33 ? -0.568  3.917   -4.438  1.00 30.28  ? 83   PHE A CZ  1 
ATOM   270  N N   . THR A 1 34 ? 2.383   3.836   1.731   1.00 29.69  ? 84   THR A N   1 
ATOM   271  C CA  . THR A 1 34 ? 3.365   3.498   2.752   1.00 28.07  ? 84   THR A CA  1 
ATOM   272  C C   . THR A 1 34 ? 4.404   2.602   2.074   1.00 29.52  ? 84   THR A C   1 
ATOM   273  O O   . THR A 1 34 ? 4.128   2.011   1.031   1.00 27.92  ? 84   THR A O   1 
ATOM   274  C CB  . THR A 1 34 ? 2.731   2.782   3.985   1.00 29.48  ? 84   THR A CB  1 
ATOM   275  O OG1 . THR A 1 34 ? 2.360   1.445   3.653   1.00 29.20  ? 84   THR A OG1 1 
ATOM   276  C CG2 . THR A 1 34 ? 1.572   3.571   4.637   1.00 21.01  ? 84   THR A CG2 1 
ATOM   277  N N   . VAL A 1 35 ? 5.580   2.489   2.684   1.00 26.93  ? 85   VAL A N   1 
ATOM   278  C CA  . VAL A 1 35 ? 6.691   1.647   2.221   1.00 26.00  ? 85   VAL A CA  1 
ATOM   279  C C   . VAL A 1 35 ? 6.273   0.165   2.146   1.00 30.97  ? 85   VAL A C   1 
ATOM   280  O O   . VAL A 1 35 ? 6.559   -0.506  1.150   1.00 30.14  ? 85   VAL A O   1 
ATOM   281  C CB  . VAL A 1 35 ? 7.958   1.859   3.095   1.00 28.01  ? 85   VAL A CB  1 
ATOM   282  C CG1 . VAL A 1 35 ? 9.077   0.892   2.695   1.00 27.89  ? 85   VAL A CG1 1 
ATOM   283  C CG2 . VAL A 1 35 ? 8.430   3.310   3.020   1.00 27.05  ? 85   VAL A CG2 1 
ATOM   284  N N   . ASN A 1 36 ? 5.602   -0.340  3.198   1.00 29.08  ? 86   ASN A N   1 
ATOM   285  C CA  . ASN A 1 36 ? 5.122   -1.732  3.249   1.00 29.03  ? 86   ASN A CA  1 
ATOM   286  C C   . ASN A 1 36 ? 4.187   -2.077  2.099   1.00 32.11  ? 86   ASN A C   1 
ATOM   287  O O   . ASN A 1 36 ? 4.313   -3.150  1.509   1.00 31.78  ? 86   ASN A O   1 
ATOM   288  C CB  . ASN A 1 36 ? 4.483   -2.052  4.594   1.00 28.61  ? 86   ASN A CB  1 
ATOM   289  C CG  . ASN A 1 36 ? 5.491   -2.450  5.634   1.00 50.03  ? 86   ASN A CG  1 
ATOM   290  O OD1 . ASN A 1 36 ? 6.673   -2.235  5.475   1.00 43.40  ? 86   ASN A OD1 1 
ATOM   291  N ND2 . ASN A 1 36 ? 5.062   -3.130  6.676   1.00 46.81  ? 86   ASN A ND2 1 
ATOM   292  N N   . THR A 1 37 ? 3.307   -1.154  1.741   1.00 28.25  ? 87   THR A N   1 
ATOM   293  C CA  . THR A 1 37 ? 2.398   -1.328  0.617   1.00 27.33  ? 87   THR A CA  1 
ATOM   294  C C   . THR A 1 37 ? 3.185   -1.442  -0.687  1.00 29.98  ? 87   THR A C   1 
ATOM   295  O O   . THR A 1 37 ? 2.981   -2.400  -1.416  1.00 29.48  ? 87   THR A O   1 
ATOM   296  C CB  . THR A 1 37 ? 1.375   -0.199  0.583   1.00 29.88  ? 87   THR A CB  1 
ATOM   297  O OG1 . THR A 1 37 ? 0.549   -0.310  1.737   1.00 28.72  ? 87   THR A OG1 1 
ATOM   298  C CG2 . THR A 1 37 ? 0.532   -0.204  -0.694  1.00 24.28  ? 87   THR A CG2 1 
ATOM   299  N N   . LEU A 1 38 ? 4.079   -0.473  -0.957  1.00 26.25  ? 88   LEU A N   1 
ATOM   300  C CA  . LEU A 1 38 ? 4.913   -0.420  -2.167  1.00 26.35  ? 88   LEU A CA  1 
ATOM   301  C C   . LEU A 1 38 ? 5.793   -1.662  -2.363  1.00 29.30  ? 88   LEU A C   1 
ATOM   302  O O   . LEU A 1 38 ? 5.815   -2.199  -3.468  1.00 28.03  ? 88   LEU A O   1 
ATOM   303  C CB  . LEU A 1 38 ? 5.752   0.872   -2.215  1.00 26.55  ? 88   LEU A CB  1 
ATOM   304  C CG  . LEU A 1 38 ? 4.957   2.188   -2.284  1.00 30.65  ? 88   LEU A CG  1 
ATOM   305  C CD1 . LEU A 1 38 ? 5.815   3.366   -1.801  1.00 31.12  ? 88   LEU A CD1 1 
ATOM   306  C CD2 . LEU A 1 38 ? 4.391   2.449   -3.708  1.00 29.00  ? 88   LEU A CD2 1 
ATOM   307  N N   . VAL A 1 39 ? 6.435   -2.171  -1.295  1.00 27.39  ? 89   VAL A N   1 
ATOM   308  C CA  . VAL A 1 39 ? 7.294   -3.374  -1.407  1.00 28.78  ? 89   VAL A CA  1 
ATOM   309  C C   . VAL A 1 39 ? 6.521   -4.686  -1.673  1.00 33.11  ? 89   VAL A C   1 
ATOM   310  O O   . VAL A 1 39 ? 7.118   -5.698  -2.061  1.00 33.48  ? 89   VAL A O   1 
ATOM   311  C CB  . VAL A 1 39 ? 8.401   -3.515  -0.327  1.00 32.70  ? 89   VAL A CB  1 
ATOM   312  C CG1 . VAL A 1 39 ? 9.191   -2.211  -0.182  1.00 32.40  ? 89   VAL A CG1 1 
ATOM   313  C CG2 . VAL A 1 39 ? 7.838   -3.974  1.018   1.00 33.06  ? 89   VAL A CG2 1 
ATOM   314  N N   . ASN A 1 40 ? 5.199   -4.654  -1.493  1.00 27.82  ? 90   ASN A N   1 
ATOM   315  C CA  . ASN A 1 40 ? 4.378   -5.825  -1.734  1.00 27.72  ? 90   ASN A CA  1 
ATOM   316  C C   . ASN A 1 40 ? 3.574   -5.717  -3.016  1.00 32.36  ? 90   ASN A C   1 
ATOM   317  O O   . ASN A 1 40 ? 2.766   -6.605  -3.306  1.00 32.06  ? 90   ASN A O   1 
ATOM   318  C CB  . ASN A 1 40 ? 3.499   -6.102  -0.514  1.00 30.13  ? 90   ASN A CB  1 
ATOM   319  C CG  . ASN A 1 40 ? 4.237   -6.862  0.539   1.00 41.57  ? 90   ASN A CG  1 
ATOM   320  O OD1 . ASN A 1 40 ? 4.446   -8.065  0.416   1.00 32.64  ? 90   ASN A OD1 1 
ATOM   321  N ND2 . ASN A 1 40 ? 4.771   -6.153  1.504   1.00 37.67  ? 90   ASN A ND2 1 
ATOM   322  N N   . MET A 1 41 ? 3.790   -4.621  -3.790  1.00 27.07  ? 91   MET A N   1 
ATOM   323  C CA  . MET A 1 41 ? 3.094   -4.401  -5.058  1.00 26.21  ? 91   MET A CA  1 
ATOM   324  C C   . MET A 1 41 ? 3.896   -5.008  -6.196  1.00 30.09  ? 91   MET A C   1 
ATOM   325  O O   . MET A 1 41 ? 5.106   -5.098  -6.101  1.00 28.99  ? 91   MET A O   1 
ATOM   326  C CB  . MET A 1 41 ? 2.888   -2.891  -5.311  1.00 27.23  ? 91   MET A CB  1 
ATOM   327  C CG  . MET A 1 41 ? 1.707   -2.327  -4.552  1.00 28.92  ? 91   MET A CG  1 
ATOM   328  S SD  . MET A 1 41 ? 1.671   -0.506  -4.477  1.00 31.53  ? 91   MET A SD  1 
ATOM   329  C CE  . MET A 1 41 ? 1.520   -0.092  -6.207  1.00 28.05  ? 91   MET A CE  1 
ATOM   330  N N   . THR A 1 42 ? 3.236   -5.388  -7.285  1.00 27.99  ? 92   THR A N   1 
ATOM   331  C CA  . THR A 1 42 ? 3.969   -5.940  -8.423  1.00 28.91  ? 92   THR A CA  1 
ATOM   332  C C   . THR A 1 42 ? 4.539   -4.784  -9.265  1.00 33.95  ? 92   THR A C   1 
ATOM   333  O O   . THR A 1 42 ? 4.120   -3.630  -9.101  1.00 32.21  ? 92   THR A O   1 
ATOM   334  C CB  . THR A 1 42 ? 3.055   -6.835  -9.284  1.00 33.18  ? 92   THR A CB  1 
ATOM   335  O OG1 . THR A 1 42 ? 2.018   -6.034  -9.831  1.00 31.72  ? 92   THR A OG1 1 
ATOM   336  C CG2 . THR A 1 42 ? 2.469   -8.043  -8.514  1.00 29.60  ? 92   THR A CG2 1 
ATOM   337  N N   . GLU A 1 43 ? 5.457   -5.106  -10.192 1.00 31.34  ? 93   GLU A N   1 
ATOM   338  C CA  . GLU A 1 43 ? 6.023   -4.136  -11.149 1.00 31.84  ? 93   GLU A CA  1 
ATOM   339  C C   . GLU A 1 43 ? 4.919   -3.470  -11.965 1.00 33.53  ? 93   GLU A C   1 
ATOM   340  O O   . GLU A 1 43 ? 4.981   -2.260  -12.207 1.00 32.29  ? 93   GLU A O   1 
ATOM   341  C CB  . GLU A 1 43 ? 6.986   -4.843  -12.112 1.00 33.44  ? 93   GLU A CB  1 
ATOM   342  C CG  . GLU A 1 43 ? 8.259   -5.300  -11.422 1.00 42.17  ? 93   GLU A CG  1 
ATOM   343  C CD  . GLU A 1 43 ? 9.442   -4.376  -11.603 1.00 55.81  ? 93   GLU A CD  1 
ATOM   344  O OE1 . GLU A 1 43 ? 9.463   -3.627  -12.608 1.00 52.08  ? 93   GLU A OE1 1 
ATOM   345  O OE2 . GLU A 1 43 ? 10.388  -4.464  -10.788 1.00 45.39  ? 93   GLU A OE2 1 
ATOM   346  N N   . GLN A 1 44 ? 3.896   -4.263  -12.369 1.00 29.95  ? 94   GLN A N   1 
ATOM   347  C CA  . GLN A 1 44 ? 2.742   -3.763  -13.131 1.00 30.01  ? 94   GLN A CA  1 
ATOM   348  C C   . GLN A 1 44 ? 1.896   -2.787  -12.291 1.00 32.53  ? 94   GLN A C   1 
ATOM   349  O O   . GLN A 1 44 ? 1.452   -1.774  -12.822 1.00 32.82  ? 94   GLN A O   1 
ATOM   350  C CB  . GLN A 1 44 ? 1.882   -4.920  -13.686 1.00 31.69  ? 94   GLN A CB  1 
ATOM   351  C CG  . GLN A 1 44 ? 0.716   -4.481  -14.615 1.00 47.46  ? 94   GLN A CG  1 
ATOM   352  C CD  . GLN A 1 44 ? 1.158   -3.604  -15.777 1.00 70.99  ? 94   GLN A CD  1 
ATOM   353  O OE1 . GLN A 1 44 ? 2.033   -3.975  -16.575 1.00 68.86  ? 94   GLN A OE1 1 
ATOM   354  N NE2 . GLN A 1 44 ? 0.576   -2.405  -15.881 1.00 61.07  ? 94   GLN A NE2 1 
ATOM   355  N N   . GLU A 1 45 ? 1.704   -3.072  -10.984 1.00 28.58  ? 95   GLU A N   1 
ATOM   356  C CA  . GLU A 1 45 ? 0.931   -2.201  -10.077 1.00 27.01  ? 95   GLU A CA  1 
ATOM   357  C C   . GLU A 1 45 ? 1.667   -0.886  -9.851  1.00 29.03  ? 95   GLU A C   1 
ATOM   358  O O   . GLU A 1 45 ? 1.041   0.168   -9.808  1.00 27.61  ? 95   GLU A O   1 
ATOM   359  C CB  . GLU A 1 45 ? 0.602   -2.917  -8.756  1.00 27.72  ? 95   GLU A CB  1 
ATOM   360  C CG  . GLU A 1 45 ? -0.372  -4.077  -8.956  1.00 32.27  ? 95   GLU A CG  1 
ATOM   361  C CD  . GLU A 1 45 ? -0.555  -5.004  -7.766  1.00 39.43  ? 95   GLU A CD  1 
ATOM   362  O OE1 . GLU A 1 45 ? 0.305   -4.994  -6.863  1.00 32.58  ? 95   GLU A OE1 1 
ATOM   363  O OE2 . GLU A 1 45 ? -1.554  -5.753  -7.739  1.00 45.49  ? 95   GLU A OE2 1 
ATOM   364  N N   . LEU A 1 46 ? 3.002   -0.944  -9.774  1.00 27.09  ? 96   LEU A N   1 
ATOM   365  C CA  . LEU A 1 46 ? 3.831   0.262   -9.654  1.00 27.41  ? 96   LEU A CA  1 
ATOM   366  C C   . LEU A 1 46 ? 3.726   1.101   -10.946 1.00 31.81  ? 96   LEU A C   1 
ATOM   367  O O   . LEU A 1 46 ? 3.593   2.323   -10.846 1.00 30.13  ? 96   LEU A O   1 
ATOM   368  C CB  . LEU A 1 46 ? 5.276   -0.080  -9.309  1.00 27.78  ? 96   LEU A CB  1 
ATOM   369  C CG  . LEU A 1 46 ? 5.469   -0.760  -7.941  1.00 34.16  ? 96   LEU A CG  1 
ATOM   370  C CD1 . LEU A 1 46 ? 6.782   -1.546  -7.886  1.00 34.52  ? 96   LEU A CD1 1 
ATOM   371  C CD2 . LEU A 1 46 ? 5.357   0.252   -6.771  1.00 37.63  ? 96   LEU A CD2 1 
ATOM   372  N N   . ASP A 1 47 ? 3.667   0.442   -12.149 1.00 28.49  ? 97   ASP A N   1 
ATOM   373  C CA  . ASP A 1 47 ? 3.472   1.149   -13.430 1.00 28.79  ? 97   ASP A CA  1 
ATOM   374  C C   . ASP A 1 47 ? 2.132   1.890   -13.450 1.00 32.18  ? 97   ASP A C   1 
ATOM   375  O O   . ASP A 1 47 ? 2.067   3.033   -13.898 1.00 30.89  ? 97   ASP A O   1 
ATOM   376  C CB  . ASP A 1 47 ? 3.559   0.190   -14.634 1.00 31.05  ? 97   ASP A CB  1 
ATOM   377  C CG  . ASP A 1 47 ? 4.952   -0.358  -14.893 1.00 41.71  ? 97   ASP A CG  1 
ATOM   378  O OD1 . ASP A 1 47 ? 5.932   0.368   -14.625 1.00 40.15  ? 97   ASP A OD1 1 
ATOM   379  O OD2 . ASP A 1 47 ? 5.058   -1.509  -15.386 1.00 52.21  ? 97   ASP A OD2 1 
ATOM   380  N N   . ASP A 1 48 ? 1.063   1.216   -12.963 1.00 29.32  ? 98   ASP A N   1 
ATOM   381  C CA  . ASP A 1 48 ? -0.289  1.752   -12.872 1.00 27.93  ? 98   ASP A CA  1 
ATOM   382  C C   . ASP A 1 48 ? -0.351  2.990   -11.967 1.00 33.02  ? 98   ASP A C   1 
ATOM   383  O O   . ASP A 1 48 ? -1.032  3.964   -12.303 1.00 33.97  ? 98   ASP A O   1 
ATOM   384  C CB  . ASP A 1 48 ? -1.260  0.664   -12.368 1.00 29.00  ? 98   ASP A CB  1 
ATOM   385  C CG  . ASP A 1 48 ? -1.438  -0.575  -13.256 1.00 36.49  ? 98   ASP A CG  1 
ATOM   386  O OD1 . ASP A 1 48 ? -1.099  -0.510  -14.463 1.00 37.11  ? 98   ASP A OD1 1 
ATOM   387  O OD2 . ASP A 1 48 ? -1.891  -1.608  -12.739 1.00 42.97  ? 98   ASP A OD2 1 
ATOM   388  N N   . VAL A 1 49 ? 0.328   2.943   -10.806 1.00 28.08  ? 99   VAL A N   1 
ATOM   389  C CA  . VAL A 1 49 ? 0.355   4.078   -9.883  1.00 26.54  ? 99   VAL A CA  1 
ATOM   390  C C   . VAL A 1 49 ? 1.136   5.254   -10.511 1.00 27.50  ? 99   VAL A C   1 
ATOM   391  O O   . VAL A 1 49 ? 0.740   6.399   -10.360 1.00 26.23  ? 99   VAL A O   1 
ATOM   392  C CB  . VAL A 1 49 ? 0.891   3.645   -8.491  1.00 29.68  ? 99   VAL A CB  1 
ATOM   393  C CG1 . VAL A 1 49 ? 1.182   4.845   -7.595  1.00 28.78  ? 99   VAL A CG1 1 
ATOM   394  C CG2 . VAL A 1 49 ? -0.111  2.720   -7.818  1.00 29.53  ? 99   VAL A CG2 1 
ATOM   395  N N   . ILE A 1 50 ? 2.219   4.965   -11.219 1.00 25.52  ? 100  ILE A N   1 
ATOM   396  C CA  . ILE A 1 50 ? 3.006   5.994   -11.894 1.00 28.19  ? 100  ILE A CA  1 
ATOM   397  C C   . ILE A 1 50 ? 2.135   6.732   -12.943 1.00 35.29  ? 100  ILE A C   1 
ATOM   398  O O   . ILE A 1 50 ? 2.101   7.968   -12.958 1.00 34.11  ? 100  ILE A O   1 
ATOM   399  C CB  . ILE A 1 50 ? 4.347   5.425   -12.426 1.00 30.97  ? 100  ILE A CB  1 
ATOM   400  C CG1 . ILE A 1 50 ? 5.314   5.195   -11.237 1.00 30.72  ? 100  ILE A CG1 1 
ATOM   401  C CG2 . ILE A 1 50 ? 4.975   6.362   -13.463 1.00 32.14  ? 100  ILE A CG2 1 
ATOM   402  C CD1 . ILE A 1 50 ? 6.456   4.166   -11.491 1.00 33.02  ? 100  ILE A CD1 1 
ATOM   403  N N   . ARG A 1 51 ? 1.350   5.963   -13.710 1.00 34.19  ? 101  ARG A N   1 
ATOM   404  C CA  . ARG A 1 51 ? 0.401   6.472   -14.698 1.00 35.11  ? 101  ARG A CA  1 
ATOM   405  C C   . ARG A 1 51 ? -0.714  7.308   -14.002 1.00 40.02  ? 101  ARG A C   1 
ATOM   406  O O   . ARG A 1 51 ? -1.089  8.370   -14.503 1.00 42.57  ? 101  ARG A O   1 
ATOM   407  C CB  . ARG A 1 51 ? -0.204  5.286   -15.463 1.00 35.28  ? 101  ARG A CB  1 
ATOM   408  C CG  . ARG A 1 51 ? -0.648  5.604   -16.879 1.00 52.05  ? 101  ARG A CG  1 
ATOM   409  C CD  . ARG A 1 51 ? -1.220  4.372   -17.593 1.00 69.04  ? 101  ARG A CD  1 
ATOM   410  N NE  . ARG A 1 51 ? -0.268  3.252   -17.670 1.00 73.54  ? 101  ARG A NE  1 
ATOM   411  C CZ  . ARG A 1 51 ? -0.395  2.103   -17.005 1.00 81.01  ? 101  ARG A CZ  1 
ATOM   412  N NH1 . ARG A 1 51 ? -1.438  1.901   -16.203 1.00 60.82  ? 101  ARG A NH1 1 
ATOM   413  N NH2 . ARG A 1 51 ? 0.521   1.151   -17.133 1.00 61.96  ? 101  ARG A NH2 1 
ATOM   414  N N   . THR A 1 52 ? -1.230  6.821   -12.866 1.00 33.79  ? 102  THR A N   1 
ATOM   415  C CA  . THR A 1 52 ? -2.252  7.462   -12.020 1.00 33.54  ? 102  THR A CA  1 
ATOM   416  C C   . THR A 1 52 ? -1.737  8.845   -11.516 1.00 38.01  ? 102  THR A C   1 
ATOM   417  O O   . THR A 1 52 ? -2.471  9.824   -11.563 1.00 36.88  ? 102  THR A O   1 
ATOM   418  C CB  . THR A 1 52 ? -2.615  6.467   -10.881 1.00 39.09  ? 102  THR A CB  1 
ATOM   419  O OG1 . THR A 1 52 ? -3.281  5.359   -11.474 1.00 43.46  ? 102  THR A OG1 1 
ATOM   420  C CG2 . THR A 1 52 ? -3.497  7.053   -9.790  1.00 38.30  ? 102  THR A CG2 1 
ATOM   421  N N   . LEU A 1 53 ? -0.481  8.911   -11.040 1.00 34.30  ? 103  LEU A N   1 
ATOM   422  C CA  . LEU A 1 53 ? 0.126   10.158  -10.582 1.00 33.01  ? 103  LEU A CA  1 
ATOM   423  C C   . LEU A 1 53 ? 0.049   11.264  -11.665 1.00 35.74  ? 103  LEU A C   1 
ATOM   424  O O   . LEU A 1 53 ? -0.351  12.393  -11.370 1.00 33.68  ? 103  LEU A O   1 
ATOM   425  C CB  . LEU A 1 53 ? 1.582   9.911   -10.168 1.00 32.51  ? 103  LEU A CB  1 
ATOM   426  C CG  . LEU A 1 53 ? 1.818   9.354   -8.773  1.00 36.80  ? 103  LEU A CG  1 
ATOM   427  C CD1 . LEU A 1 53 ? 3.233   8.757   -8.656  1.00 37.01  ? 103  LEU A CD1 1 
ATOM   428  C CD2 . LEU A 1 53 ? 1.657   10.420  -7.745  1.00 37.28  ? 103  LEU A CD2 1 
ATOM   429  N N   . VAL A 1 54 ? 0.410   10.922  -12.914 1.00 32.92  ? 104  VAL A N   1 
ATOM   430  C CA  . VAL A 1 54 ? 0.431   11.838  -14.065 1.00 33.01  ? 104  VAL A CA  1 
ATOM   431  C C   . VAL A 1 54 ? -0.992  12.133  -14.567 1.00 39.19  ? 104  VAL A C   1 
ATOM   432  O O   . VAL A 1 54 ? -1.356  13.294  -14.684 1.00 39.98  ? 104  VAL A O   1 
ATOM   433  C CB  . VAL A 1 54 ? 1.319   11.281  -15.232 1.00 36.36  ? 104  VAL A CB  1 
ATOM   434  C CG1 . VAL A 1 54 ? 1.241   12.175  -16.474 1.00 35.83  ? 104  VAL A CG1 1 
ATOM   435  C CG2 . VAL A 1 54 ? 2.770   11.074  -14.801 1.00 35.50  ? 104  VAL A CG2 1 
ATOM   436  N N   . ASP A 1 55 ? -1.766  11.087  -14.918 1.00 36.81  ? 105  ASP A N   1 
ATOM   437  C CA  . ASP A 1 55 ? -3.107  11.214  -15.505 1.00 36.59  ? 105  ASP A CA  1 
ATOM   438  C C   . ASP A 1 55 ? -4.194  11.766  -14.591 1.00 38.50  ? 105  ASP A C   1 
ATOM   439  O O   . ASP A 1 55 ? -4.982  12.591  -15.033 1.00 37.97  ? 105  ASP A O   1 
ATOM   440  C CB  . ASP A 1 55 ? -3.565  9.882   -16.138 1.00 38.51  ? 105  ASP A CB  1 
ATOM   441  C CG  . ASP A 1 55 ? -2.729  9.369   -17.312 1.00 46.61  ? 105  ASP A CG  1 
ATOM   442  O OD1 . ASP A 1 55 ? -1.835  10.116  -17.790 1.00 46.20  ? 105  ASP A OD1 1 
ATOM   443  O OD2 . ASP A 1 55 ? -2.998  8.241   -17.783 1.00 53.20  ? 105  ASP A OD2 1 
ATOM   444  N N   . ILE A 1 56 ? -4.274  11.292  -13.348 1.00 33.58  ? 106  ILE A N   1 
ATOM   445  C CA  . ILE A 1 56 ? -5.342  11.695  -12.439 1.00 33.64  ? 106  ILE A CA  1 
ATOM   446  C C   . ILE A 1 56 ? -4.920  12.796  -11.485 1.00 37.86  ? 106  ILE A C   1 
ATOM   447  O O   . ILE A 1 56 ? -5.669  13.758  -11.278 1.00 37.16  ? 106  ILE A O   1 
ATOM   448  C CB  . ILE A 1 56 ? -5.902  10.437  -11.699 1.00 36.60  ? 106  ILE A CB  1 
ATOM   449  C CG1 . ILE A 1 56 ? -6.407  9.379   -12.719 1.00 37.42  ? 106  ILE A CG1 1 
ATOM   450  C CG2 . ILE A 1 56 ? -6.999  10.798  -10.678 1.00 34.69  ? 106  ILE A CG2 1 
ATOM   451  C CD1 . ILE A 1 56 ? -6.376  7.990   -12.206 1.00 48.77  ? 106  ILE A CD1 1 
ATOM   452  N N   . TYR A 1 57 ? -3.742  12.626  -10.876 1.00 33.88  ? 107  TYR A N   1 
ATOM   453  C CA  . TYR A 1 57 ? -3.217  13.502  -9.841  1.00 34.73  ? 107  TYR A CA  1 
ATOM   454  C C   . TYR A 1 57 ? -2.415  14.678  -10.365 1.00 41.90  ? 107  TYR A C   1 
ATOM   455  O O   . TYR A 1 57 ? -2.109  15.625  -9.628  1.00 42.09  ? 107  TYR A O   1 
ATOM   456  C CB  . TYR A 1 57 ? -2.545  12.673  -8.731  1.00 35.36  ? 107  TYR A CB  1 
ATOM   457  C CG  . TYR A 1 57 ? -3.567  11.812  -8.013  1.00 37.22  ? 107  TYR A CG  1 
ATOM   458  C CD1 . TYR A 1 57 ? -4.350  12.338  -6.988  1.00 38.55  ? 107  TYR A CD1 1 
ATOM   459  C CD2 . TYR A 1 57 ? -3.851  10.517  -8.448  1.00 39.01  ? 107  TYR A CD2 1 
ATOM   460  C CE1 . TYR A 1 57 ? -5.335  11.571  -6.359  1.00 39.36  ? 107  TYR A CE1 1 
ATOM   461  C CE2 . TYR A 1 57 ? -4.859  9.750   -7.845  1.00 39.92  ? 107  TYR A CE2 1 
ATOM   462  C CZ  . TYR A 1 57 ? -5.594  10.281  -6.796  1.00 48.90  ? 107  TYR A CZ  1 
ATOM   463  O OH  . TYR A 1 57 ? -6.578  9.540   -6.173  1.00 53.63  ? 107  TYR A OH  1 
ATOM   464  N N   . ARG A 1 58 ? -2.158  14.648  -11.678 1.00 40.18  ? 108  ARG A N   1 
ATOM   465  C CA  . ARG A 1 58 ? -1.474  15.698  -12.437 1.00 40.86  ? 108  ARG A CA  1 
ATOM   466  C C   . ARG A 1 58 ? -0.116  16.078  -11.859 1.00 43.19  ? 108  ARG A C   1 
ATOM   467  O O   . ARG A 1 58 ? 0.291   17.239  -11.935 1.00 42.74  ? 108  ARG A O   1 
ATOM   468  C CB  . ARG A 1 58 ? -2.396  16.922  -12.698 1.00 42.12  ? 108  ARG A CB  1 
ATOM   469  C CG  . ARG A 1 58 ? -3.796  16.545  -13.198 1.00 51.88  ? 108  ARG A CG  1 
ATOM   470  C CD  . ARG A 1 58 ? -4.409  17.607  -14.085 1.00 59.14  ? 108  ARG A CD  1 
ATOM   471  N NE  . ARG A 1 58 ? -4.413  17.128  -15.461 1.00 71.25  ? 108  ARG A NE  1 
ATOM   472  C CZ  . ARG A 1 58 ? -4.047  17.832  -16.528 1.00 75.12  ? 108  ARG A CZ  1 
ATOM   473  N NH1 . ARG A 1 58 ? -3.690  19.106  -16.404 1.00 43.84  ? 108  ARG A NH1 1 
ATOM   474  N NH2 . ARG A 1 58 ? -4.075  17.282  -17.730 1.00 65.61  ? 108  ARG A NH2 1 
ATOM   475  N N   . VAL A 1 59 ? 0.614   15.078  -11.330 1.00 38.57  ? 109  VAL A N   1 
ATOM   476  C CA  . VAL A 1 59 ? 1.949   15.345  -10.815 1.00 37.64  ? 109  VAL A CA  1 
ATOM   477  C C   . VAL A 1 59 ? 2.932   15.404  -11.990 1.00 36.27  ? 109  VAL A C   1 
ATOM   478  O O   . VAL A 1 59 ? 2.803   14.645  -12.949 1.00 32.80  ? 109  VAL A O   1 
ATOM   479  C CB  . VAL A 1 59 ? 2.421   14.469  -9.595  1.00 41.90  ? 109  VAL A CB  1 
ATOM   480  C CG1 . VAL A 1 59 ? 1.252   13.980  -8.758  1.00 41.09  ? 109  VAL A CG1 1 
ATOM   481  C CG2 . VAL A 1 59 ? 3.287   13.304  -10.013 1.00 41.96  ? 109  VAL A CG2 1 
ATOM   482  N N   . ASP A 1 60 ? 3.844   16.361  -11.961 1.00 34.03  ? 110  ASP A N   1 
ATOM   483  C CA  . ASP A 1 60 ? 4.844   16.448  -13.016 1.00 34.85  ? 110  ASP A CA  1 
ATOM   484  C C   . ASP A 1 60 ? 6.003   15.510  -12.646 1.00 39.47  ? 110  ASP A C   1 
ATOM   485  O O   . ASP A 1 60 ? 6.671   15.716  -11.619 1.00 39.06  ? 110  ASP A O   1 
ATOM   486  C CB  . ASP A 1 60 ? 5.338   17.892  -13.192 1.00 37.35  ? 110  ASP A CB  1 
ATOM   487  C CG  . ASP A 1 60 ? 6.368   18.058  -14.295 1.00 50.25  ? 110  ASP A CG  1 
ATOM   488  O OD1 . ASP A 1 60 ? 6.140   17.522  -15.416 1.00 49.27  ? 110  ASP A OD1 1 
ATOM   489  O OD2 . ASP A 1 60 ? 7.391   18.729  -14.049 1.00 60.97  ? 110  ASP A OD2 1 
ATOM   490  N N   . LEU A 1 61 ? 6.179   14.446  -13.425 1.00 36.32  ? 111  LEU A N   1 
ATOM   491  C CA  . LEU A 1 61 ? 7.261   13.485  -13.192 1.00 36.50  ? 111  LEU A CA  1 
ATOM   492  C C   . LEU A 1 61 ? 8.317   13.598  -14.277 1.00 39.99  ? 111  LEU A C   1 
ATOM   493  O O   . LEU A 1 61 ? 7.990   13.474  -15.458 1.00 38.04  ? 111  LEU A O   1 
ATOM   494  C CB  . LEU A 1 61 ? 6.752   12.032  -13.171 1.00 36.33  ? 111  LEU A CB  1 
ATOM   495  C CG  . LEU A 1 61 ? 5.802   11.632  -12.057 1.00 40.19  ? 111  LEU A CG  1 
ATOM   496  C CD1 . LEU A 1 61 ? 5.301   10.216  -12.274 1.00 39.16  ? 111  LEU A CD1 1 
ATOM   497  C CD2 . LEU A 1 61 ? 6.461   11.748  -10.716 1.00 41.29  ? 111  LEU A CD2 1 
ATOM   498  N N   . LEU A 1 62 ? 9.592   13.772  -13.876 1.00 37.96  ? 112  LEU A N   1 
ATOM   499  C CA  . LEU A 1 62 ? 10.733  13.748  -14.802 1.00 37.25  ? 112  LEU A CA  1 
ATOM   500  C C   . LEU A 1 62 ? 10.875  12.292  -15.237 1.00 40.77  ? 112  LEU A C   1 
ATOM   501  O O   . LEU A 1 62 ? 10.314  11.408  -14.577 1.00 40.37  ? 112  LEU A O   1 
ATOM   502  C CB  . LEU A 1 62 ? 12.027  14.241  -14.108 1.00 36.53  ? 112  LEU A CB  1 
ATOM   503  C CG  . LEU A 1 62 ? 11.985  15.639  -13.465 1.00 40.93  ? 112  LEU A CG  1 
ATOM   504  C CD1 . LEU A 1 62 ? 13.250  15.925  -12.689 1.00 40.80  ? 112  LEU A CD1 1 
ATOM   505  C CD2 . LEU A 1 62 ? 11.762  16.743  -14.497 1.00 42.61  ? 112  LEU A CD2 1 
ATOM   506  N N   . VAL A 1 63 ? 11.567  12.034  -16.351 1.00 38.55  ? 113  VAL A N   1 
ATOM   507  C CA  . VAL A 1 63 ? 11.776  10.667  -16.875 1.00 38.36  ? 113  VAL A CA  1 
ATOM   508  C C   . VAL A 1 63 ? 12.515  9.782   -15.852 1.00 40.20  ? 113  VAL A C   1 
ATOM   509  O O   . VAL A 1 63 ? 12.057  8.671   -15.581 1.00 40.34  ? 113  VAL A O   1 
ATOM   510  C CB  . VAL A 1 63 ? 12.455  10.678  -18.280 1.00 43.29  ? 113  VAL A CB  1 
ATOM   511  C CG1 . VAL A 1 63 ? 12.625  9.267   -18.843 1.00 43.10  ? 113  VAL A CG1 1 
ATOM   512  C CG2 . VAL A 1 63 ? 11.657  11.533  -19.257 1.00 43.59  ? 113  VAL A CG2 1 
ATOM   513  N N   . GLY A 1 64 ? 13.602  10.309  -15.266 1.00 35.66  ? 114  GLY A N   1 
ATOM   514  C CA  . GLY A 1 64 ? 14.429  9.619   -14.268 1.00 34.39  ? 114  GLY A CA  1 
ATOM   515  C C   . GLY A 1 64 ? 13.741  9.366   -12.936 1.00 35.50  ? 114  GLY A C   1 
ATOM   516  O O   . GLY A 1 64 ? 14.116  8.447   -12.196 1.00 34.40  ? 114  GLY A O   1 
ATOM   517  N N   . GLU A 1 65 ? 12.746  10.212  -12.609 1.00 30.89  ? 115  GLU A N   1 
ATOM   518  C CA  . GLU A 1 65 ? 11.871  10.107  -11.431 1.00 30.37  ? 115  GLU A CA  1 
ATOM   519  C C   . GLU A 1 65 ? 10.947  8.861   -11.579 1.00 32.02  ? 115  GLU A C   1 
ATOM   520  O O   . GLU A 1 65 ? 10.762  8.117   -10.610 1.00 32.38  ? 115  GLU A O   1 
ATOM   521  C CB  . GLU A 1 65 ? 11.045  11.392  -11.344 1.00 31.87  ? 115  GLU A CB  1 
ATOM   522  C CG  . GLU A 1 65 ? 10.307  11.587  -10.053 1.00 38.06  ? 115  GLU A CG  1 
ATOM   523  C CD  . GLU A 1 65 ? 9.836   13.004  -9.799  1.00 46.62  ? 115  GLU A CD  1 
ATOM   524  O OE1 . GLU A 1 65 ? 9.699   13.811  -10.751 1.00 34.23  ? 115  GLU A OE1 1 
ATOM   525  O OE2 . GLU A 1 65 ? 9.579   13.292  -8.611  1.00 32.95  ? 115  GLU A OE2 1 
ATOM   526  N N   . LYS A 1 66 ? 10.414  8.609   -12.802 1.00 27.08  ? 116  LYS A N   1 
ATOM   527  C CA  . LYS A 1 66 ? 9.577   7.424   -13.087 1.00 27.41  ? 116  LYS A CA  1 
ATOM   528  C C   . LYS A 1 66 ? 10.416  6.149   -12.916 1.00 32.15  ? 116  LYS A C   1 
ATOM   529  O O   . LYS A 1 66 ? 9.968   5.198   -12.274 1.00 32.25  ? 116  LYS A O   1 
ATOM   530  C CB  . LYS A 1 66 ? 8.974   7.468   -14.515 1.00 29.84  ? 116  LYS A CB  1 
ATOM   531  C CG  . LYS A 1 66 ? 7.874   8.522   -14.694 1.00 42.49  ? 116  LYS A CG  1 
ATOM   532  C CD  . LYS A 1 66 ? 7.252   8.492   -16.083 1.00 51.51  ? 116  LYS A CD  1 
ATOM   533  C CE  . LYS A 1 66 ? 6.235   9.596   -16.242 1.00 61.58  ? 116  LYS A CE  1 
ATOM   534  N NZ  . LYS A 1 66 ? 5.666   9.645   -17.614 1.00 69.53  ? 116  LYS A NZ  1 
ATOM   535  N N   . TYR A 1 67 ? 11.643  6.151   -13.473 1.00 26.80  ? 117  TYR A N   1 
ATOM   536  C CA  . TYR A 1 67 ? 12.589  5.045   -13.323 1.00 26.47  ? 117  TYR A CA  1 
ATOM   537  C C   . TYR A 1 67 ? 13.071  4.903   -11.861 1.00 28.80  ? 117  TYR A C   1 
ATOM   538  O O   . TYR A 1 67 ? 13.236  3.780   -11.391 1.00 28.58  ? 117  TYR A O   1 
ATOM   539  C CB  . TYR A 1 67 ? 13.781  5.200   -14.295 1.00 26.37  ? 117  TYR A CB  1 
ATOM   540  C CG  . TYR A 1 67 ? 13.415  4.826   -15.711 1.00 27.13  ? 117  TYR A CG  1 
ATOM   541  C CD1 . TYR A 1 67 ? 13.270  3.489   -16.085 1.00 28.92  ? 117  TYR A CD1 1 
ATOM   542  C CD2 . TYR A 1 67 ? 13.160  5.803   -16.666 1.00 27.44  ? 117  TYR A CD2 1 
ATOM   543  C CE1 . TYR A 1 67 ? 12.885  3.138   -17.379 1.00 30.77  ? 117  TYR A CE1 1 
ATOM   544  C CE2 . TYR A 1 67 ? 12.788  5.464   -17.967 1.00 28.53  ? 117  TYR A CE2 1 
ATOM   545  C CZ  . TYR A 1 67 ? 12.669  4.128   -18.324 1.00 37.98  ? 117  TYR A CZ  1 
ATOM   546  O OH  . TYR A 1 67 ? 12.314  3.788   -19.608 1.00 37.46  ? 117  TYR A OH  1 
ATOM   547  N N   . GLY A 1 68 ? 13.237  6.033   -11.169 1.00 25.83  ? 118  GLY A N   1 
ATOM   548  C CA  . GLY A 1 68 ? 13.644  6.117   -9.759  1.00 25.48  ? 118  GLY A CA  1 
ATOM   549  C C   . GLY A 1 68 ? 12.693  5.472   -8.767  1.00 30.20  ? 118  GLY A C   1 
ATOM   550  O O   . GLY A 1 68 ? 13.137  4.810   -7.823  1.00 31.36  ? 118  GLY A O   1 
ATOM   551  N N   . ILE A 1 69 ? 11.372  5.652   -8.951  1.00 27.13  ? 119  ILE A N   1 
ATOM   552  C CA  . ILE A 1 69 ? 10.361  5.038   -8.057  1.00 26.03  ? 119  ILE A CA  1 
ATOM   553  C C   . ILE A 1 69 ? 10.481  3.536   -8.134  1.00 29.06  ? 119  ILE A C   1 
ATOM   554  O O   . ILE A 1 69 ? 10.543  2.870   -7.101  1.00 28.72  ? 119  ILE A O   1 
ATOM   555  C CB  . ILE A 1 69 ? 8.899   5.544   -8.355  1.00 28.90  ? 119  ILE A CB  1 
ATOM   556  C CG1 . ILE A 1 69 ? 8.729   7.048   -8.008  1.00 28.55  ? 119  ILE A CG1 1 
ATOM   557  C CG2 . ILE A 1 69 ? 7.799   4.654   -7.669  1.00 26.43  ? 119  ILE A CG2 1 
ATOM   558  C CD1 . ILE A 1 69 ? 7.568   7.748   -8.704  1.00 28.74  ? 119  ILE A CD1 1 
ATOM   559  N N   . LYS A 1 70 ? 10.578  3.002   -9.361  1.00 27.20  ? 120  LYS A N   1 
ATOM   560  C CA  . LYS A 1 70 ? 10.697  1.552   -9.595  1.00 27.10  ? 120  LYS A CA  1 
ATOM   561  C C   . LYS A 1 70 ? 12.015  0.986   -9.068  1.00 29.81  ? 120  LYS A C   1 
ATOM   562  O O   . LYS A 1 70 ? 12.009  -0.083  -8.472  1.00 31.24  ? 120  LYS A O   1 
ATOM   563  C CB  . LYS A 1 70 ? 10.563  1.227   -11.090 1.00 29.84  ? 120  LYS A CB  1 
ATOM   564  C CG  . LYS A 1 70 ? 9.255   1.677   -11.746 1.00 41.24  ? 120  LYS A CG  1 
ATOM   565  C CD  . LYS A 1 70 ? 8.119   0.644   -11.618 1.00 44.15  ? 120  LYS A CD  1 
ATOM   566  C CE  . LYS A 1 70 ? 8.367   -0.665  -12.347 1.00 47.69  ? 120  LYS A CE  1 
ATOM   567  N NZ  . LYS A 1 70 ? 8.661   -0.476  -13.801 1.00 49.87  ? 120  LYS A NZ  1 
ATOM   568  N N   . SER A 1 71 ? 13.135  1.684   -9.299  1.00 25.33  ? 121  SER A N   1 
ATOM   569  C CA  . SER A 1 71 ? 14.468  1.254   -8.845  1.00 25.12  ? 121  SER A CA  1 
ATOM   570  C C   . SER A 1 71 ? 14.563  1.231   -7.326  1.00 28.62  ? 121  SER A C   1 
ATOM   571  O O   . SER A 1 71 ? 15.169  0.308   -6.771  1.00 28.35  ? 121  SER A O   1 
ATOM   572  C CB  . SER A 1 71 ? 15.547  2.171   -9.420  1.00 26.73  ? 121  SER A CB  1 
ATOM   573  O OG  . SER A 1 71 ? 15.813  1.835   -10.772 1.00 29.57  ? 121  SER A OG  1 
ATOM   574  N N   . ALA A 1 72 ? 13.951  2.243   -6.653  1.00 24.63  ? 122  ALA A N   1 
ATOM   575  C CA  . ALA A 1 72 ? 13.954  2.343   -5.194  1.00 24.32  ? 122  ALA A CA  1 
ATOM   576  C C   . ALA A 1 72 ? 13.191  1.168   -4.584  1.00 27.38  ? 122  ALA A C   1 
ATOM   577  O O   . ALA A 1 72 ? 13.689  0.567   -3.640  1.00 25.63  ? 122  ALA A O   1 
ATOM   578  C CB  . ALA A 1 72 ? 13.343  3.669   -4.746  1.00 25.32  ? 122  ALA A CB  1 
ATOM   579  N N   . VAL A 1 73 ? 12.038  0.784   -5.181  1.00 26.05  ? 123  VAL A N   1 
ATOM   580  C CA  . VAL A 1 73 ? 11.234  -0.364  -4.712  1.00 26.57  ? 123  VAL A CA  1 
ATOM   581  C C   . VAL A 1 73 ? 11.978  -1.696  -4.995  1.00 32.15  ? 123  VAL A C   1 
ATOM   582  O O   . VAL A 1 73 ? 12.067  -2.532  -4.101  1.00 29.72  ? 123  VAL A O   1 
ATOM   583  C CB  . VAL A 1 73 ? 9.774   -0.330  -5.245  1.00 30.22  ? 123  VAL A CB  1 
ATOM   584  C CG1 . VAL A 1 73 ? 8.981   -1.575  -4.813  1.00 29.84  ? 123  VAL A CG1 1 
ATOM   585  C CG2 . VAL A 1 73 ? 9.059   0.934   -4.773  1.00 30.24  ? 123  VAL A CG2 1 
ATOM   586  N N   . ARG A 1 74 ? 12.581  -1.852  -6.202  1.00 32.54  ? 124  ARG A N   1 
ATOM   587  C CA  . ARG A 1 74 ? 13.372  -3.061  -6.531  1.00 33.23  ? 124  ARG A CA  1 
ATOM   588  C C   . ARG A 1 74 ? 14.491  -3.279  -5.545  1.00 35.69  ? 124  ARG A C   1 
ATOM   589  O O   . ARG A 1 74 ? 14.706  -4.409  -5.116  1.00 35.44  ? 124  ARG A O   1 
ATOM   590  C CB  . ARG A 1 74 ? 14.007  -2.968  -7.922  1.00 33.66  ? 124  ARG A CB  1 
ATOM   591  C CG  . ARG A 1 74 ? 13.046  -3.192  -9.037  1.00 43.74  ? 124  ARG A CG  1 
ATOM   592  C CD  . ARG A 1 74 ? 13.725  -2.888  -10.347 1.00 40.73  ? 124  ARG A CD  1 
ATOM   593  N NE  . ARG A 1 74 ? 12.770  -2.985  -11.440 1.00 35.87  ? 124  ARG A NE  1 
ATOM   594  C CZ  . ARG A 1 74 ? 13.000  -2.542  -12.667 1.00 49.08  ? 124  ARG A CZ  1 
ATOM   595  N NH1 . ARG A 1 74 ? 14.151  -1.945  -12.962 1.00 37.68  ? 124  ARG A NH1 1 
ATOM   596  N NH2 . ARG A 1 74 ? 12.082  -2.681  -13.607 1.00 34.28  ? 124  ARG A NH2 1 
ATOM   597  N N   . ALA A 1 75 ? 15.243  -2.204  -5.230  1.00 33.24  ? 125  ALA A N   1 
ATOM   598  C CA  . ALA A 1 75 ? 16.381  -2.258  -4.305  1.00 32.79  ? 125  ALA A CA  1 
ATOM   599  C C   . ALA A 1 75 ? 15.924  -2.631  -2.928  1.00 35.56  ? 125  ALA A C   1 
ATOM   600  O O   . ALA A 1 75 ? 16.591  -3.435  -2.270  1.00 37.51  ? 125  ALA A O   1 
ATOM   601  C CB  . ALA A 1 75 ? 17.097  -0.914  -4.263  1.00 33.92  ? 125  ALA A CB  1 
ATOM   602  N N   . GLU A 1 76 ? 14.784  -2.059  -2.478  1.00 29.94  ? 126  GLU A N   1 
ATOM   603  C CA  . GLU A 1 76 ? 14.244  -2.364  -1.157  1.00 28.19  ? 126  GLU A CA  1 
ATOM   604  C C   . GLU A 1 76 ? 13.769  -3.816  -1.071  1.00 31.51  ? 126  GLU A C   1 
ATOM   605  O O   . GLU A 1 76 ? 14.030  -4.459  -0.067  1.00 31.55  ? 126  GLU A O   1 
ATOM   606  C CB  . GLU A 1 76 ? 13.183  -1.343  -0.725  1.00 28.97  ? 126  GLU A CB  1 
ATOM   607  C CG  . GLU A 1 76 ? 12.622  -1.538  0.694   1.00 34.09  ? 126  GLU A CG  1 
ATOM   608  C CD  . GLU A 1 76 ? 13.559  -1.521  1.894   1.00 43.96  ? 126  GLU A CD  1 
ATOM   609  O OE1 . GLU A 1 76 ? 14.735  -1.111  1.762   1.00 34.70  ? 126  GLU A OE1 1 
ATOM   610  O OE2 . GLU A 1 76 ? 13.104  -1.922  2.985   1.00 39.83  ? 126  GLU A OE2 1 
ATOM   611  N N   . LYS A 1 77 ? 13.130  -4.334  -2.138  1.00 29.93  ? 127  LYS A N   1 
ATOM   612  C CA  . LYS A 1 77 ? 12.662  -5.725  -2.253  1.00 30.98  ? 127  LYS A CA  1 
ATOM   613  C C   . LYS A 1 77 ? 13.862  -6.673  -2.173  1.00 38.55  ? 127  LYS A C   1 
ATOM   614  O O   . LYS A 1 77 ? 13.821  -7.641  -1.421  1.00 38.01  ? 127  LYS A O   1 
ATOM   615  C CB  . LYS A 1 77 ? 11.918  -5.953  -3.581  1.00 32.55  ? 127  LYS A CB  1 
ATOM   616  C CG  . LYS A 1 77 ? 10.453  -5.531  -3.586  1.00 35.70  ? 127  LYS A CG  1 
ATOM   617  C CD  . LYS A 1 77 ? 9.811   -5.762  -4.986  1.00 37.12  ? 127  LYS A CD  1 
ATOM   618  C CE  . LYS A 1 77 ? 8.350   -5.344  -5.044  1.00 37.36  ? 127  LYS A CE  1 
ATOM   619  N NZ  . LYS A 1 77 ? 7.690   -5.658  -6.349  1.00 37.14  ? 127  LYS A NZ  1 
ATOM   620  N N   . ARG A 1 78 ? 14.957  -6.339  -2.888  1.00 37.14  ? 128  ARG A N   1 
ATOM   621  C CA  . ARG A 1 78 ? 16.191  -7.128  -2.876  1.00 37.42  ? 128  ARG A CA  1 
ATOM   622  C C   . ARG A 1 78 ? 16.873  -7.070  -1.495  1.00 42.23  ? 128  ARG A C   1 
ATOM   623  O O   . ARG A 1 78 ? 17.341  -8.101  -1.008  1.00 42.15  ? 128  ARG A O   1 
ATOM   624  C CB  . ARG A 1 78 ? 17.120  -6.672  -4.009  1.00 37.16  ? 128  ARG A CB  1 
ATOM   625  C CG  . ARG A 1 78 ? 18.387  -7.510  -4.168  1.00 50.10  ? 128  ARG A CG  1 
ATOM   626  C CD  . ARG A 1 78 ? 19.255  -7.053  -5.323  1.00 61.38  ? 128  ARG A CD  1 
ATOM   627  N NE  . ARG A 1 78 ? 19.776  -5.699  -5.116  1.00 73.42  ? 128  ARG A NE  1 
ATOM   628  C CZ  . ARG A 1 78 ? 19.333  -4.618  -5.754  1.00 80.06  ? 128  ARG A CZ  1 
ATOM   629  N NH1 . ARG A 1 78 ? 18.358  -4.721  -6.651  1.00 65.06  ? 128  ARG A NH1 1 
ATOM   630  N NH2 . ARG A 1 78 ? 19.860  -3.426  -5.499  1.00 55.22  ? 128  ARG A NH2 1 
ATOM   631  N N   . ARG A 1 79 ? 16.891  -5.886  -0.846  1.00 38.58  ? 129  ARG A N   1 
ATOM   632  C CA  . ARG A 1 79 ? 17.461  -5.736  0.497   1.00 38.13  ? 129  ARG A CA  1 
ATOM   633  C C   . ARG A 1 79 ? 16.676  -6.601  1.504   1.00 43.78  ? 129  ARG A C   1 
ATOM   634  O O   . ARG A 1 79 ? 17.300  -7.310  2.297   1.00 43.53  ? 129  ARG A O   1 
ATOM   635  C CB  . ARG A 1 79 ? 17.471  -4.262  0.930   1.00 36.35  ? 129  ARG A CB  1 
ATOM   636  C CG  . ARG A 1 79 ? 18.304  -3.976  2.172   1.00 31.81  ? 129  ARG A CG  1 
ATOM   637  C CD  . ARG A 1 79 ? 18.052  -2.581  2.739   1.00 36.43  ? 129  ARG A CD  1 
ATOM   638  N NE  . ARG A 1 79 ? 16.692  -2.430  3.288   1.00 41.89  ? 129  ARG A NE  1 
ATOM   639  C CZ  . ARG A 1 79 ? 16.298  -2.854  4.486   1.00 50.97  ? 129  ARG A CZ  1 
ATOM   640  N NH1 . ARG A 1 79 ? 17.148  -3.479  5.290   1.00 45.61  ? 129  ARG A NH1 1 
ATOM   641  N NH2 . ARG A 1 79 ? 15.048  -2.672  4.882   1.00 39.00  ? 129  ARG A NH2 1 
ATOM   642  N N   . LEU A 1 80 ? 15.326  -6.592  1.435   1.00 41.32  ? 130  LEU A N   1 
ATOM   643  C CA  . LEU A 1 80 ? 14.504  -7.396  2.354   1.00 42.65  ? 130  LEU A CA  1 
ATOM   644  C C   . LEU A 1 80 ? 14.639  -8.919  2.164   1.00 52.14  ? 130  LEU A C   1 
ATOM   645  O O   . LEU A 1 80 ? 14.687  -9.653  3.157   1.00 51.62  ? 130  LEU A O   1 
ATOM   646  C CB  . LEU A 1 80 ? 13.030  -6.956  2.364   1.00 42.21  ? 130  LEU A CB  1 
ATOM   647  C CG  . LEU A 1 80 ? 12.765  -5.554  2.908   1.00 46.68  ? 130  LEU A CG  1 
ATOM   648  C CD1 . LEU A 1 80 ? 11.519  -4.928  2.253   1.00 46.66  ? 130  LEU A CD1 1 
ATOM   649  C CD2 . LEU A 1 80 ? 12.687  -5.547  4.428   1.00 46.00  ? 130  LEU A CD2 1 
ATOM   650  N N   . ASP A 1 81 ? 14.718  -9.380  0.897   1.00 52.89  ? 131  ASP A N   1 
ATOM   651  C CA  . ASP A 1 81 ? 14.875  -10.795 0.530   1.00 54.41  ? 131  ASP A CA  1 
ATOM   652  C C   . ASP A 1 81 ? 16.221  -11.348 1.008   1.00 60.77  ? 131  ASP A C   1 
ATOM   653  O O   . ASP A 1 81 ? 16.249  -12.424 1.605   1.00 60.46  ? 131  ASP A O   1 
ATOM   654  C CB  . ASP A 1 81 ? 14.723  -10.997 -1.000  1.00 56.32  ? 131  ASP A CB  1 
ATOM   655  C CG  . ASP A 1 81 ? 13.331  -10.757 -1.569  1.00 68.26  ? 131  ASP A CG  1 
ATOM   656  O OD1 . ASP A 1 81 ? 12.353  -10.715 -0.776  1.00 67.91  ? 131  ASP A OD1 1 
ATOM   657  O OD2 . ASP A 1 81 ? 13.216  -10.600 -2.806  1.00 76.61  ? 131  ASP A OD2 1 
ATOM   658  N N   . GLU A 1 82 ? 17.325  -10.603 0.749   1.00 59.41  ? 132  GLU A N   1 
ATOM   659  C CA  . GLU A 1 82 ? 18.702  -10.928 1.161   1.00 60.58  ? 132  GLU A CA  1 
ATOM   660  C C   . GLU A 1 82 ? 18.829  -10.994 2.683   1.00 67.63  ? 132  GLU A C   1 
ATOM   661  O O   . GLU A 1 82 ? 19.630  -11.776 3.187   1.00 68.16  ? 132  GLU A O   1 
ATOM   662  C CB  . GLU A 1 82 ? 19.701  -9.902  0.609   1.00 62.01  ? 132  GLU A CB  1 
ATOM   663  C CG  . GLU A 1 82 ? 20.033  -10.085 -0.865  1.00 74.95  ? 132  GLU A CG  1 
ATOM   664  C CD  . GLU A 1 82 ? 20.813  -8.967  -1.538  1.00 102.95 ? 132  GLU A CD  1 
ATOM   665  O OE1 . GLU A 1 82 ? 21.145  -7.963  -0.864  1.00 94.89  ? 132  GLU A OE1 1 
ATOM   666  O OE2 . GLU A 1 82 ? 21.084  -9.095  -2.755  1.00 103.78 ? 132  GLU A OE2 1 
ATOM   667  N N   . LEU A 1 83 ? 18.034  -10.177 3.405   1.00 66.01  ? 133  LEU A N   1 
ATOM   668  C CA  . LEU A 1 83 ? 17.980  -10.139 4.868   1.00 66.53  ? 133  LEU A CA  1 
ATOM   669  C C   . LEU A 1 83 ? 17.270  -11.388 5.376   1.00 73.79  ? 133  LEU A C   1 
ATOM   670  O O   . LEU A 1 83 ? 17.739  -11.976 6.350   1.00 74.20  ? 133  LEU A O   1 
ATOM   671  C CB  . LEU A 1 83 ? 17.262  -8.862  5.350   1.00 66.27  ? 133  LEU A CB  1 
ATOM   672  C CG  . LEU A 1 83 ? 17.329  -8.516  6.840   1.00 70.10  ? 133  LEU A CG  1 
ATOM   673  C CD1 . LEU A 1 83 ? 18.713  -8.030  7.236   1.00 69.99  ? 133  LEU A CD1 1 
ATOM   674  C CD2 . LEU A 1 83 ? 16.308  -7.457  7.184   1.00 70.99  ? 133  LEU A CD2 1 
ATOM   675  N N   . GLU A 1 84 ? 16.176  -11.822 4.691   1.00 72.47  ? 134  GLU A N   1 
ATOM   676  C CA  . GLU A 1 84 ? 15.386  -13.025 5.018   1.00 73.61  ? 134  GLU A CA  1 
ATOM   677  C C   . GLU A 1 84 ? 16.228  -14.327 5.019   1.00 79.12  ? 134  GLU A C   1 
ATOM   678  O O   . GLU A 1 84 ? 15.787  -15.342 5.567   1.00 78.69  ? 134  GLU A O   1 
ATOM   679  C CB  . GLU A 1 84 ? 14.168  -13.161 4.089   1.00 75.32  ? 134  GLU A CB  1 
ATOM   680  C CG  . GLU A 1 84 ? 12.961  -12.336 4.515   1.00 91.07  ? 134  GLU A CG  1 
ATOM   681  C CD  . GLU A 1 84 ? 11.824  -12.234 3.509   1.00 122.74 ? 134  GLU A CD  1 
ATOM   682  O OE1 . GLU A 1 84 ? 11.438  -13.275 2.928   1.00 120.33 ? 134  GLU A OE1 1 
ATOM   683  O OE2 . GLU A 1 84 ? 11.294  -11.113 3.330   1.00 120.35 ? 134  GLU A OE2 1 
ATOM   684  N N   . ARG A 1 85 ? 17.449  -14.271 4.441   1.00 76.21  ? 135  ARG A N   1 
ATOM   685  C CA  . ARG A 1 85 ? 18.402  -15.377 4.374   1.00 98.72  ? 135  ARG A CA  1 
ATOM   686  C C   . ARG A 1 85 ? 19.240  -15.450 5.657   1.00 121.09 ? 135  ARG A C   1 
ATOM   687  O O   . ARG A 1 85 ? 19.885  -14.473 6.042   1.00 81.84  ? 135  ARG A O   1 
ATOM   688  C CB  . ARG A 1 85 ? 19.311  -15.223 3.146   1.00 98.33  ? 135  ARG A CB  1 
ATOM   689  C CG  . ARG A 1 85 ? 18.586  -15.427 1.827   1.00 105.93 ? 135  ARG A CG  1 
ATOM   690  C CD  . ARG A 1 85 ? 19.546  -15.406 0.659   1.00 112.74 ? 135  ARG A CD  1 
ATOM   691  N NE  . ARG A 1 85 ? 19.001  -16.120 -0.495  1.00 120.80 ? 135  ARG A NE  1 
ATOM   692  C CZ  . ARG A 1 85 ? 18.290  -15.554 -1.465  1.00 135.14 ? 135  ARG A CZ  1 
ATOM   693  N NH1 . ARG A 1 85 ? 18.032  -14.251 -1.436  1.00 119.83 ? 135  ARG A NH1 1 
ATOM   694  N NH2 . ARG A 1 85 ? 17.834  -16.285 -2.472  1.00 123.28 ? 135  ARG A NH2 1 
ATOM   695  N N   . GLU B 1 7  ? -11.651 -9.539  16.054  1.00 82.28  ? 57   GLU B N   1 
ATOM   696  C CA  . GLU B 1 7  ? -11.943 -8.166  16.475  1.00 81.69  ? 57   GLU B CA  1 
ATOM   697  C C   . GLU B 1 7  ? -11.077 -7.081  15.784  1.00 82.89  ? 57   GLU B C   1 
ATOM   698  O O   . GLU B 1 7  ? -10.353 -7.394  14.826  1.00 81.51  ? 57   GLU B O   1 
ATOM   699  C CB  . GLU B 1 7  ? -12.001 -8.021  18.016  1.00 83.34  ? 57   GLU B CB  1 
ATOM   700  C CG  . GLU B 1 7  ? -10.982 -8.837  18.799  1.00 95.23  ? 57   GLU B CG  1 
ATOM   701  C CD  . GLU B 1 7  ? -11.516 -9.410  20.099  1.00 115.31 ? 57   GLU B CD  1 
ATOM   702  O OE1 . GLU B 1 7  ? -12.332 -10.358 20.045  1.00 106.50 ? 57   GLU B OE1 1 
ATOM   703  O OE2 . GLU B 1 7  ? -11.129 -8.901  21.176  1.00 111.58 ? 57   GLU B OE2 1 
ATOM   704  N N   . LEU B 1 8  ? -11.210 -5.802  16.234  1.00 78.17  ? 58   LEU B N   1 
ATOM   705  C CA  . LEU B 1 8  ? -10.499 -4.635  15.687  1.00 77.10  ? 58   LEU B CA  1 
ATOM   706  C C   . LEU B 1 8  ? -8.985  -4.802  15.758  1.00 77.75  ? 58   LEU B C   1 
ATOM   707  O O   . LEU B 1 8  ? -8.321  -4.636  14.736  1.00 77.62  ? 58   LEU B O   1 
ATOM   708  C CB  . LEU B 1 8  ? -10.950 -3.327  16.358  1.00 77.18  ? 58   LEU B CB  1 
ATOM   709  C CG  . LEU B 1 8  ? -10.634 -2.046  15.581  1.00 82.24  ? 58   LEU B CG  1 
ATOM   710  C CD1 . LEU B 1 8  ? -11.884 -1.189  15.385  1.00 82.51  ? 58   LEU B CD1 1 
ATOM   711  C CD2 . LEU B 1 8  ? -9.525  -1.258  16.254  1.00 85.15  ? 58   LEU B CD2 1 
ATOM   712  N N   . SER B 1 9  ? -8.470  -5.205  16.946  1.00 70.74  ? 59   SER B N   1 
ATOM   713  C CA  . SER B 1 9  ? -7.056  -5.455  17.264  1.00 68.78  ? 59   SER B CA  1 
ATOM   714  C C   . SER B 1 9  ? -6.380  -6.486  16.337  1.00 65.38  ? 59   SER B C   1 
ATOM   715  O O   . SER B 1 9  ? -5.181  -6.370  16.053  1.00 64.10  ? 59   SER B O   1 
ATOM   716  C CB  . SER B 1 9  ? -6.912  -5.897  18.720  1.00 73.33  ? 59   SER B CB  1 
ATOM   717  O OG  . SER B 1 9  ? -7.577  -5.004  19.603  1.00 85.51  ? 59   SER B OG  1 
ATOM   718  N N   . SER B 1 10 ? -7.134  -7.494  15.884  1.00 57.04  ? 60   SER B N   1 
ATOM   719  C CA  . SER B 1 10 ? -6.580  -8.504  14.985  1.00 55.06  ? 60   SER B CA  1 
ATOM   720  C C   . SER B 1 10 ? -6.448  -7.967  13.557  1.00 52.33  ? 60   SER B C   1 
ATOM   721  O O   . SER B 1 10 ? -5.424  -8.212  12.926  1.00 50.25  ? 60   SER B O   1 
ATOM   722  C CB  . SER B 1 10 ? -7.378  -9.797  15.043  1.00 59.87  ? 60   SER B CB  1 
ATOM   723  O OG  . SER B 1 10 ? -6.480  -10.887 15.162  1.00 70.79  ? 60   SER B OG  1 
ATOM   724  N N   . LEU B 1 11 ? -7.440  -7.174  13.093  1.00 45.88  ? 61   LEU B N   1 
ATOM   725  C CA  . LEU B 1 11 ? -7.394  -6.540  11.776  1.00 44.17  ? 61   LEU B CA  1 
ATOM   726  C C   . LEU B 1 11 ? -6.403  -5.370  11.804  1.00 47.02  ? 61   LEU B C   1 
ATOM   727  O O   . LEU B 1 11 ? -5.709  -5.149  10.811  1.00 45.20  ? 61   LEU B O   1 
ATOM   728  C CB  . LEU B 1 11 ? -8.780  -6.069  11.276  1.00 43.07  ? 61   LEU B CB  1 
ATOM   729  C CG  . LEU B 1 11 ? -9.816  -7.141  10.848  1.00 47.21  ? 61   LEU B CG  1 
ATOM   730  C CD1 . LEU B 1 11 ? -11.055 -6.487  10.295  1.00 47.72  ? 61   LEU B CD1 1 
ATOM   731  C CD2 . LEU B 1 11 ? -9.289  -8.072  9.774   1.00 45.54  ? 61   LEU B CD2 1 
ATOM   732  N N   . GLU B 1 12 ? -6.331  -4.638  12.950  1.00 43.68  ? 62   GLU B N   1 
ATOM   733  C CA  . GLU B 1 12 ? -5.417  -3.507  13.142  1.00 43.16  ? 62   GLU B CA  1 
ATOM   734  C C   . GLU B 1 12 ? -3.969  -3.970  12.990  1.00 44.54  ? 62   GLU B C   1 
ATOM   735  O O   . GLU B 1 12 ? -3.202  -3.314  12.294  1.00 43.94  ? 62   GLU B O   1 
ATOM   736  C CB  . GLU B 1 12 ? -5.727  -2.701  14.443  1.00 44.55  ? 62   GLU B CB  1 
ATOM   737  C CG  . GLU B 1 12 ? -4.566  -2.414  15.397  1.00 58.77  ? 62   GLU B CG  1 
ATOM   738  C CD  . GLU B 1 12 ? -3.473  -1.447  14.966  1.00 88.70  ? 62   GLU B CD  1 
ATOM   739  O OE1 . GLU B 1 12 ? -3.788  -0.412  14.332  1.00 97.84  ? 62   GLU B OE1 1 
ATOM   740  O OE2 . GLU B 1 12 ? -2.294  -1.718  15.292  1.00 75.00  ? 62   GLU B OE2 1 
ATOM   741  N N   . GLU B 1 13 ? -3.635  -5.140  13.556  1.00 40.21  ? 63   GLU B N   1 
ATOM   742  C CA  . GLU B 1 13 ? -2.322  -5.766  13.470  1.00 40.12  ? 63   GLU B CA  1 
ATOM   743  C C   . GLU B 1 13 ? -1.991  -6.245  12.038  1.00 44.35  ? 63   GLU B C   1 
ATOM   744  O O   . GLU B 1 13 ? -0.815  -6.244  11.643  1.00 45.12  ? 63   GLU B O   1 
ATOM   745  C CB  . GLU B 1 13 ? -2.271  -6.950  14.431  1.00 41.93  ? 63   GLU B CB  1 
ATOM   746  C CG  . GLU B 1 13 ? -0.888  -7.249  14.967  1.00 59.69  ? 63   GLU B CG  1 
ATOM   747  C CD  . GLU B 1 13 ? -0.727  -8.576  15.687  1.00 91.57  ? 63   GLU B CD  1 
ATOM   748  O OE1 . GLU B 1 13 ? -1.713  -9.066  16.287  1.00 87.56  ? 63   GLU B OE1 1 
ATOM   749  O OE2 . GLU B 1 13 ? 0.405   -9.114  15.673  1.00 87.40  ? 63   GLU B OE2 1 
ATOM   750  N N   . LEU B 1 14 ? -3.016  -6.684  11.272  1.00 38.58  ? 64   LEU B N   1 
ATOM   751  C CA  . LEU B 1 14 ? -2.821  -7.159  9.896   1.00 36.78  ? 64   LEU B CA  1 
ATOM   752  C C   . LEU B 1 14 ? -2.505  -5.998  8.964   1.00 37.20  ? 64   LEU B C   1 
ATOM   753  O O   . LEU B 1 14 ? -1.602  -6.108  8.142   1.00 36.12  ? 64   LEU B O   1 
ATOM   754  C CB  . LEU B 1 14 ? -4.064  -7.946  9.386   1.00 35.71  ? 64   LEU B CB  1 
ATOM   755  C CG  . LEU B 1 14 ? -4.135  -8.282  7.884   1.00 37.19  ? 64   LEU B CG  1 
ATOM   756  C CD1 . LEU B 1 14 ? -3.087  -9.303  7.499   1.00 35.47  ? 64   LEU B CD1 1 
ATOM   757  C CD2 . LEU B 1 14 ? -5.540  -8.783  7.503   1.00 37.88  ? 64   LEU B CD2 1 
ATOM   758  N N   . PHE B 1 15 ? -3.267  -4.909  9.102   1.00 32.88  ? 65   PHE B N   1 
ATOM   759  C CA  . PHE B 1 15 ? -3.210  -3.695  8.295   1.00 32.99  ? 65   PHE B CA  1 
ATOM   760  C C   . PHE B 1 15 ? -2.269  -2.597  8.819   1.00 38.34  ? 65   PHE B C   1 
ATOM   761  O O   . PHE B 1 15 ? -2.205  -1.523  8.215   1.00 36.96  ? 65   PHE B O   1 
ATOM   762  C CB  . PHE B 1 15 ? -4.632  -3.160  8.096   1.00 34.72  ? 65   PHE B CB  1 
ATOM   763  C CG  . PHE B 1 15 ? -5.537  -4.122  7.334   1.00 36.54  ? 65   PHE B CG  1 
ATOM   764  C CD1 . PHE B 1 15 ? -5.147  -4.645  6.104   1.00 37.16  ? 65   PHE B CD1 1 
ATOM   765  C CD2 . PHE B 1 15 ? -6.787  -4.478  7.837   1.00 38.57  ? 65   PHE B CD2 1 
ATOM   766  C CE1 . PHE B 1 15 ? -5.969  -5.538  5.412   1.00 38.04  ? 65   PHE B CE1 1 
ATOM   767  C CE2 . PHE B 1 15 ? -7.616  -5.364  7.136   1.00 40.25  ? 65   PHE B CE2 1 
ATOM   768  C CZ  . PHE B 1 15 ? -7.208  -5.872  5.921   1.00 37.67  ? 65   PHE B CZ  1 
ATOM   769  N N   . ARG B 1 16 ? -1.537  -2.869  9.924   1.00 37.54  ? 66   ARG B N   1 
ATOM   770  C CA  . ARG B 1 16 ? -0.600  -1.918  10.541  1.00 39.11  ? 66   ARG B CA  1 
ATOM   771  C C   . ARG B 1 16 ? 0.573   -1.715  9.581   1.00 41.20  ? 66   ARG B C   1 
ATOM   772  O O   . ARG B 1 16 ? 1.193   -2.690  9.177   1.00 40.62  ? 66   ARG B O   1 
ATOM   773  C CB  . ARG B 1 16 ? -0.076  -2.444  11.899  1.00 42.21  ? 66   ARG B CB  1 
ATOM   774  C CG  . ARG B 1 16 ? 0.381   -1.330  12.855  1.00 58.55  ? 66   ARG B CG  1 
ATOM   775  C CD  . ARG B 1 16 ? 1.497   -1.765  13.809  1.00 67.11  ? 66   ARG B CD  1 
ATOM   776  N NE  . ARG B 1 16 ? 1.196   -3.008  14.529  1.00 82.86  ? 66   ARG B NE  1 
ATOM   777  C CZ  . ARG B 1 16 ? 0.537   -3.082  15.681  1.00 96.40  ? 66   ARG B CZ  1 
ATOM   778  N NH1 . ARG B 1 16 ? 0.087   -1.982  16.270  1.00 91.19  ? 66   ARG B NH1 1 
ATOM   779  N NH2 . ARG B 1 16 ? 0.315   -4.261  16.249  1.00 74.55  ? 66   ARG B NH2 1 
ATOM   780  N N   . HIS B 1 17 ? 0.864   -0.455  9.229   1.00 36.85  ? 67   HIS B N   1 
ATOM   781  C CA  . HIS B 1 17 ? 1.924   -0.026  8.281   1.00 36.84  ? 67   HIS B CA  1 
ATOM   782  C C   . HIS B 1 17 ? 1.496   -0.147  6.811   1.00 35.40  ? 67   HIS B C   1 
ATOM   783  O O   . HIS B 1 17 ? 2.333   0.008   5.926   1.00 34.21  ? 67   HIS B O   1 
ATOM   784  C CB  . HIS B 1 17 ? 3.308   -0.706  8.528   1.00 38.37  ? 67   HIS B CB  1 
ATOM   785  C CG  . HIS B 1 17 ? 3.749   -0.716  9.962   1.00 42.72  ? 67   HIS B CG  1 
ATOM   786  N ND1 . HIS B 1 17 ? 3.812   0.455   10.715  1.00 44.93  ? 67   HIS B ND1 1 
ATOM   787  C CD2 . HIS B 1 17 ? 4.128   -1.757  10.740  1.00 44.93  ? 67   HIS B CD2 1 
ATOM   788  C CE1 . HIS B 1 17 ? 4.215   0.085   11.922  1.00 44.21  ? 67   HIS B CE1 1 
ATOM   789  N NE2 . HIS B 1 17 ? 4.423   -1.232  11.986  1.00 44.76  ? 67   HIS B NE2 1 
ATOM   790  N N   . TYR B 1 18 ? 0.189   -0.384  6.552   1.00 28.66  ? 68   TYR B N   1 
ATOM   791  C CA  . TYR B 1 18 ? -0.347  -0.529  5.195   1.00 26.88  ? 68   TYR B CA  1 
ATOM   792  C C   . TYR B 1 18 ? -1.273  0.587   4.775   1.00 32.39  ? 68   TYR B C   1 
ATOM   793  O O   . TYR B 1 18 ? -1.874  0.528   3.699   1.00 32.43  ? 68   TYR B O   1 
ATOM   794  C CB  . TYR B 1 18 ? -0.945  -1.937  4.966   1.00 26.16  ? 68   TYR B CB  1 
ATOM   795  C CG  . TYR B 1 18 ? 0.139   -2.986  4.942   1.00 26.28  ? 68   TYR B CG  1 
ATOM   796  C CD1 . TYR B 1 18 ? 0.837   -3.269  3.771   1.00 26.58  ? 68   TYR B CD1 1 
ATOM   797  C CD2 . TYR B 1 18 ? 0.474   -3.699  6.093   1.00 27.34  ? 68   TYR B CD2 1 
ATOM   798  C CE1 . TYR B 1 18 ? 1.855   -4.224  3.750   1.00 25.62  ? 68   TYR B CE1 1 
ATOM   799  C CE2 . TYR B 1 18 ? 1.514   -4.623  6.093   1.00 27.81  ? 68   TYR B CE2 1 
ATOM   800  C CZ  . TYR B 1 18 ? 2.198   -4.885  4.918   1.00 32.87  ? 68   TYR B CZ  1 
ATOM   801  O OH  . TYR B 1 18 ? 3.214   -5.807  4.916   1.00 38.78  ? 68   TYR B OH  1 
ATOM   802  N N   . GLY B 1 19 ? -1.350  1.627   5.601   1.00 30.19  ? 69   GLY B N   1 
ATOM   803  C CA  . GLY B 1 19 ? -2.144  2.811   5.291   1.00 30.47  ? 69   GLY B CA  1 
ATOM   804  C C   . GLY B 1 19 ? -3.650  2.622   5.335   1.00 34.98  ? 69   GLY B C   1 
ATOM   805  O O   . GLY B 1 19 ? -4.382  3.426   4.764   1.00 34.88  ? 69   GLY B O   1 
ATOM   806  N N   . VAL B 1 20 ? -4.133  1.579   6.032   1.00 31.77  ? 70   VAL B N   1 
ATOM   807  C CA  . VAL B 1 20 ? -5.562  1.346   6.166   1.00 30.60  ? 70   VAL B CA  1 
ATOM   808  C C   . VAL B 1 20 ? -6.042  2.224   7.323   1.00 34.83  ? 70   VAL B C   1 
ATOM   809  O O   . VAL B 1 20 ? -5.610  2.027   8.458   1.00 32.84  ? 70   VAL B O   1 
ATOM   810  C CB  . VAL B 1 20 ? -5.904  -0.167  6.335   1.00 33.49  ? 70   VAL B CB  1 
ATOM   811  C CG1 . VAL B 1 20 ? -7.419  -0.383  6.482   1.00 32.49  ? 70   VAL B CG1 1 
ATOM   812  C CG2 . VAL B 1 20 ? -5.356  -0.984  5.150   1.00 32.85  ? 70   VAL B CG2 1 
ATOM   813  N N   . ARG B 1 21 ? -6.902  3.216   7.018   1.00 33.31  ? 71   ARG B N   1 
ATOM   814  C CA  . ARG B 1 21 ? -7.410  4.172   8.025   1.00 35.68  ? 71   ARG B CA  1 
ATOM   815  C C   . ARG B 1 21 ? -8.455  3.597   8.986   1.00 46.25  ? 71   ARG B C   1 
ATOM   816  O O   . ARG B 1 21 ? -9.207  2.701   8.605   1.00 45.98  ? 71   ARG B O   1 
ATOM   817  C CB  . ARG B 1 21 ? -7.942  5.432   7.352   1.00 33.59  ? 71   ARG B CB  1 
ATOM   818  C CG  . ARG B 1 21 ? -6.898  6.121   6.475   1.00 37.35  ? 71   ARG B CG  1 
ATOM   819  C CD  . ARG B 1 21 ? -7.461  7.344   5.819   1.00 39.09  ? 71   ARG B CD  1 
ATOM   820  N NE  . ARG B 1 21 ? -8.491  6.992   4.848   1.00 47.00  ? 71   ARG B NE  1 
ATOM   821  C CZ  . ARG B 1 21 ? -9.234  7.881   4.207   1.00 57.86  ? 71   ARG B CZ  1 
ATOM   822  N NH1 . ARG B 1 21 ? -9.080  9.177   4.442   1.00 45.21  ? 71   ARG B NH1 1 
ATOM   823  N NH2 . ARG B 1 21 ? -10.141 7.483   3.330   1.00 45.01  ? 71   ARG B NH2 1 
ATOM   824  N N   . TYR B 1 22 ? -8.500  4.137   10.233  1.00 47.32  ? 72   TYR B N   1 
ATOM   825  C CA  . TYR B 1 22 ? -9.426  3.767   11.317  1.00 48.23  ? 72   TYR B CA  1 
ATOM   826  C C   . TYR B 1 22 ? -10.894 3.561   10.900  1.00 51.30  ? 72   TYR B C   1 
ATOM   827  O O   . TYR B 1 22 ? -11.492 2.589   11.340  1.00 51.64  ? 72   TYR B O   1 
ATOM   828  C CB  . TYR B 1 22 ? -9.293  4.714   12.536  1.00 50.78  ? 72   TYR B CB  1 
ATOM   829  C CG  . TYR B 1 22 ? -10.062 4.235   13.752  1.00 54.15  ? 72   TYR B CG  1 
ATOM   830  C CD1 . TYR B 1 22 ? -9.574  3.199   14.552  1.00 56.63  ? 72   TYR B CD1 1 
ATOM   831  C CD2 . TYR B 1 22 ? -11.306 4.775   14.070  1.00 54.92  ? 72   TYR B CD2 1 
ATOM   832  C CE1 . TYR B 1 22 ? -10.313 2.707   15.631  1.00 57.01  ? 72   TYR B CE1 1 
ATOM   833  C CE2 . TYR B 1 22 ? -12.046 4.300   15.155  1.00 55.84  ? 72   TYR B CE2 1 
ATOM   834  C CZ  . TYR B 1 22 ? -11.540 3.275   15.937  1.00 65.14  ? 72   TYR B CZ  1 
ATOM   835  O OH  . TYR B 1 22 ? -12.272 2.824   17.011  1.00 71.66  ? 72   TYR B OH  1 
ATOM   836  N N   . MET B 1 23 ? -11.453 4.415   10.040  1.00 49.11  ? 73   MET B N   1 
ATOM   837  C CA  . MET B 1 23 ? -12.833 4.251   9.565   1.00 50.90  ? 73   MET B CA  1 
ATOM   838  C C   . MET B 1 23 ? -13.033 3.022   8.657   1.00 52.84  ? 73   MET B C   1 
ATOM   839  O O   . MET B 1 23 ? -14.086 2.388   8.737   1.00 52.49  ? 73   MET B O   1 
ATOM   840  C CB  . MET B 1 23 ? -13.376 5.521   8.897   1.00 54.89  ? 73   MET B CB  1 
ATOM   841  C CG  . MET B 1 23 ? -13.834 6.599   9.884   1.00 61.87  ? 73   MET B CG  1 
ATOM   842  S SD  . MET B 1 23 ? -15.234 6.137   10.966  1.00 69.20  ? 73   MET B SD  1 
ATOM   843  C CE  . MET B 1 23 ? -14.342 5.675   12.495  1.00 65.89  ? 73   MET B CE  1 
ATOM   844  N N   . THR B 1 24 ? -12.028 2.692   7.796   1.00 46.66  ? 74   THR B N   1 
ATOM   845  C CA  . THR B 1 24 ? -12.048 1.520   6.901   1.00 44.22  ? 74   THR B CA  1 
ATOM   846  C C   . THR B 1 24 ? -12.007 0.255   7.775   1.00 45.78  ? 74   THR B C   1 
ATOM   847  O O   . THR B 1 24 ? -12.783 -0.675  7.560   1.00 43.95  ? 74   THR B O   1 
ATOM   848  C CB  . THR B 1 24 ? -10.862 1.573   5.919   1.00 40.42  ? 74   THR B CB  1 
ATOM   849  O OG1 . THR B 1 24 ? -10.863 2.835   5.221   1.00 33.87  ? 74   THR B OG1 1 
ATOM   850  C CG2 . THR B 1 24 ? -10.858 0.391   4.942   1.00 32.97  ? 74   THR B CG2 1 
ATOM   851  N N   . LEU B 1 25 ? -11.105 0.252   8.756   1.00 42.99  ? 75   LEU B N   1 
ATOM   852  C CA  . LEU B 1 25 ? -10.908 -0.807  9.739   1.00 45.24  ? 75   LEU B CA  1 
ATOM   853  C C   . LEU B 1 25 ? -12.210 -1.074  10.498  1.00 51.49  ? 75   LEU B C   1 
ATOM   854  O O   . LEU B 1 25 ? -12.546 -2.229  10.732  1.00 51.20  ? 75   LEU B O   1 
ATOM   855  C CB  . LEU B 1 25 ? -9.851  -0.338  10.751  1.00 45.72  ? 75   LEU B CB  1 
ATOM   856  C CG  . LEU B 1 25 ? -8.772  -1.317  11.117  1.00 51.56  ? 75   LEU B CG  1 
ATOM   857  C CD1 . LEU B 1 25 ? -7.591  -0.595  11.755  1.00 52.05  ? 75   LEU B CD1 1 
ATOM   858  C CD2 . LEU B 1 25 ? -9.293  -2.393  12.026  1.00 55.11  ? 75   LEU B CD2 1 
ATOM   859  N N   . THR B 1 26 ? -12.914 0.018   10.898  1.00 48.72  ? 76   THR B N   1 
ATOM   860  C CA  . THR B 1 26 ? -14.174 0.017   11.629  1.00 48.23  ? 76   THR B CA  1 
ATOM   861  C C   . THR B 1 26 ? -15.242 -0.637  10.775  1.00 49.46  ? 76   THR B C   1 
ATOM   862  O O   . THR B 1 26 ? -15.866 -1.585  11.237  1.00 49.14  ? 76   THR B O   1 
ATOM   863  C CB  . THR B 1 26 ? -14.500 1.448   12.139  1.00 57.89  ? 76   THR B CB  1 
ATOM   864  O OG1 . THR B 1 26 ? -13.733 1.696   13.321  1.00 58.24  ? 76   THR B OG1 1 
ATOM   865  C CG2 . THR B 1 26 ? -15.983 1.664   12.435  1.00 56.36  ? 76   THR B CG2 1 
ATOM   866  N N   . LYS B 1 27 ? -15.413 -0.165  9.526   1.00 44.78  ? 77   LYS B N   1 
ATOM   867  C CA  . LYS B 1 27 ? -16.391 -0.714  8.596   1.00 44.55  ? 77   LYS B CA  1 
ATOM   868  C C   . LYS B 1 27 ? -16.154 -2.209  8.331   1.00 49.12  ? 77   LYS B C   1 
ATOM   869  O O   . LYS B 1 27 ? -17.121 -2.965  8.335   1.00 49.03  ? 77   LYS B O   1 
ATOM   870  C CB  . LYS B 1 27 ? -16.470 0.122   7.300   1.00 46.68  ? 77   LYS B CB  1 
ATOM   871  C CG  . LYS B 1 27 ? -17.657 -0.213  6.374   1.00 67.42  ? 77   LYS B CG  1 
ATOM   872  C CD  . LYS B 1 27 ? -19.076 -0.090  7.007   1.00 81.20  ? 77   LYS B CD  1 
ATOM   873  C CE  . LYS B 1 27 ? -19.675 1.299   6.974   1.00 90.77  ? 77   LYS B CE  1 
ATOM   874  N NZ  . LYS B 1 27 ? -19.206 2.138   8.109   1.00 99.85  ? 77   LYS B NZ  1 
ATOM   875  N N   . MET B 1 28 ? -14.879 -2.639  8.197   1.00 45.22  ? 78   MET B N   1 
ATOM   876  C CA  . MET B 1 28 ? -14.507 -4.038  7.957   1.00 45.00  ? 78   MET B CA  1 
ATOM   877  C C   . MET B 1 28 ? -14.899 -4.969  9.095   1.00 46.96  ? 78   MET B C   1 
ATOM   878  O O   . MET B 1 28 ? -15.413 -6.053  8.823   1.00 45.40  ? 78   MET B O   1 
ATOM   879  C CB  . MET B 1 28 ? -13.028 -4.187  7.553   1.00 47.51  ? 78   MET B CB  1 
ATOM   880  C CG  . MET B 1 28 ? -12.778 -3.778  6.130   1.00 52.26  ? 78   MET B CG  1 
ATOM   881  S SD  . MET B 1 28 ? -11.041 -3.897  5.657   1.00 58.44  ? 78   MET B SD  1 
ATOM   882  C CE  . MET B 1 28 ? -11.039 -5.520  4.857   1.00 55.46  ? 78   MET B CE  1 
ATOM   883  N N   . VAL B 1 29 ? -14.690 -4.529  10.350  1.00 44.05  ? 79   VAL B N   1 
ATOM   884  C CA  . VAL B 1 29 ? -15.050 -5.238  11.582  1.00 45.16  ? 79   VAL B CA  1 
ATOM   885  C C   . VAL B 1 29 ? -16.591 -5.374  11.663  1.00 50.03  ? 79   VAL B C   1 
ATOM   886  O O   . VAL B 1 29 ? -17.086 -6.437  12.040  1.00 50.34  ? 79   VAL B O   1 
ATOM   887  C CB  . VAL B 1 29 ? -14.451 -4.572  12.863  1.00 49.75  ? 79   VAL B CB  1 
ATOM   888  C CG1 . VAL B 1 29 ? -15.002 -5.209  14.145  1.00 49.53  ? 79   VAL B CG1 1 
ATOM   889  C CG2 . VAL B 1 29 ? -12.928 -4.640  12.863  1.00 49.46  ? 79   VAL B CG2 1 
ATOM   890  N N   . GLU B 1 30 ? -17.326 -4.310  11.283  1.00 46.62  ? 80   GLU B N   1 
ATOM   891  C CA  . GLU B 1 30 ? -18.795 -4.262  11.252  1.00 46.73  ? 80   GLU B CA  1 
ATOM   892  C C   . GLU B 1 30 ? -19.348 -5.238  10.204  1.00 49.32  ? 80   GLU B C   1 
ATOM   893  O O   . GLU B 1 30 ? -20.381 -5.868  10.422  1.00 48.52  ? 80   GLU B O   1 
ATOM   894  C CB  . GLU B 1 30 ? -19.290 -2.846  10.919  1.00 48.11  ? 80   GLU B CB  1 
ATOM   895  C CG  . GLU B 1 30 ? -19.216 -1.875  12.082  1.00 64.98  ? 80   GLU B CG  1 
ATOM   896  C CD  . GLU B 1 30 ? -19.603 -0.445  11.744  1.00 95.13  ? 80   GLU B CD  1 
ATOM   897  O OE1 . GLU B 1 30 ? -20.269 -0.229  10.703  1.00 88.22  ? 80   GLU B OE1 1 
ATOM   898  O OE2 . GLU B 1 30 ? -19.225 0.463   12.519  1.00 93.97  ? 80   GLU B OE2 1 
ATOM   899  N N   . MET B 1 31 ? -18.661 -5.344  9.069   1.00 44.61  ? 81   MET B N   1 
ATOM   900  C CA  . MET B 1 31 ? -19.039 -6.225  7.977   1.00 43.76  ? 81   MET B CA  1 
ATOM   901  C C   . MET B 1 31 ? -18.784 -7.698  8.292   1.00 44.52  ? 81   MET B C   1 
ATOM   902  O O   . MET B 1 31 ? -19.220 -8.555  7.535   1.00 45.60  ? 81   MET B O   1 
ATOM   903  C CB  . MET B 1 31 ? -18.375 -5.784  6.675   1.00 46.41  ? 81   MET B CB  1 
ATOM   904  C CG  . MET B 1 31 ? -18.983 -4.533  6.109   1.00 51.59  ? 81   MET B CG  1 
ATOM   905  S SD  . MET B 1 31 ? -18.298 -4.093  4.498   1.00 58.42  ? 81   MET B SD  1 
ATOM   906  C CE  . MET B 1 31 ? -16.731 -3.549  4.981   1.00 55.84  ? 81   MET B CE  1 
ATOM   907  N N   . GLY B 1 32 ? -18.093 -7.969  9.396   1.00 39.16  ? 82   GLY B N   1 
ATOM   908  C CA  . GLY B 1 32 ? -17.789 -9.315  9.868   1.00 38.80  ? 82   GLY B CA  1 
ATOM   909  C C   . GLY B 1 32 ? -16.482 -9.934  9.406   1.00 42.27  ? 82   GLY B C   1 
ATOM   910  O O   . GLY B 1 32 ? -16.300 -11.151 9.548   1.00 41.88  ? 82   GLY B O   1 
ATOM   911  N N   . PHE B 1 33 ? -15.548 -9.117  8.869   1.00 36.10  ? 83   PHE B N   1 
ATOM   912  C CA  . PHE B 1 33 ? -14.279 -9.654  8.385   1.00 33.47  ? 83   PHE B CA  1 
ATOM   913  C C   . PHE B 1 33 ? -13.285 -9.969  9.486   1.00 37.78  ? 83   PHE B C   1 
ATOM   914  O O   . PHE B 1 33 ? -13.179 -9.237  10.480  1.00 38.87  ? 83   PHE B O   1 
ATOM   915  C CB  . PHE B 1 33 ? -13.655 -8.749  7.305   1.00 34.26  ? 83   PHE B CB  1 
ATOM   916  C CG  . PHE B 1 33 ? -14.353 -8.788  5.964   1.00 34.04  ? 83   PHE B CG  1 
ATOM   917  C CD1 . PHE B 1 33 ? -14.095 -9.809  5.054   1.00 35.01  ? 83   PHE B CD1 1 
ATOM   918  C CD2 . PHE B 1 33 ? -15.276 -7.810  5.613   1.00 35.22  ? 83   PHE B CD2 1 
ATOM   919  C CE1 . PHE B 1 33 ? -14.729 -9.835  3.807   1.00 35.64  ? 83   PHE B CE1 1 
ATOM   920  C CE2 . PHE B 1 33 ? -15.921 -7.844  4.373   1.00 37.63  ? 83   PHE B CE2 1 
ATOM   921  C CZ  . PHE B 1 33 ? -15.641 -8.858  3.475   1.00 35.42  ? 83   PHE B CZ  1 
ATOM   922  N N   . THR B 1 34 ? -12.548 -11.085 9.302   1.00 32.98  ? 84   THR B N   1 
ATOM   923  C CA  . THR B 1 34 ? -11.497 -11.542 10.206  1.00 31.83  ? 84   THR B CA  1 
ATOM   924  C C   . THR B 1 34 ? -10.229 -11.751 9.380   1.00 35.32  ? 84   THR B C   1 
ATOM   925  O O   . THR B 1 34 ? -10.304 -11.867 8.147   1.00 35.42  ? 84   THR B O   1 
ATOM   926  C CB  . THR B 1 34 ? -11.895 -12.853 10.939  1.00 35.59  ? 84   THR B CB  1 
ATOM   927  O OG1 . THR B 1 34 ? -11.858 -13.942 10.015  1.00 32.52  ? 84   THR B OG1 1 
ATOM   928  C CG2 . THR B 1 34 ? -13.255 -12.768 11.671  1.00 29.79  ? 84   THR B CG2 1 
ATOM   929  N N   . VAL B 1 35 ? -9.075  -11.846 10.060  1.00 32.49  ? 85   VAL B N   1 
ATOM   930  C CA  . VAL B 1 35 ? -7.761  -12.109 9.442   1.00 31.98  ? 85   VAL B CA  1 
ATOM   931  C C   . VAL B 1 35 ? -7.806  -13.441 8.686   1.00 37.05  ? 85   VAL B C   1 
ATOM   932  O O   . VAL B 1 35 ? -7.431  -13.482 7.514   1.00 38.18  ? 85   VAL B O   1 
ATOM   933  C CB  . VAL B 1 35 ? -6.595  -12.063 10.480  1.00 34.40  ? 85   VAL B CB  1 
ATOM   934  C CG1 . VAL B 1 35 ? -5.252  -12.385 9.820   1.00 33.64  ? 85   VAL B CG1 1 
ATOM   935  C CG2 . VAL B 1 35 ? -6.531  -10.700 11.159  1.00 33.96  ? 85   VAL B CG2 1 
ATOM   936  N N   . ASN B 1 36 ? -8.299  -14.516 9.346   1.00 32.71  ? 86   ASN B N   1 
ATOM   937  C CA  . ASN B 1 36 ? -8.417  -15.856 8.755   1.00 32.16  ? 86   ASN B CA  1 
ATOM   938  C C   . ASN B 1 36 ? -9.273  -15.912 7.501   1.00 33.19  ? 86   ASN B C   1 
ATOM   939  O O   . ASN B 1 36 ? -8.938  -16.623 6.551   1.00 31.80  ? 86   ASN B O   1 
ATOM   940  C CB  . ASN B 1 36 ? -8.825  -16.893 9.795   1.00 33.04  ? 86   ASN B CB  1 
ATOM   941  C CG  . ASN B 1 36 ? -7.678  -17.217 10.722  1.00 52.11  ? 86   ASN B CG  1 
ATOM   942  O OD1 . ASN B 1 36 ? -7.497  -16.599 11.760  1.00 52.13  ? 86   ASN B OD1 1 
ATOM   943  N ND2 . ASN B 1 36 ? -6.814  -18.118 10.318  1.00 52.27  ? 86   ASN B ND2 1 
ATOM   944  N N   . THR B 1 37 ? -10.352 -15.129 7.471   1.00 29.79  ? 87   THR B N   1 
ATOM   945  C CA  . THR B 1 37 ? -11.189 -15.061 6.283   1.00 28.95  ? 87   THR B CA  1 
ATOM   946  C C   . THR B 1 37 ? -10.398 -14.438 5.138   1.00 31.49  ? 87   THR B C   1 
ATOM   947  O O   . THR B 1 37 ? -10.293 -15.038 4.079   1.00 29.96  ? 87   THR B O   1 
ATOM   948  C CB  . THR B 1 37 ? -12.459 -14.282 6.596   1.00 32.12  ? 87   THR B CB  1 
ATOM   949  O OG1 . THR B 1 37 ? -13.205 -15.048 7.533   1.00 30.93  ? 87   THR B OG1 1 
ATOM   950  C CG2 . THR B 1 37 ? -13.281 -13.956 5.341   1.00 24.75  ? 87   THR B CG2 1 
ATOM   951  N N   . LEU B 1 38 ? -9.840  -13.235 5.370   1.00 29.92  ? 88   LEU B N   1 
ATOM   952  C CA  . LEU B 1 38 ? -9.055  -12.483 4.391   1.00 30.99  ? 88   LEU B CA  1 
ATOM   953  C C   . LEU B 1 38 ? -7.870  -13.253 3.824   1.00 34.03  ? 88   LEU B C   1 
ATOM   954  O O   . LEU B 1 38 ? -7.639  -13.169 2.614   1.00 34.10  ? 88   LEU B O   1 
ATOM   955  C CB  . LEU B 1 38 ? -8.606  -11.123 4.974   1.00 31.47  ? 88   LEU B CB  1 
ATOM   956  C CG  . LEU B 1 38 ? -9.730  -10.138 5.337   1.00 36.70  ? 88   LEU B CG  1 
ATOM   957  C CD1 . LEU B 1 38 ? -9.213  -9.061  6.246   1.00 36.89  ? 88   LEU B CD1 1 
ATOM   958  C CD2 . LEU B 1 38 ? -10.381 -9.505  4.076   1.00 37.58  ? 88   LEU B CD2 1 
ATOM   959  N N   . VAL B 1 39 ? -7.152  -14.048 4.656   1.00 30.82  ? 89   VAL B N   1 
ATOM   960  C CA  . VAL B 1 39 ? -5.980  -14.799 4.165   1.00 30.36  ? 89   VAL B CA  1 
ATOM   961  C C   . VAL B 1 39 ? -6.341  -15.982 3.264   1.00 34.17  ? 89   VAL B C   1 
ATOM   962  O O   . VAL B 1 39 ? -5.485  -16.519 2.561   1.00 32.81  ? 89   VAL B O   1 
ATOM   963  C CB  . VAL B 1 39 ? -4.846  -15.082 5.209   1.00 34.88  ? 89   VAL B CB  1 
ATOM   964  C CG1 . VAL B 1 39 ? -4.397  -13.802 5.916   1.00 34.21  ? 89   VAL B CG1 1 
ATOM   965  C CG2 . VAL B 1 39 ? -5.244  -16.150 6.228   1.00 35.17  ? 89   VAL B CG2 1 
ATOM   966  N N   . ASN B 1 40 ? -7.625  -16.366 3.256   1.00 31.16  ? 90   ASN B N   1 
ATOM   967  C CA  . ASN B 1 40 ? -8.078  -17.468 2.422   1.00 30.74  ? 90   ASN B CA  1 
ATOM   968  C C   . ASN B 1 40 ? -8.929  -16.970 1.250   1.00 34.73  ? 90   ASN B C   1 
ATOM   969  O O   . ASN B 1 40 ? -9.485  -17.776 0.504   1.00 34.43  ? 90   ASN B O   1 
ATOM   970  C CB  . ASN B 1 40 ? -8.781  -18.518 3.272   1.00 31.39  ? 90   ASN B CB  1 
ATOM   971  C CG  . ASN B 1 40 ? -7.837  -19.282 4.146   1.00 39.11  ? 90   ASN B CG  1 
ATOM   972  O OD1 . ASN B 1 40 ? -7.306  -20.308 3.746   1.00 34.45  ? 90   ASN B OD1 1 
ATOM   973  N ND2 . ASN B 1 40 ? -7.615  -18.805 5.359   1.00 32.24  ? 90   ASN B ND2 1 
ATOM   974  N N   . MET B 1 41 ? -9.006  -15.631 1.072   1.00 29.50  ? 91   MET B N   1 
ATOM   975  C CA  . MET B 1 41 ? -9.712  -15.039 -0.068  1.00 27.59  ? 91   MET B CA  1 
ATOM   976  C C   . MET B 1 41 ? -8.726  -14.905 -1.226  1.00 34.84  ? 91   MET B C   1 
ATOM   977  O O   . MET B 1 41 ? -7.516  -14.825 -1.007  1.00 33.75  ? 91   MET B O   1 
ATOM   978  C CB  . MET B 1 41 ? -10.305 -13.672 0.286   1.00 27.91  ? 91   MET B CB  1 
ATOM   979  C CG  . MET B 1 41 ? -11.637 -13.781 0.968   1.00 29.11  ? 91   MET B CG  1 
ATOM   980  S SD  . MET B 1 41 ? -12.189 -12.359 1.917   1.00 31.36  ? 91   MET B SD  1 
ATOM   981  C CE  . MET B 1 41 ? -12.340 -11.107 0.653   1.00 28.76  ? 91   MET B CE  1 
ATOM   982  N N   . THR B 1 42 ? -9.235  -14.920 -2.452  1.00 32.42  ? 92   THR B N   1 
ATOM   983  C CA  . THR B 1 42 ? -8.374  -14.740 -3.606  1.00 32.45  ? 92   THR B CA  1 
ATOM   984  C C   . THR B 1 42 ? -8.202  -13.236 -3.825  1.00 35.03  ? 92   THR B C   1 
ATOM   985  O O   . THR B 1 42 ? -8.957  -12.441 -3.265  1.00 34.54  ? 92   THR B O   1 
ATOM   986  C CB  . THR B 1 42 ? -9.012  -15.402 -4.849  1.00 38.81  ? 92   THR B CB  1 
ATOM   987  O OG1 . THR B 1 42 ? -10.235 -14.728 -5.145  1.00 37.79  ? 92   THR B OG1 1 
ATOM   988  C CG2 . THR B 1 42 ? -9.248  -16.898 -4.661  1.00 35.99  ? 92   THR B CG2 1 
ATOM   989  N N   . GLU B 1 43 ? -7.256  -12.859 -4.690  1.00 33.97  ? 93   GLU B N   1 
ATOM   990  C CA  . GLU B 1 43 ? -6.994  -11.481 -5.121  1.00 34.50  ? 93   GLU B CA  1 
ATOM   991  C C   . GLU B 1 43 ? -8.285  -10.869 -5.696  1.00 37.75  ? 93   GLU B C   1 
ATOM   992  O O   . GLU B 1 43 ? -8.657  -9.756  -5.325  1.00 37.02  ? 93   GLU B O   1 
ATOM   993  C CB  . GLU B 1 43 ? -5.894  -11.485 -6.200  1.00 36.29  ? 93   GLU B CB  1 
ATOM   994  C CG  . GLU B 1 43 ? -4.527  -11.918 -5.689  1.00 45.00  ? 93   GLU B CG  1 
ATOM   995  C CD  . GLU B 1 43 ? -3.620  -10.808 -5.188  1.00 53.55  ? 93   GLU B CD  1 
ATOM   996  O OE1 . GLU B 1 43 ? -3.871  -9.631  -5.525  1.00 53.85  ? 93   GLU B OE1 1 
ATOM   997  O OE2 . GLU B 1 43 ? -2.614  -11.123 -4.516  1.00 39.36  ? 93   GLU B OE2 1 
ATOM   998  N N   . GLN B 1 44 ? -9.005  -11.625 -6.551  1.00 34.94  ? 94   GLN B N   1 
ATOM   999  C CA  . GLN B 1 44 ? -10.272 -11.161 -7.135  1.00 33.94  ? 94   GLN B CA  1 
ATOM   1000 C C   . GLN B 1 44 ? -11.343 -10.883 -6.078  1.00 35.71  ? 94   GLN B C   1 
ATOM   1001 O O   . GLN B 1 44 ? -12.008 -9.853  -6.168  1.00 36.00  ? 94   GLN B O   1 
ATOM   1002 C CB  . GLN B 1 44 ? -10.771 -12.149 -8.209  1.00 35.83  ? 94   GLN B CB  1 
ATOM   1003 C CG  . GLN B 1 44 ? -12.030 -11.696 -8.973  1.00 48.60  ? 94   GLN B CG  1 
ATOM   1004 C CD  . GLN B 1 44 ? -11.856 -10.393 -9.728  1.00 63.77  ? 94   GLN B CD  1 
ATOM   1005 O OE1 . GLN B 1 44 ? -12.493 -9.372  -9.418  1.00 56.23  ? 94   GLN B OE1 1 
ATOM   1006 N NE2 . GLN B 1 44 ? -10.992 -10.402 -10.736 1.00 57.71  ? 94   GLN B NE2 1 
ATOM   1007 N N   . GLU B 1 45 ? -11.471 -11.754 -5.046  1.00 31.94  ? 95   GLU B N   1 
ATOM   1008 C CA  . GLU B 1 45 ? -12.447 -11.567 -3.945  1.00 31.45  ? 95   GLU B CA  1 
ATOM   1009 C C   . GLU B 1 45 ? -12.118 -10.339 -3.129  1.00 36.73  ? 95   GLU B C   1 
ATOM   1010 O O   . GLU B 1 45 ? -13.030 -9.637  -2.676  1.00 35.82  ? 95   GLU B O   1 
ATOM   1011 C CB  . GLU B 1 45 ? -12.552 -12.818 -3.041  1.00 32.16  ? 95   GLU B CB  1 
ATOM   1012 C CG  . GLU B 1 45 ? -13.270 -13.968 -3.737  1.00 38.23  ? 95   GLU B CG  1 
ATOM   1013 C CD  . GLU B 1 45 ? -13.136 -15.362 -3.150  1.00 45.64  ? 95   GLU B CD  1 
ATOM   1014 O OE1 . GLU B 1 45 ? -12.202 -15.606 -2.355  1.00 39.49  ? 95   GLU B OE1 1 
ATOM   1015 O OE2 . GLU B 1 45 ? -13.932 -16.239 -3.556  1.00 42.74  ? 95   GLU B OE2 1 
ATOM   1016 N N   . LEU B 1 46 ? -10.809 -10.081 -2.928  1.00 35.75  ? 96   LEU B N   1 
ATOM   1017 C CA  . LEU B 1 46 ? -10.347 -8.874  -2.232  1.00 37.34  ? 96   LEU B CA  1 
ATOM   1018 C C   . LEU B 1 46 ? -10.746 -7.627  -3.034  1.00 38.45  ? 96   LEU B C   1 
ATOM   1019 O O   . LEU B 1 46 ? -11.264 -6.666  -2.445  1.00 36.34  ? 96   LEU B O   1 
ATOM   1020 C CB  . LEU B 1 46 ? -8.830  -8.922  -2.005  1.00 38.69  ? 96   LEU B CB  1 
ATOM   1021 C CG  . LEU B 1 46 ? -8.355  -9.856  -0.886  1.00 46.10  ? 96   LEU B CG  1 
ATOM   1022 C CD1 . LEU B 1 46 ? -6.856  -10.060 -0.967  1.00 47.50  ? 96   LEU B CD1 1 
ATOM   1023 C CD2 . LEU B 1 46 ? -8.742  -9.313  0.505   1.00 49.73  ? 96   LEU B CD2 1 
ATOM   1024 N N   . ASP B 1 47 ? -10.589 -7.685  -4.389  1.00 35.26  ? 97   ASP B N   1 
ATOM   1025 C CA  . ASP B 1 47 ? -11.010 -6.608  -5.305  1.00 35.46  ? 97   ASP B CA  1 
ATOM   1026 C C   . ASP B 1 47 ? -12.506 -6.401  -5.229  1.00 39.78  ? 97   ASP B C   1 
ATOM   1027 O O   . ASP B 1 47 ? -12.954 -5.249  -5.141  1.00 38.62  ? 97   ASP B O   1 
ATOM   1028 C CB  . ASP B 1 47 ? -10.582 -6.880  -6.758  1.00 37.30  ? 97   ASP B CB  1 
ATOM   1029 C CG  . ASP B 1 47 ? -9.099  -6.728  -7.028  1.00 46.60  ? 97   ASP B CG  1 
ATOM   1030 O OD1 . ASP B 1 47 ? -8.423  -6.007  -6.259  1.00 46.04  ? 97   ASP B OD1 1 
ATOM   1031 O OD2 . ASP B 1 47 ? -8.617  -7.308  -8.022  1.00 53.04  ? 97   ASP B OD2 1 
ATOM   1032 N N   . ASP B 1 48 ? -13.295 -7.519  -5.202  1.00 37.35  ? 98   ASP B N   1 
ATOM   1033 C CA  . ASP B 1 48 ? -14.765 -7.433  -5.084  1.00 37.06  ? 98   ASP B CA  1 
ATOM   1034 C C   . ASP B 1 48 ? -15.195 -6.767  -3.779  1.00 42.02  ? 98   ASP B C   1 
ATOM   1035 O O   . ASP B 1 48 ? -16.125 -5.954  -3.783  1.00 43.63  ? 98   ASP B O   1 
ATOM   1036 C CB  . ASP B 1 48 ? -15.434 -8.814  -5.236  1.00 38.37  ? 98   ASP B CB  1 
ATOM   1037 C CG  . ASP B 1 48 ? -15.159 -9.528  -6.537  1.00 47.82  ? 98   ASP B CG  1 
ATOM   1038 O OD1 . ASP B 1 48 ? -14.747 -8.856  -7.515  1.00 50.65  ? 98   ASP B OD1 1 
ATOM   1039 O OD2 . ASP B 1 48 ? -15.326 -10.760 -6.577  1.00 53.46  ? 98   ASP B OD2 1 
ATOM   1040 N N   . VAL B 1 49 ? -14.496 -7.085  -2.670  1.00 37.68  ? 99   VAL B N   1 
ATOM   1041 C CA  . VAL B 1 49 ? -14.759 -6.501  -1.353  1.00 37.67  ? 99   VAL B CA  1 
ATOM   1042 C C   . VAL B 1 49 ? -14.398 -5.015  -1.336  1.00 41.03  ? 99   VAL B C   1 
ATOM   1043 O O   . VAL B 1 49 ? -15.196 -4.209  -0.857  1.00 41.27  ? 99   VAL B O   1 
ATOM   1044 C CB  . VAL B 1 49 ? -14.096 -7.323  -0.221  1.00 42.18  ? 99   VAL B CB  1 
ATOM   1045 C CG1 . VAL B 1 49 ? -14.010 -6.542  1.087   1.00 42.15  ? 99   VAL B CG1 1 
ATOM   1046 C CG2 . VAL B 1 49 ? -14.847 -8.625  -0.011  1.00 42.14  ? 99   VAL B CG2 1 
ATOM   1047 N N   . ILE B 1 50 ? -13.232 -4.641  -1.894  1.00 37.38  ? 100  ILE B N   1 
ATOM   1048 C CA  . ILE B 1 50 ? -12.839 -3.223  -1.978  1.00 37.80  ? 100  ILE B CA  1 
ATOM   1049 C C   . ILE B 1 50 ? -13.947 -2.452  -2.714  1.00 45.63  ? 100  ILE B C   1 
ATOM   1050 O O   . ILE B 1 50 ? -14.410 -1.429  -2.210  1.00 43.59  ? 100  ILE B O   1 
ATOM   1051 C CB  . ILE B 1 50 ? -11.428 -3.051  -2.610  1.00 39.50  ? 100  ILE B CB  1 
ATOM   1052 C CG1 . ILE B 1 50 ? -10.333 -3.398  -1.562  1.00 38.71  ? 100  ILE B CG1 1 
ATOM   1053 C CG2 . ILE B 1 50 ? -11.242 -1.639  -3.188  1.00 39.13  ? 100  ILE B CG2 1 
ATOM   1054 C CD1 . ILE B 1 50 ? -9.059  -3.971  -2.102  1.00 37.20  ? 100  ILE B CD1 1 
ATOM   1055 N N   . ARG B 1 51 ? -14.414 -3.008  -3.866  1.00 46.82  ? 101  ARG B N   1 
ATOM   1056 C CA  . ARG B 1 51 ? -15.497 -2.467  -4.694  1.00 47.96  ? 101  ARG B CA  1 
ATOM   1057 C C   . ARG B 1 51 ? -16.800 -2.332  -3.869  1.00 53.15  ? 101  ARG B C   1 
ATOM   1058 O O   . ARG B 1 51 ? -17.388 -1.251  -3.873  1.00 53.09  ? 101  ARG B O   1 
ATOM   1059 C CB  . ARG B 1 51 ? -15.680 -3.316  -5.971  1.00 49.12  ? 101  ARG B CB  1 
ATOM   1060 C CG  . ARG B 1 51 ? -16.374 -2.571  -7.113  1.00 65.64  ? 101  ARG B CG  1 
ATOM   1061 C CD  . ARG B 1 51 ? -15.455 -1.960  -8.181  1.00 74.89  ? 101  ARG B CD  1 
ATOM   1062 N NE  . ARG B 1 51 ? -14.313 -1.206  -7.647  1.00 84.54  ? 101  ARG B NE  1 
ATOM   1063 C CZ  . ARG B 1 51 ? -14.365 0.032   -7.155  1.00 94.51  ? 101  ARG B CZ  1 
ATOM   1064 N NH1 . ARG B 1 51 ? -15.520 0.684   -7.092  1.00 73.83  ? 101  ARG B NH1 1 
ATOM   1065 N NH2 . ARG B 1 51 ? -13.266 0.615   -6.698  1.00 85.28  ? 101  ARG B NH2 1 
ATOM   1066 N N   . THR B 1 52 ? -17.169 -3.376  -3.079  1.00 50.21  ? 102  THR B N   1 
ATOM   1067 C CA  . THR B 1 52 ? -18.337 -3.406  -2.177  1.00 50.71  ? 102  THR B CA  1 
ATOM   1068 C C   . THR B 1 52 ? -18.272 -2.289  -1.130  1.00 58.02  ? 102  THR B C   1 
ATOM   1069 O O   . THR B 1 52 ? -19.272 -1.592  -0.914  1.00 58.11  ? 102  THR B O   1 
ATOM   1070 C CB  . THR B 1 52 ? -18.503 -4.820  -1.568  1.00 57.49  ? 102  THR B CB  1 
ATOM   1071 O OG1 . THR B 1 52 ? -18.844 -5.726  -2.614  1.00 58.12  ? 102  THR B OG1 1 
ATOM   1072 C CG2 . THR B 1 52 ? -19.554 -4.892  -0.462  1.00 55.48  ? 102  THR B CG2 1 
ATOM   1073 N N   . LEU B 1 53 ? -17.092 -2.120  -0.489  1.00 56.30  ? 103  LEU B N   1 
ATOM   1074 C CA  . LEU B 1 53 ? -16.810 -1.078  0.508   1.00 56.34  ? 103  LEU B CA  1 
ATOM   1075 C C   . LEU B 1 53 ? -17.123 0.323   -0.037  1.00 57.92  ? 103  LEU B C   1 
ATOM   1076 O O   . LEU B 1 53 ? -17.810 1.092   0.627   1.00 56.94  ? 103  LEU B O   1 
ATOM   1077 C CB  . LEU B 1 53 ? -15.321 -1.142  0.929   1.00 56.87  ? 103  LEU B CB  1 
ATOM   1078 C CG  . LEU B 1 53 ? -14.982 -1.735  2.293   1.00 62.48  ? 103  LEU B CG  1 
ATOM   1079 C CD1 . LEU B 1 53 ? -14.742 -3.203  2.190   1.00 63.08  ? 103  LEU B CD1 1 
ATOM   1080 C CD2 . LEU B 1 53 ? -13.697 -1.159  2.821   1.00 66.60  ? 103  LEU B CD2 1 
ATOM   1081 N N   . VAL B 1 54 ? -16.636 0.630   -1.251  1.00 54.85  ? 104  VAL B N   1 
ATOM   1082 C CA  . VAL B 1 54 ? -16.770 1.923   -1.933  1.00 55.53  ? 104  VAL B CA  1 
ATOM   1083 C C   . VAL B 1 54 ? -18.170 2.152   -2.521  1.00 62.84  ? 104  VAL B C   1 
ATOM   1084 O O   . VAL B 1 54 ? -18.821 3.141   -2.173  1.00 63.13  ? 104  VAL B O   1 
ATOM   1085 C CB  . VAL B 1 54 ? -15.660 2.118   -3.012  1.00 59.01  ? 104  VAL B CB  1 
ATOM   1086 C CG1 . VAL B 1 54 ? -15.821 3.443   -3.754  1.00 58.47  ? 104  VAL B CG1 1 
ATOM   1087 C CG2 . VAL B 1 54 ? -14.265 2.007   -2.405  1.00 58.75  ? 104  VAL B CG2 1 
ATOM   1088 N N   . ASP B 1 55 ? -18.596 1.273   -3.457  1.00 60.25  ? 105  ASP B N   1 
ATOM   1089 C CA  . ASP B 1 55 ? -19.871 1.373   -4.173  1.00 60.51  ? 105  ASP B CA  1 
ATOM   1090 C C   . ASP B 1 55 ? -21.118 1.258   -3.309  1.00 66.28  ? 105  ASP B C   1 
ATOM   1091 O O   . ASP B 1 55 ? -22.019 2.092   -3.432  1.00 66.58  ? 105  ASP B O   1 
ATOM   1092 C CB  . ASP B 1 55 ? -19.929 0.385   -5.358  1.00 62.07  ? 105  ASP B CB  1 
ATOM   1093 C CG  . ASP B 1 55 ? -18.901 0.633   -6.454  1.00 70.50  ? 105  ASP B CG  1 
ATOM   1094 O OD1 . ASP B 1 55 ? -18.237 1.693   -6.422  1.00 70.94  ? 105  ASP B OD1 1 
ATOM   1095 O OD2 . ASP B 1 55 ? -18.764 -0.230  -7.345  1.00 75.59  ? 105  ASP B OD2 1 
ATOM   1096 N N   . ILE B 1 56 ? -21.179 0.232   -2.451  1.00 63.72  ? 106  ILE B N   1 
ATOM   1097 C CA  . ILE B 1 56 ? -22.353 -0.051  -1.632  1.00 63.79  ? 106  ILE B CA  1 
ATOM   1098 C C   . ILE B 1 56 ? -22.309 0.617   -0.262  1.00 68.63  ? 106  ILE B C   1 
ATOM   1099 O O   . ILE B 1 56 ? -23.242 1.340   0.085   1.00 68.84  ? 106  ILE B O   1 
ATOM   1100 C CB  . ILE B 1 56 ? -22.649 -1.591  -1.594  1.00 66.99  ? 106  ILE B CB  1 
ATOM   1101 C CG1 . ILE B 1 56 ? -22.830 -2.152  -3.024  1.00 67.47  ? 106  ILE B CG1 1 
ATOM   1102 C CG2 . ILE B 1 56 ? -23.878 -1.933  -0.729  1.00 67.67  ? 106  ILE B CG2 1 
ATOM   1103 C CD1 . ILE B 1 56 ? -22.222 -3.523  -3.269  1.00 76.63  ? 106  ILE B CD1 1 
ATOM   1104 N N   . TYR B 1 57 ? -21.225 0.404   0.497   1.00 65.27  ? 107  TYR B N   1 
ATOM   1105 C CA  . TYR B 1 57 ? -21.065 0.921   1.857   1.00 65.19  ? 107  TYR B CA  1 
ATOM   1106 C C   . TYR B 1 57 ? -20.580 2.375   1.972   1.00 67.96  ? 107  TYR B C   1 
ATOM   1107 O O   . TYR B 1 57 ? -20.455 2.903   3.083   1.00 66.59  ? 107  TYR B O   1 
ATOM   1108 C CB  . TYR B 1 57 ? -20.265 -0.074  2.716   1.00 67.28  ? 107  TYR B CB  1 
ATOM   1109 C CG  . TYR B 1 57 ? -21.037 -1.344  3.012   1.00 70.45  ? 107  TYR B CG  1 
ATOM   1110 C CD1 . TYR B 1 57 ? -21.289 -2.283  2.012   1.00 71.42  ? 107  TYR B CD1 1 
ATOM   1111 C CD2 . TYR B 1 57 ? -21.545 -1.594  4.284   1.00 73.13  ? 107  TYR B CD2 1 
ATOM   1112 C CE1 . TYR B 1 57 ? -22.031 -3.434  2.270   1.00 72.58  ? 107  TYR B CE1 1 
ATOM   1113 C CE2 . TYR B 1 57 ? -22.268 -2.754  4.560   1.00 74.73  ? 107  TYR B CE2 1 
ATOM   1114 C CZ  . TYR B 1 57 ? -22.511 -3.670  3.549   1.00 81.16  ? 107  TYR B CZ  1 
ATOM   1115 O OH  . TYR B 1 57 ? -23.233 -4.807  3.818   1.00 83.56  ? 107  TYR B OH  1 
ATOM   1116 N N   . ARG B 1 58 ? -20.356 3.023   0.811   1.00 65.18  ? 108  ARG B N   1 
ATOM   1117 C CA  . ARG B 1 58 ? -19.923 4.416   0.642   1.00 65.43  ? 108  ARG B CA  1 
ATOM   1118 C C   . ARG B 1 58 ? -18.684 4.899   1.449   1.00 69.26  ? 108  ARG B C   1 
ATOM   1119 O O   . ARG B 1 58 ? -18.548 6.101   1.715   1.00 69.55  ? 108  ARG B O   1 
ATOM   1120 C CB  . ARG B 1 58 ? -21.114 5.390   0.704   1.00 66.60  ? 108  ARG B CB  1 
ATOM   1121 C CG  . ARG B 1 58 ? -22.058 5.260   -0.491  1.00 84.49  ? 108  ARG B CG  1 
ATOM   1122 C CD  . ARG B 1 58 ? -22.758 6.568   -0.809  1.00 106.83 ? 108  ARG B CD  1 
ATOM   1123 N NE  . ARG B 1 58 ? -21.955 7.428   -1.684  1.00 122.32 ? 108  ARG B NE  1 
ATOM   1124 C CZ  . ARG B 1 58 ? -22.209 8.715   -1.919  1.00 136.85 ? 108  ARG B CZ  1 
ATOM   1125 N NH1 . ARG B 1 58 ? -23.240 9.313   -1.334  1.00 124.47 ? 108  ARG B NH1 1 
ATOM   1126 N NH2 . ARG B 1 58 ? -21.426 9.413   -2.730  1.00 121.27 ? 108  ARG B NH2 1 
ATOM   1127 N N   . VAL B 1 59 ? -17.765 3.972   1.802   1.00 64.23  ? 109  VAL B N   1 
ATOM   1128 C CA  . VAL B 1 59 ? -16.549 4.351   2.531   1.00 63.50  ? 109  VAL B CA  1 
ATOM   1129 C C   . VAL B 1 59 ? -15.531 4.988   1.598   1.00 63.25  ? 109  VAL B C   1 
ATOM   1130 O O   . VAL B 1 59 ? -15.332 4.509   0.476   1.00 60.64  ? 109  VAL B O   1 
ATOM   1131 C CB  . VAL B 1 59 ? -15.924 3.284   3.479   1.00 68.28  ? 109  VAL B CB  1 
ATOM   1132 C CG1 . VAL B 1 59 ? -16.901 2.863   4.570   1.00 68.41  ? 109  VAL B CG1 1 
ATOM   1133 C CG2 . VAL B 1 59 ? -15.404 2.073   2.721   1.00 68.09  ? 109  VAL B CG2 1 
ATOM   1134 N N   . ASP B 1 60 ? -14.927 6.105   2.056   1.00 59.01  ? 110  ASP B N   1 
ATOM   1135 C CA  . ASP B 1 60 ? -13.917 6.828   1.289   1.00 57.69  ? 110  ASP B CA  1 
ATOM   1136 C C   . ASP B 1 60 ? -12.606 6.051   1.396   1.00 56.17  ? 110  ASP B C   1 
ATOM   1137 O O   . ASP B 1 60 ? -12.086 5.852   2.508   1.00 55.69  ? 110  ASP B O   1 
ATOM   1138 C CB  . ASP B 1 60 ? -13.756 8.273   1.801   1.00 60.29  ? 110  ASP B CB  1 
ATOM   1139 C CG  . ASP B 1 60 ? -12.760 9.109   1.008   1.00 77.93  ? 110  ASP B CG  1 
ATOM   1140 O OD1 . ASP B 1 60 ? -12.963 9.279   -0.221  1.00 78.46  ? 110  ASP B OD1 1 
ATOM   1141 O OD2 . ASP B 1 60 ? -11.787 9.616   1.621   1.00 86.63  ? 110  ASP B OD2 1 
ATOM   1142 N N   . LEU B 1 61 ? -12.146 5.512   0.255   1.00 47.13  ? 111  LEU B N   1 
ATOM   1143 C CA  . LEU B 1 61 ? -10.894 4.769   0.229   1.00 44.42  ? 111  LEU B CA  1 
ATOM   1144 C C   . LEU B 1 61 ? -9.899  5.510   -0.605  1.00 43.49  ? 111  LEU B C   1 
ATOM   1145 O O   . LEU B 1 61 ? -10.158 5.787   -1.781  1.00 42.40  ? 111  LEU B O   1 
ATOM   1146 C CB  . LEU B 1 61 ? -11.032 3.310   -0.280  1.00 44.04  ? 111  LEU B CB  1 
ATOM   1147 C CG  . LEU B 1 61 ? -11.769 2.295   0.610   1.00 47.62  ? 111  LEU B CG  1 
ATOM   1148 C CD1 . LEU B 1 61 ? -11.755 0.910   -0.016  1.00 46.90  ? 111  LEU B CD1 1 
ATOM   1149 C CD2 . LEU B 1 61 ? -11.147 2.198   1.951   1.00 49.56  ? 111  LEU B CD2 1 
ATOM   1150 N N   . LEU B 1 62 ? -8.743  5.823   0.002   1.00 37.05  ? 112  LEU B N   1 
ATOM   1151 C CA  . LEU B 1 62 ? -7.633  6.441   -0.717  1.00 35.77  ? 112  LEU B CA  1 
ATOM   1152 C C   . LEU B 1 62 ? -7.071  5.350   -1.647  1.00 38.28  ? 112  LEU B C   1 
ATOM   1153 O O   . LEU B 1 62 ? -7.227  4.164   -1.351  1.00 37.83  ? 112  LEU B O   1 
ATOM   1154 C CB  . LEU B 1 62 ? -6.529  6.897   0.279   1.00 35.40  ? 112  LEU B CB  1 
ATOM   1155 C CG  . LEU B 1 62 ? -6.887  7.924   1.378   1.00 39.38  ? 112  LEU B CG  1 
ATOM   1156 C CD1 . LEU B 1 62 ? -5.709  8.136   2.341   1.00 38.11  ? 112  LEU B CD1 1 
ATOM   1157 C CD2 . LEU B 1 62 ? -7.287  9.263   0.787   1.00 42.09  ? 112  LEU B CD2 1 
ATOM   1158 N N   . VAL B 1 63 ? -6.442  5.739   -2.760  1.00 35.72  ? 113  VAL B N   1 
ATOM   1159 C CA  . VAL B 1 63 ? -5.799  4.823   -3.721  1.00 36.17  ? 113  VAL B CA  1 
ATOM   1160 C C   . VAL B 1 63 ? -4.796  3.888   -3.009  1.00 37.25  ? 113  VAL B C   1 
ATOM   1161 O O   . VAL B 1 63 ? -4.874  2.668   -3.190  1.00 36.15  ? 113  VAL B O   1 
ATOM   1162 C CB  . VAL B 1 63 ? -5.106  5.592   -4.882  1.00 41.60  ? 113  VAL B CB  1 
ATOM   1163 C CG1 . VAL B 1 63 ? -4.349  4.633   -5.806  1.00 42.21  ? 113  VAL B CG1 1 
ATOM   1164 C CG2 . VAL B 1 63 ? -6.112  6.401   -5.676  1.00 41.38  ? 113  VAL B CG2 1 
ATOM   1165 N N   . GLY B 1 64 ? -3.900  4.477   -2.198  1.00 32.12  ? 114  GLY B N   1 
ATOM   1166 C CA  . GLY B 1 64 ? -2.872  3.763   -1.444  1.00 31.39  ? 114  GLY B CA  1 
ATOM   1167 C C   . GLY B 1 64 ? -3.443  2.851   -0.383  1.00 36.19  ? 114  GLY B C   1 
ATOM   1168 O O   . GLY B 1 64 ? -2.811  1.866   0.006   1.00 37.00  ? 114  GLY B O   1 
ATOM   1169 N N   . GLU B 1 65 ? -4.650  3.186   0.097   1.00 31.83  ? 115  GLU B N   1 
ATOM   1170 C CA  . GLU B 1 65 ? -5.422  2.401   1.062   1.00 31.32  ? 115  GLU B CA  1 
ATOM   1171 C C   . GLU B 1 65 ? -5.948  1.128   0.338   1.00 32.89  ? 115  GLU B C   1 
ATOM   1172 O O   . GLU B 1 65 ? -5.865  0.037   0.894   1.00 33.06  ? 115  GLU B O   1 
ATOM   1173 C CB  . GLU B 1 65 ? -6.581  3.281   1.558   1.00 32.75  ? 115  GLU B CB  1 
ATOM   1174 C CG  . GLU B 1 65 ? -7.328  2.739   2.745   1.00 39.66  ? 115  GLU B CG  1 
ATOM   1175 C CD  . GLU B 1 65 ? -8.198  3.757   3.444   1.00 37.48  ? 115  GLU B CD  1 
ATOM   1176 O OE1 . GLU B 1 65 ? -8.624  4.750   2.812   1.00 41.75  ? 115  GLU B OE1 1 
ATOM   1177 O OE2 . GLU B 1 65 ? -8.476  3.533   4.638   1.00 38.50  ? 115  GLU B OE2 1 
ATOM   1178 N N   . LYS B 1 66 ? -6.400  1.255   -0.930  1.00 28.37  ? 116  LYS B N   1 
ATOM   1179 C CA  . LYS B 1 66 ? -6.834  0.083   -1.730  1.00 28.88  ? 116  LYS B CA  1 
ATOM   1180 C C   . LYS B 1 66 ? -5.668  -0.889  -1.975  1.00 31.59  ? 116  LYS B C   1 
ATOM   1181 O O   . LYS B 1 66 ? -5.827  -2.088  -1.747  1.00 29.73  ? 116  LYS B O   1 
ATOM   1182 C CB  . LYS B 1 66 ? -7.482  0.492   -3.059  1.00 29.73  ? 116  LYS B CB  1 
ATOM   1183 C CG  . LYS B 1 66 ? -8.799  1.239   -2.856  1.00 35.54  ? 116  LYS B CG  1 
ATOM   1184 C CD  . LYS B 1 66 ? -9.245  1.899   -4.143  1.00 43.10  ? 116  LYS B CD  1 
ATOM   1185 C CE  . LYS B 1 66 ? -10.667 2.395   -4.063  1.00 64.24  ? 116  LYS B CE  1 
ATOM   1186 N NZ  . LYS B 1 66 ? -11.102 3.036   -5.338  1.00 74.00  ? 116  LYS B NZ  1 
ATOM   1187 N N   . TYR B 1 67 ? -4.471  -0.354  -2.352  1.00 27.71  ? 117  TYR B N   1 
ATOM   1188 C CA  . TYR B 1 67 ? -3.270  -1.169  -2.541  1.00 26.83  ? 117  TYR B CA  1 
ATOM   1189 C C   . TYR B 1 67 ? -2.792  -1.723  -1.211  1.00 28.63  ? 117  TYR B C   1 
ATOM   1190 O O   . TYR B 1 67 ? -2.311  -2.856  -1.148  1.00 27.34  ? 117  TYR B O   1 
ATOM   1191 C CB  . TYR B 1 67 ? -2.149  -0.359  -3.220  1.00 28.15  ? 117  TYR B CB  1 
ATOM   1192 C CG  . TYR B 1 67 ? -2.374  -0.140  -4.699  1.00 28.81  ? 117  TYR B CG  1 
ATOM   1193 C CD1 . TYR B 1 67 ? -2.091  -1.146  -5.624  1.00 29.67  ? 117  TYR B CD1 1 
ATOM   1194 C CD2 . TYR B 1 67 ? -2.833  1.082   -5.181  1.00 29.58  ? 117  TYR B CD2 1 
ATOM   1195 C CE1 . TYR B 1 67 ? -2.293  -0.949  -6.989  1.00 29.86  ? 117  TYR B CE1 1 
ATOM   1196 C CE2 . TYR B 1 67 ? -3.060  1.283   -6.541  1.00 30.36  ? 117  TYR B CE2 1 
ATOM   1197 C CZ  . TYR B 1 67 ? -2.756  0.275   -7.445  1.00 35.37  ? 117  TYR B CZ  1 
ATOM   1198 O OH  . TYR B 1 67 ? -2.919  0.493   -8.787  1.00 34.50  ? 117  TYR B OH  1 
ATOM   1199 N N   . GLY B 1 68 ? -2.969  -0.930  -0.157  1.00 26.38  ? 118  GLY B N   1 
ATOM   1200 C CA  . GLY B 1 68 ? -2.603  -1.295  1.205   1.00 26.39  ? 118  GLY B CA  1 
ATOM   1201 C C   . GLY B 1 68 ? -3.297  -2.540  1.716   1.00 29.44  ? 118  GLY B C   1 
ATOM   1202 O O   . GLY B 1 68 ? -2.644  -3.426  2.266   1.00 27.69  ? 118  GLY B O   1 
ATOM   1203 N N   . ILE B 1 69 ? -4.622  -2.629  1.516   1.00 27.79  ? 119  ILE B N   1 
ATOM   1204 C CA  . ILE B 1 69 ? -5.398  -3.822  1.904   1.00 26.60  ? 119  ILE B CA  1 
ATOM   1205 C C   . ILE B 1 69 ? -4.825  -5.071  1.221   1.00 27.96  ? 119  ILE B C   1 
ATOM   1206 O O   . ILE B 1 69 ? -4.549  -6.073  1.882   1.00 28.38  ? 119  ILE B O   1 
ATOM   1207 C CB  . ILE B 1 69 ? -6.931  -3.636  1.648   1.00 28.50  ? 119  ILE B CB  1 
ATOM   1208 C CG1 . ILE B 1 69 ? -7.542  -2.629  2.650   1.00 27.36  ? 119  ILE B CG1 1 
ATOM   1209 C CG2 . ILE B 1 69 ? -7.688  -4.994  1.707   1.00 28.44  ? 119  ILE B CG2 1 
ATOM   1210 C CD1 . ILE B 1 69 ? -8.873  -1.863  2.116   1.00 26.94  ? 119  ILE B CD1 1 
ATOM   1211 N N   . LYS B 1 70 ? -4.621  -4.993  -0.079  1.00 24.15  ? 120  LYS B N   1 
ATOM   1212 C CA  . LYS B 1 70 ? -4.100  -6.106  -0.883  1.00 24.93  ? 120  LYS B CA  1 
ATOM   1213 C C   . LYS B 1 70 ? -2.680  -6.482  -0.506  1.00 30.92  ? 120  LYS B C   1 
ATOM   1214 O O   . LYS B 1 70 ? -2.398  -7.665  -0.337  1.00 30.93  ? 120  LYS B O   1 
ATOM   1215 C CB  . LYS B 1 70 ? -4.196  -5.781  -2.372  1.00 26.98  ? 120  LYS B CB  1 
ATOM   1216 C CG  . LYS B 1 70 ? -5.629  -5.462  -2.856  1.00 41.46  ? 120  LYS B CG  1 
ATOM   1217 C CD  . LYS B 1 70 ? -6.291  -6.613  -3.594  1.00 49.01  ? 120  LYS B CD  1 
ATOM   1218 C CE  . LYS B 1 70 ? -5.531  -7.135  -4.804  1.00 47.19  ? 120  LYS B CE  1 
ATOM   1219 N NZ  . LYS B 1 70 ? -5.833  -6.372  -6.036  1.00 54.23  ? 120  LYS B NZ  1 
ATOM   1220 N N   . SER B 1 71 ? -1.794  -5.470  -0.303  1.00 27.88  ? 121  SER B N   1 
ATOM   1221 C CA  . SER B 1 71 ? -0.402  -5.715  0.091   1.00 26.61  ? 121  SER B CA  1 
ATOM   1222 C C   . SER B 1 71 ? -0.310  -6.401  1.459   1.00 29.45  ? 121  SER B C   1 
ATOM   1223 O O   . SER B 1 71 ? 0.468   -7.341  1.602   1.00 28.15  ? 121  SER B O   1 
ATOM   1224 C CB  . SER B 1 71 ? 0.394   -4.411  0.089   1.00 27.66  ? 121  SER B CB  1 
ATOM   1225 O OG  . SER B 1 71 ? 0.853   -4.129  -1.222  1.00 29.97  ? 121  SER B OG  1 
ATOM   1226 N N   . ALA B 1 72 ? -1.126  -5.948  2.446   1.00 26.72  ? 122  ALA B N   1 
ATOM   1227 C CA  . ALA B 1 72 ? -1.181  -6.497  3.810   1.00 26.55  ? 122  ALA B CA  1 
ATOM   1228 C C   . ALA B 1 72 ? -1.547  -7.976  3.769   1.00 31.33  ? 122  ALA B C   1 
ATOM   1229 O O   . ALA B 1 72 ? -0.895  -8.792  4.424   1.00 31.87  ? 122  ALA B O   1 
ATOM   1230 C CB  . ALA B 1 72 ? -2.210  -5.736  4.642   1.00 26.70  ? 122  ALA B CB  1 
ATOM   1231 N N   . VAL B 1 73 ? -2.558  -8.323  2.955   1.00 29.08  ? 123  VAL B N   1 
ATOM   1232 C CA  . VAL B 1 73 ? -3.018  -9.701  2.782   1.00 28.78  ? 123  VAL B CA  1 
ATOM   1233 C C   . VAL B 1 73 ? -1.934  -10.540 2.104   1.00 33.37  ? 123  VAL B C   1 
ATOM   1234 O O   . VAL B 1 73 ? -1.662  -11.647 2.566   1.00 32.04  ? 123  VAL B O   1 
ATOM   1235 C CB  . VAL B 1 73 ? -4.443  -9.823  2.165   1.00 31.57  ? 123  VAL B CB  1 
ATOM   1236 C CG1 . VAL B 1 73 ? -4.828  -11.291 1.960   1.00 31.14  ? 123  VAL B CG1 1 
ATOM   1237 C CG2 . VAL B 1 73 ? -5.473  -9.139  3.081   1.00 31.13  ? 123  VAL B CG2 1 
ATOM   1238 N N   . ARG B 1 74 ? -1.246  -9.976  1.091   1.00 31.55  ? 124  ARG B N   1 
ATOM   1239 C CA  . ARG B 1 74 ? -0.123  -10.666 0.440   1.00 31.94  ? 124  ARG B CA  1 
ATOM   1240 C C   . ARG B 1 74 ? 1.024   -10.965 1.402   1.00 36.96  ? 124  ARG B C   1 
ATOM   1241 O O   . ARG B 1 74 ? 1.590   -12.055 1.348   1.00 36.37  ? 124  ARG B O   1 
ATOM   1242 C CB  . ARG B 1 74 ? 0.411   -9.858  -0.723  1.00 32.11  ? 124  ARG B CB  1 
ATOM   1243 C CG  . ARG B 1 74 ? -0.416  -9.972  -1.955  1.00 33.92  ? 124  ARG B CG  1 
ATOM   1244 C CD  . ARG B 1 74 ? 0.208   -9.074  -2.983  1.00 37.96  ? 124  ARG B CD  1 
ATOM   1245 N NE  . ARG B 1 74 ? -0.679  -8.911  -4.120  1.00 38.09  ? 124  ARG B NE  1 
ATOM   1246 C CZ  . ARG B 1 74 ? -0.618  -7.900  -4.965  1.00 46.44  ? 124  ARG B CZ  1 
ATOM   1247 N NH1 . ARG B 1 74 ? 0.286   -6.941  -4.799  1.00 34.16  ? 124  ARG B NH1 1 
ATOM   1248 N NH2 . ARG B 1 74 ? -1.464  -7.826  -5.976  1.00 33.62  ? 124  ARG B NH2 1 
ATOM   1249 N N   . ALA B 1 75 ? 1.370   -9.999  2.273   1.00 35.52  ? 125  ALA B N   1 
ATOM   1250 C CA  . ALA B 1 75 ? 2.447   -10.145 3.253   1.00 36.24  ? 125  ALA B CA  1 
ATOM   1251 C C   . ALA B 1 75 ? 2.113   -11.224 4.303   1.00 43.00  ? 125  ALA B C   1 
ATOM   1252 O O   . ALA B 1 75 ? 3.004   -11.979 4.671   1.00 43.83  ? 125  ALA B O   1 
ATOM   1253 C CB  . ALA B 1 75 ? 2.728   -8.814  3.933   1.00 36.66  ? 125  ALA B CB  1 
ATOM   1254 N N   . GLU B 1 76 ? 0.844   -11.301 4.780   1.00 39.94  ? 126  GLU B N   1 
ATOM   1255 C CA  . GLU B 1 76 ? 0.461   -12.326 5.751   1.00 39.54  ? 126  GLU B CA  1 
ATOM   1256 C C   . GLU B 1 76 ? 0.409   -13.709 5.115   1.00 44.61  ? 126  GLU B C   1 
ATOM   1257 O O   . GLU B 1 76 ? 0.886   -14.671 5.724   1.00 46.15  ? 126  GLU B O   1 
ATOM   1258 C CB  . GLU B 1 76 ? -0.821  -11.980 6.505   1.00 40.58  ? 126  GLU B CB  1 
ATOM   1259 C CG  . GLU B 1 76 ? -1.101  -12.866 7.718   1.00 49.83  ? 126  GLU B CG  1 
ATOM   1260 C CD  . GLU B 1 76 ? -0.200  -12.757 8.940   1.00 68.44  ? 126  GLU B CD  1 
ATOM   1261 O OE1 . GLU B 1 76 ? 0.883   -12.134 8.855   1.00 57.41  ? 126  GLU B OE1 1 
ATOM   1262 O OE2 . GLU B 1 76 ? -0.583  -13.310 9.994   1.00 67.42  ? 126  GLU B OE2 1 
ATOM   1263 N N   . LYS B 1 77 ? -0.110  -13.806 3.882   1.00 40.30  ? 127  LYS B N   1 
ATOM   1264 C CA  . LYS B 1 77 ? -0.141  -15.069 3.145   1.00 40.89  ? 127  LYS B CA  1 
ATOM   1265 C C   . LYS B 1 77 ? 1.299   -15.585 3.013   1.00 49.99  ? 127  LYS B C   1 
ATOM   1266 O O   . LYS B 1 77 ? 1.563   -16.712 3.414   1.00 50.67  ? 127  LYS B O   1 
ATOM   1267 C CB  . LYS B 1 77 ? -0.793  -14.917 1.759   1.00 41.30  ? 127  LYS B CB  1 
ATOM   1268 C CG  . LYS B 1 77 ? -2.313  -14.886 1.758   1.00 40.19  ? 127  LYS B CG  1 
ATOM   1269 C CD  . LYS B 1 77 ? -2.831  -14.930 0.317   1.00 45.57  ? 127  LYS B CD  1 
ATOM   1270 C CE  . LYS B 1 77 ? -4.316  -14.635 0.209   1.00 52.81  ? 127  LYS B CE  1 
ATOM   1271 N NZ  . LYS B 1 77 ? -4.772  -14.408 -1.203  1.00 48.34  ? 127  LYS B NZ  1 
ATOM   1272 N N   . ARG B 1 78 ? 2.245   -14.719 2.576   1.00 48.99  ? 128  ARG B N   1 
ATOM   1273 C CA  . ARG B 1 78 ? 3.657   -15.064 2.419   1.00 49.28  ? 128  ARG B CA  1 
ATOM   1274 C C   . ARG B 1 78 ? 4.318   -15.461 3.741   1.00 54.43  ? 128  ARG B C   1 
ATOM   1275 O O   . ARG B 1 78 ? 5.014   -16.463 3.766   1.00 55.44  ? 128  ARG B O   1 
ATOM   1276 C CB  . ARG B 1 78 ? 4.416   -13.950 1.690   1.00 50.25  ? 128  ARG B CB  1 
ATOM   1277 C CG  . ARG B 1 78 ? 5.879   -14.263 1.388   1.00 63.37  ? 128  ARG B CG  1 
ATOM   1278 C CD  . ARG B 1 78 ? 6.623   -13.102 0.752   1.00 75.66  ? 128  ARG B CD  1 
ATOM   1279 N NE  . ARG B 1 78 ? 6.680   -11.932 1.632   1.00 86.65  ? 128  ARG B NE  1 
ATOM   1280 C CZ  . ARG B 1 78 ? 6.054   -10.783 1.391   1.00 100.09 ? 128  ARG B CZ  1 
ATOM   1281 N NH1 . ARG B 1 78 ? 5.322   -10.635 0.291   1.00 89.93  ? 128  ARG B NH1 1 
ATOM   1282 N NH2 . ARG B 1 78 ? 6.159   -9.772  2.244   1.00 80.23  ? 128  ARG B NH2 1 
ATOM   1283 N N   . ARG B 1 79 ? 4.067   -14.728 4.830   1.00 51.67  ? 129  ARG B N   1 
ATOM   1284 C CA  . ARG B 1 79 ? 4.608   -15.028 6.157   1.00 53.55  ? 129  ARG B CA  1 
ATOM   1285 C C   . ARG B 1 79 ? 4.151   -16.425 6.630   1.00 65.57  ? 129  ARG B C   1 
ATOM   1286 O O   . ARG B 1 79 ? 4.972   -17.200 7.136   1.00 66.72  ? 129  ARG B O   1 
ATOM   1287 C CB  . ARG B 1 79 ? 4.158   -13.960 7.163   1.00 52.87  ? 129  ARG B CB  1 
ATOM   1288 C CG  . ARG B 1 79 ? 4.963   -13.928 8.452   1.00 56.09  ? 129  ARG B CG  1 
ATOM   1289 C CD  . ARG B 1 79 ? 4.197   -13.259 9.571   1.00 59.89  ? 129  ARG B CD  1 
ATOM   1290 N NE  . ARG B 1 79 ? 3.273   -14.191 10.221  1.00 79.18  ? 129  ARG B NE  1 
ATOM   1291 C CZ  . ARG B 1 79 ? 2.476   -13.879 11.240  1.00 98.60  ? 129  ARG B CZ  1 
ATOM   1292 N NH1 . ARG B 1 79 ? 2.479   -12.648 11.742  1.00 88.18  ? 129  ARG B NH1 1 
ATOM   1293 N NH2 . ARG B 1 79 ? 1.667   -14.792 11.761  1.00 84.61  ? 129  ARG B NH2 1 
ATOM   1294 N N   . LEU B 1 80 ? 2.856   -16.749 6.425   1.00 64.92  ? 130  LEU B N   1 
ATOM   1295 C CA  . LEU B 1 80 ? 2.275   -18.036 6.795   1.00 66.15  ? 130  LEU B CA  1 
ATOM   1296 C C   . LEU B 1 80 ? 2.738   -19.175 5.878   1.00 74.75  ? 130  LEU B C   1 
ATOM   1297 O O   . LEU B 1 80 ? 2.983   -20.273 6.377   1.00 74.92  ? 130  LEU B O   1 
ATOM   1298 C CB  . LEU B 1 80 ? 0.737   -17.949 6.860   1.00 65.95  ? 130  LEU B CB  1 
ATOM   1299 C CG  . LEU B 1 80 ? 0.161   -17.030 7.953   1.00 69.69  ? 130  LEU B CG  1 
ATOM   1300 C CD1 . LEU B 1 80 ? -1.270  -16.664 7.659   1.00 69.31  ? 130  LEU B CD1 1 
ATOM   1301 C CD2 . LEU B 1 80 ? 0.278   -17.651 9.327   1.00 71.71  ? 130  LEU B CD2 1 
ATOM   1302 N N   . ASP B 1 81 ? 2.879   -18.917 4.555   1.00 74.52  ? 131  ASP B N   1 
ATOM   1303 C CA  . ASP B 1 81 ? 3.350   -19.908 3.572   1.00 76.06  ? 131  ASP B CA  1 
ATOM   1304 C C   . ASP B 1 81 ? 4.806   -20.319 3.866   1.00 83.53  ? 131  ASP B C   1 
ATOM   1305 O O   . ASP B 1 81 ? 5.121   -21.513 3.847   1.00 83.74  ? 131  ASP B O   1 
ATOM   1306 C CB  . ASP B 1 81 ? 3.251   -19.373 2.123   1.00 78.13  ? 131  ASP B CB  1 
ATOM   1307 C CG  . ASP B 1 81 ? 1.855   -19.126 1.559   1.00 91.53  ? 131  ASP B CG  1 
ATOM   1308 O OD1 . ASP B 1 81 ? 0.911   -19.850 1.954   1.00 92.71  ? 131  ASP B OD1 1 
ATOM   1309 O OD2 . ASP B 1 81 ? 1.714   -18.224 0.703   1.00 97.96  ? 131  ASP B OD2 1 
ATOM   1310 N N   . GLU B 1 82 ? 5.675   -19.326 4.164   1.00 81.77  ? 132  GLU B N   1 
ATOM   1311 C CA  . GLU B 1 82 ? 7.101   -19.501 4.468   1.00 82.50  ? 132  GLU B CA  1 
ATOM   1312 C C   . GLU B 1 82 ? 7.400   -20.201 5.805   1.00 88.30  ? 132  GLU B C   1 
ATOM   1313 O O   . GLU B 1 82 ? 8.561   -20.542 6.060   1.00 88.33  ? 132  GLU B O   1 
ATOM   1314 C CB  . GLU B 1 82 ? 7.870   -18.178 4.323   1.00 83.97  ? 132  GLU B CB  1 
ATOM   1315 C CG  . GLU B 1 82 ? 8.050   -17.758 2.871   1.00 96.65  ? 132  GLU B CG  1 
ATOM   1316 C CD  . GLU B 1 82 ? 8.534   -16.343 2.603   1.00 121.58 ? 132  GLU B CD  1 
ATOM   1317 O OE1 . GLU B 1 82 ? 8.499   -15.503 3.533   1.00 120.04 ? 132  GLU B OE1 1 
ATOM   1318 O OE2 . GLU B 1 82 ? 8.905   -16.062 1.440   1.00 114.60 ? 132  GLU B OE2 1 
ATOM   1319 N N   . LEU B 1 83 ? 6.355   -20.458 6.634   1.00 85.50  ? 133  LEU B N   1 
ATOM   1320 C CA  . LEU B 1 83 ? 6.483   -21.191 7.901   1.00 85.53  ? 133  LEU B CA  1 
ATOM   1321 C C   . LEU B 1 83 ? 6.572   -22.727 7.674   1.00 90.91  ? 133  LEU B C   1 
ATOM   1322 O O   . LEU B 1 83 ? 6.710   -23.486 8.640   1.00 90.51  ? 133  LEU B O   1 
ATOM   1323 C CB  . LEU B 1 83 ? 5.344   -20.841 8.891   1.00 85.18  ? 133  LEU B CB  1 
ATOM   1324 C CG  . LEU B 1 83 ? 5.394   -19.475 9.600   1.00 89.28  ? 133  LEU B CG  1 
ATOM   1325 C CD1 . LEU B 1 83 ? 4.370   -19.412 10.715  1.00 89.11  ? 133  LEU B CD1 1 
ATOM   1326 C CD2 . LEU B 1 83 ? 6.777   -19.167 10.169  1.00 91.23  ? 133  LEU B CD2 1 
ATOM   1327 N N   . GLU B 1 84 ? 6.507   -23.166 6.390   1.00 87.95  ? 134  GLU B N   1 
ATOM   1328 C CA  . GLU B 1 84 ? 6.590   -24.563 5.955   1.00 112.58 ? 134  GLU B CA  1 
ATOM   1329 C C   . GLU B 1 84 ? 7.633   -24.719 4.840   1.00 134.73 ? 134  GLU B C   1 
ATOM   1330 O O   . GLU B 1 84 ? 7.458   -24.199 3.735   1.00 93.04  ? 134  GLU B O   1 
ATOM   1331 C CB  . GLU B 1 84 ? 5.217   -25.082 5.486   1.00 113.86 ? 134  GLU B CB  1 
ATOM   1332 C CG  . GLU B 1 84 ? 4.176   -25.203 6.587   1.00 123.33 ? 134  GLU B CG  1 
ATOM   1333 C CD  . GLU B 1 84 ? 3.007   -24.239 6.493   1.00 138.51 ? 134  GLU B CD  1 
ATOM   1334 O OE1 . GLU B 1 84 ? 2.516   -23.998 5.366   1.00 126.97 ? 134  GLU B OE1 1 
ATOM   1335 O OE2 . GLU B 1 84 ? 2.554   -23.758 7.557   1.00 129.54 ? 134  GLU B OE2 1 
HETATM 1336 O O1  . PG4 C 2 .  ? -5.531  0.947   -12.423 1.00 69.72  ? 1135 PG4 B O1  1 
HETATM 1337 C C1  . PG4 C 2 .  ? -5.559  -0.008  -11.307 1.00 63.67  ? 1135 PG4 B C1  1 
HETATM 1338 C C2  . PG4 C 2 .  ? -6.891  -0.004  -10.484 1.00 62.50  ? 1135 PG4 B C2  1 
HETATM 1339 O O2  . PG4 C 2 .  ? -6.776  0.284   -9.043  1.00 60.81  ? 1135 PG4 B O2  1 
HETATM 1340 C C3  . PG4 C 2 .  ? -6.170  -0.876  -8.383  1.00 59.93  ? 1135 PG4 B C3  1 
HETATM 1341 C C4  . PG4 C 2 .  ? -6.802  -1.209  -7.015  1.00 59.38  ? 1135 PG4 B C4  1 
HETATM 1342 O O3  . PG4 C 2 .  ? -5.902  -1.941  -6.134  1.00 58.64  ? 1135 PG4 B O3  1 
HETATM 1343 C C5  . PG4 C 2 .  ? -5.238  -3.111  -6.715  1.00 58.26  ? 1135 PG4 B C5  1 
HETATM 1344 C C6  . PG4 C 2 .  ? -4.349  -3.719  -5.607  1.00 58.42  ? 1135 PG4 B C6  1 
HETATM 1345 O O4  . PG4 C 2 .  ? -3.230  -4.523  -6.047  1.00 58.99  ? 1135 PG4 B O4  1 
HETATM 1346 C C7  . PG4 C 2 .  ? -2.416  -4.952  -4.942  1.00 59.89  ? 1135 PG4 B C7  1 
HETATM 1347 C C8  . PG4 C 2 .  ? -1.692  -3.859  -4.094  1.00 60.52  ? 1135 PG4 B C8  1 
HETATM 1348 O O5  . PG4 C 2 .  ? -0.720  -4.323  -3.215  1.00 61.41  ? 1135 PG4 B O5  1 
HETATM 1349 C C1  . GOL D 3 .  ? -4.067  -4.950  -9.205  1.00 62.04  ? 1136 GOL B C1  1 
HETATM 1350 O O1  . GOL D 3 .  ? -3.354  -6.128  -9.691  1.00 61.15  ? 1136 GOL B O1  1 
HETATM 1351 C C2  . GOL D 3 .  ? -4.088  -3.757  -10.198 1.00 62.09  ? 1136 GOL B C2  1 
HETATM 1352 O O2  . GOL D 3 .  ? -5.451  -3.405  -10.452 1.00 64.40  ? 1136 GOL B O2  1 
HETATM 1353 C C3  . GOL D 3 .  ? -3.428  -2.512  -9.561  1.00 61.78  ? 1136 GOL B C3  1 
HETATM 1354 O O3  . GOL D 3 .  ? -2.644  -1.616  -10.384 1.00 56.92  ? 1136 GOL B O3  1 
HETATM 1355 C C1  . GOL E 3 .  ? -3.971  -12.515 14.258  1.00 86.37  ? 1137 GOL B C1  1 
HETATM 1356 O O1  . GOL E 3 .  ? -4.120  -11.687 15.415  1.00 86.49  ? 1137 GOL B O1  1 
HETATM 1357 C C2  . GOL E 3 .  ? -2.670  -12.122 13.565  1.00 86.32  ? 1137 GOL B C2  1 
HETATM 1358 O O2  . GOL E 3 .  ? -2.051  -13.276 12.984  1.00 87.51  ? 1137 GOL B O2  1 
HETATM 1359 C C3  . GOL E 3 .  ? -2.878  -10.958 12.573  1.00 86.31  ? 1137 GOL B C3  1 
HETATM 1360 O O3  . GOL E 3 .  ? -1.676  -10.713 11.833  1.00 84.97  ? 1137 GOL B O3  1 
HETATM 1361 O O   . HOH F 4 .  ? 8.362   12.489  11.457  1.00 46.25  ? 2001 HOH A O   1 
HETATM 1362 O O   . HOH F 4 .  ? 8.105   14.747  7.629   1.00 52.03  ? 2002 HOH A O   1 
HETATM 1363 O O   . HOH F 4 .  ? 4.945   5.774   4.495   1.00 56.90  ? 2003 HOH A O   1 
HETATM 1364 O O   . HOH F 4 .  ? 5.886   3.650   5.833   1.00 48.12  ? 2004 HOH A O   1 
HETATM 1365 O O   . HOH F 4 .  ? 3.479   3.040   8.068   1.00 44.97  ? 2005 HOH A O   1 
HETATM 1366 O O   . HOH F 4 .  ? 13.194  11.327  6.452   1.00 53.74  ? 2006 HOH A O   1 
HETATM 1367 O O   . HOH F 4 .  ? 11.287  4.184   5.130   1.00 27.50  ? 2007 HOH A O   1 
HETATM 1368 O O   . HOH F 4 .  ? 14.002  11.444  -0.875  1.00 49.72  ? 2008 HOH A O   1 
HETATM 1369 O O   . HOH F 4 .  ? 17.386  5.372   -0.370  1.00 49.81  ? 2009 HOH A O   1 
HETATM 1370 O O   . HOH F 4 .  ? 16.579  3.226   1.972   1.00 77.93  ? 2010 HOH A O   1 
HETATM 1371 O O   . HOH F 4 .  ? 18.374  6.258   2.261   1.00 57.57  ? 2011 HOH A O   1 
HETATM 1372 O O   . HOH F 4 .  ? 16.750  4.602   5.652   1.00 48.78  ? 2012 HOH A O   1 
HETATM 1373 O O   . HOH F 4 .  ? 15.485  1.759   -1.866  1.00 35.70  ? 2013 HOH A O   1 
HETATM 1374 O O   . HOH F 4 .  ? 14.390  11.275  -3.645  1.00 37.61  ? 2014 HOH A O   1 
HETATM 1375 O O   . HOH F 4 .  ? 17.153  11.705  -3.257  1.00 63.68  ? 2015 HOH A O   1 
HETATM 1376 O O   . HOH F 4 .  ? 19.242  2.550   -1.187  1.00 61.17  ? 2016 HOH A O   1 
HETATM 1377 O O   . HOH F 4 .  ? 15.389  16.733  -7.808  1.00 82.48  ? 2017 HOH A O   1 
HETATM 1378 O O   . HOH F 4 .  ? 15.665  14.861  -5.841  1.00 51.86  ? 2018 HOH A O   1 
HETATM 1379 O O   . HOH F 4 .  ? 8.245   18.721  -8.542  1.00 40.19  ? 2019 HOH A O   1 
HETATM 1380 O O   . HOH F 4 .  ? 9.546   20.098  -13.514 1.00 56.06  ? 2020 HOH A O   1 
HETATM 1381 O O   . HOH F 4 .  ? 12.573  18.194  -4.675  1.00 55.86  ? 2021 HOH A O   1 
HETATM 1382 O O   . HOH F 4 .  ? 9.180   19.080  -6.257  1.00 44.20  ? 2022 HOH A O   1 
HETATM 1383 O O   . HOH F 4 .  ? 2.367   17.519  -5.186  1.00 39.81  ? 2023 HOH A O   1 
HETATM 1384 O O   . HOH F 4 .  ? 18.978  -0.963  -0.436  1.00 64.00  ? 2024 HOH A O   1 
HETATM 1385 O O   . HOH F 4 .  ? 6.656   16.317  -8.890  1.00 38.12  ? 2025 HOH A O   1 
HETATM 1386 O O   . HOH F 4 .  ? 11.646  19.857  -16.098 1.00 54.95  ? 2026 HOH A O   1 
HETATM 1387 O O   . HOH F 4 .  ? 1.129   17.529  -8.154  1.00 60.13  ? 2027 HOH A O   1 
HETATM 1388 O O   . HOH F 4 .  ? 0.841   15.103  2.017   1.00 46.18  ? 2028 HOH A O   1 
HETATM 1389 O O   . HOH F 4 .  ? -1.110  14.237  3.624   1.00 51.32  ? 2029 HOH A O   1 
HETATM 1390 O O   . HOH F 4 .  ? 0.777   7.752   3.533   1.00 45.44  ? 2030 HOH A O   1 
HETATM 1391 O O   . HOH F 4 .  ? -5.600  11.242  -1.984  1.00 48.58  ? 2031 HOH A O   1 
HETATM 1392 O O   . HOH F 4 .  ? -5.155  12.525  2.342   1.00 58.52  ? 2032 HOH A O   1 
HETATM 1393 O O   . HOH F 4 .  ? -0.637  2.209   1.371   1.00 28.69  ? 2033 HOH A O   1 
HETATM 1394 O O   . HOH F 4 .  ? -3.516  5.598   3.781   1.00 57.18  ? 2034 HOH A O   1 
HETATM 1395 O O   . HOH F 4 .  ? 8.838   4.299   -17.110 1.00 55.02  ? 2035 HOH A O   1 
HETATM 1396 O O   . HOH F 4 .  ? 5.255   0.996   6.005   1.00 37.97  ? 2036 HOH A O   1 
HETATM 1397 O O   . HOH F 4 .  ? 8.584   -4.978  4.694   1.00 58.66  ? 2037 HOH A O   1 
HETATM 1398 O O   . HOH F 4 .  ? 3.943   -6.107  7.790   1.00 74.97  ? 2038 HOH A O   1 
HETATM 1399 O O   . HOH F 4 .  ? 6.228   -6.338  3.852   1.00 63.43  ? 2039 HOH A O   1 
HETATM 1400 O O   . HOH F 4 .  ? 0.013   -7.295  -11.198 1.00 40.65  ? 2040 HOH A O   1 
HETATM 1401 O O   . HOH F 4 .  ? 6.677   -8.036  -9.883  1.00 39.15  ? 2041 HOH A O   1 
HETATM 1402 O O   . HOH F 4 .  ? 8.634   -3.173  -15.271 1.00 52.55  ? 2042 HOH A O   1 
HETATM 1403 O O   . HOH F 4 .  ? 11.712  -6.583  -8.032  1.00 45.43  ? 2043 HOH A O   1 
HETATM 1404 O O   . HOH F 4 .  ? 4.227   -7.442  -12.782 1.00 37.42  ? 2044 HOH A O   1 
HETATM 1405 O O   . HOH F 4 .  ? 3.956   3.768   -15.858 1.00 40.52  ? 2045 HOH A O   1 
HETATM 1406 O O   . HOH F 4 .  ? 6.316   3.036   -15.466 1.00 45.32  ? 2046 HOH A O   1 
HETATM 1407 O O   . HOH F 4 .  ? -3.304  3.350   -14.019 1.00 55.08  ? 2047 HOH A O   1 
HETATM 1408 O O   . HOH F 4 .  ? -2.527  -4.644  -12.879 1.00 66.22  ? 2048 HOH A O   1 
HETATM 1409 O O   . HOH F 4 .  ? -3.446  3.247   -9.587  1.00 37.99  ? 2049 HOH A O   1 
HETATM 1410 O O   . HOH F 4 .  ? -6.525  8.459   -17.200 1.00 60.87  ? 2050 HOH A O   1 
HETATM 1411 O O   . HOH F 4 .  ? -6.469  14.826  -15.075 1.00 48.22  ? 2051 HOH A O   1 
HETATM 1412 O O   . HOH F 4 .  ? -6.732  8.707   -3.328  1.00 39.90  ? 2052 HOH A O   1 
HETATM 1413 O O   . HOH F 4 .  ? 1.777   18.529  -13.813 1.00 53.42  ? 2053 HOH A O   1 
HETATM 1414 O O   . HOH F 4 .  ? 4.058   17.772  -9.612  1.00 47.92  ? 2054 HOH A O   1 
HETATM 1415 O O   . HOH F 4 .  ? 5.057   12.806  -17.120 1.00 68.11  ? 2055 HOH A O   1 
HETATM 1416 O O   . HOH F 4 .  ? 8.004   9.492   -19.270 1.00 54.97  ? 2056 HOH A O   1 
HETATM 1417 O O   . HOH F 4 .  ? 11.765  1.415   -20.016 1.00 40.93  ? 2057 HOH A O   1 
HETATM 1418 O O   . HOH F 4 .  ? 13.748  1.493   -12.847 1.00 29.46  ? 2058 HOH A O   1 
HETATM 1419 O O   . HOH F 4 .  ? 11.194  0.741   -14.606 1.00 42.46  ? 2059 HOH A O   1 
HETATM 1420 O O   . HOH F 4 .  ? 14.062  -6.657  -6.553  1.00 46.61  ? 2060 HOH A O   1 
HETATM 1421 O O   . HOH F 4 .  ? 19.342  -3.262  -2.711  1.00 53.52  ? 2061 HOH A O   1 
HETATM 1422 O O   . HOH F 4 .  ? 16.447  -0.119  -0.011  1.00 47.73  ? 2062 HOH A O   1 
HETATM 1423 O O   . HOH F 4 .  ? 15.018  1.568   3.430   1.00 48.41  ? 2063 HOH A O   1 
HETATM 1424 O O   . HOH F 4 .  ? 10.514  -8.726  -0.844  1.00 61.08  ? 2064 HOH A O   1 
HETATM 1425 O O   . HOH F 4 .  ? 20.159  -4.216  5.182   1.00 53.21  ? 2065 HOH A O   1 
HETATM 1426 O O   . HOH F 4 .  ? 12.426  -3.478  7.255   1.00 60.27  ? 2066 HOH A O   1 
HETATM 1427 O O   . HOH F 4 .  ? 17.724  -18.722 6.859   1.00 85.11  ? 2067 HOH A O   1 
HETATM 1428 O O   . HOH G 4 .  ? -3.908  -1.098  11.192  1.00 54.56  ? 2001 HOH B O   1 
HETATM 1429 O O   . HOH G 4 .  ? 1.432   -4.946  9.596   1.00 46.85  ? 2002 HOH B O   1 
HETATM 1430 O O   . HOH G 4 .  ? 0.287   -7.928  7.140   1.00 38.61  ? 2003 HOH B O   1 
HETATM 1431 O O   . HOH G 4 .  ? -3.141  0.907   8.760   1.00 46.01  ? 2004 HOH B O   1 
HETATM 1432 O O   . HOH G 4 .  ? -0.105  2.750   7.946   1.00 44.06  ? 2005 HOH B O   1 
HETATM 1433 O O   . HOH G 4 .  ? -0.677  1.342   10.220  1.00 47.26  ? 2006 HOH B O   1 
HETATM 1434 O O   . HOH G 4 .  ? -3.141  4.894   8.573   1.00 55.23  ? 2007 HOH B O   1 
HETATM 1435 O O   . HOH G 4 .  ? -12.221 5.266   5.126   1.00 52.10  ? 2008 HOH B O   1 
HETATM 1436 O O   . HOH G 4 .  ? -6.540  6.473   10.855  1.00 45.68  ? 2009 HOH B O   1 
HETATM 1437 O O   . HOH G 4 .  ? -10.600 7.378   8.815   1.00 51.29  ? 2010 HOH B O   1 
HETATM 1438 O O   . HOH G 4 .  ? -7.139  7.913   13.581  1.00 63.62  ? 2011 HOH B O   1 
HETATM 1439 O O   . HOH G 4 .  ? -15.492 -8.525  12.518  1.00 70.24  ? 2012 HOH B O   1 
HETATM 1440 O O   . HOH G 4 .  ? -22.594 -5.021  8.338   1.00 56.09  ? 2013 HOH B O   1 
HETATM 1441 O O   . HOH G 4 .  ? -21.833 -5.925  12.854  1.00 50.14  ? 2014 HOH B O   1 
HETATM 1442 O O   . HOH G 4 .  ? -14.064 -14.487 -7.801  1.00 51.03  ? 2015 HOH B O   1 
HETATM 1443 O O   . HOH G 4 .  ? -7.064  -11.866 -10.097 1.00 52.94  ? 2016 HOH B O   1 
HETATM 1444 O O   . HOH G 4 .  ? -0.502  -13.827 -2.316  1.00 57.50  ? 2017 HOH B O   1 
HETATM 1445 O O   . HOH G 4 .  ? -15.072 -13.002 8.089   1.00 39.58  ? 2018 HOH B O   1 
HETATM 1446 O O   . HOH G 4 .  ? -11.875 -15.793 -7.290  1.00 47.02  ? 2019 HOH B O   1 
HETATM 1447 O O   . HOH G 4 .  ? -7.711  -13.833 -8.109  1.00 42.68  ? 2020 HOH B O   1 
HETATM 1448 O O   . HOH G 4 .  ? -5.314  -15.220 -5.509  1.00 43.90  ? 2021 HOH B O   1 
HETATM 1449 O O   . HOH G 4 .  ? -4.941  -8.113  -8.065  1.00 53.48  ? 2022 HOH B O   1 
HETATM 1450 O O   . HOH G 4 .  ? -2.960  -12.459 -1.908  1.00 51.62  ? 2023 HOH B O   1 
HETATM 1451 O O   . HOH G 4 .  ? -7.314  -9.499  -8.857  1.00 53.13  ? 2024 HOH B O   1 
HETATM 1452 O O   . HOH G 4 .  ? -9.690  -7.743  -10.689 1.00 83.43  ? 2025 HOH B O   1 
HETATM 1453 O O   . HOH G 4 .  ? -11.501 -3.057  -6.341  1.00 63.21  ? 2026 HOH B O   1 
HETATM 1454 O O   . HOH G 4 .  ? -8.879  -3.246  -5.667  1.00 57.04  ? 2027 HOH B O   1 
HETATM 1455 O O   . HOH G 4 .  ? -18.111 -6.536  -5.648  1.00 60.00  ? 2028 HOH B O   1 
HETATM 1456 O O   . HOH G 4 .  ? -15.454 -12.437 -8.443  1.00 45.41  ? 2029 HOH B O   1 
HETATM 1457 O O   . HOH G 4 .  ? -18.378 -8.254  -1.977  1.00 53.74  ? 2030 HOH B O   1 
HETATM 1458 O O   . HOH G 4 .  ? -22.765 -6.635  6.147   1.00 53.14  ? 2031 HOH B O   1 
HETATM 1459 O O   . HOH G 4 .  ? 1.469   -13.539 -0.702  1.00 48.68  ? 2032 HOH B O   1 
HETATM 1460 O O   . HOH G 4 .  ? 5.591   -11.373 4.883   1.00 52.30  ? 2033 HOH B O   1 
HETATM 1461 O O   . HOH G 4 .  ? 2.121   -9.567  8.279   1.00 62.71  ? 2034 HOH B O   1 
HETATM 1462 O O   . HOH G 4 .  ? 8.806   -7.791  2.059   1.00 57.89  ? 2035 HOH B O   1 
# 
